data_6X1X
# 
_entry.id   6X1X 
# 
_audit_conform.dict_name       mmcif_pdbx.dic 
_audit_conform.dict_version    5.380 
_audit_conform.dict_location   http://mmcif.pdb.org/dictionaries/ascii/mmcif_pdbx.dic 
# 
loop_
_database_2.database_id 
_database_2.database_code 
_database_2.pdbx_database_accession 
_database_2.pdbx_DOI 
PDB   6X1X         pdb_00006x1x 10.2210/pdb6x1x/pdb 
WWPDB D_1000249422 ?            ?                   
# 
_pdbx_database_status.status_code                     REL 
_pdbx_database_status.status_code_sf                  REL 
_pdbx_database_status.status_code_mr                  ? 
_pdbx_database_status.entry_id                        6X1X 
_pdbx_database_status.recvd_initial_deposition_date   2020-05-19 
_pdbx_database_status.SG_entry                        N 
_pdbx_database_status.deposit_site                    RCSB 
_pdbx_database_status.process_site                    RCSB 
_pdbx_database_status.status_code_cs                  ? 
_pdbx_database_status.status_code_nmr_data            ? 
_pdbx_database_status.methods_development_category    ? 
_pdbx_database_status.pdb_format_compatible           Y 
# 
loop_
_audit_author.name 
_audit_author.pdbx_ordinal 
_audit_author.identifier_ORCID 
'Gao, M.'       1 0000-0003-2902-7517 
'Amacher, J.F.' 2 0000-0002-3646-7521 
# 
_citation.abstract                  ? 
_citation.abstract_id_CAS           ? 
_citation.book_id_ISBN              ? 
_citation.book_publisher            ? 
_citation.book_publisher_city       ? 
_citation.book_title                ? 
_citation.coordinate_linkage        ? 
_citation.country                   US 
_citation.database_id_Medline       ? 
_citation.details                   ? 
_citation.id                        primary 
_citation.journal_abbrev            'Protein Sci.' 
_citation.journal_id_ASTM           PRCIEI 
_citation.journal_id_CSD            0795 
_citation.journal_id_ISSN           1469-896X 
_citation.journal_full              ? 
_citation.journal_issue             ? 
_citation.journal_volume            29 
_citation.language                  ? 
_citation.page_first                2226 
_citation.page_last                 2244 
_citation.title                     
'Structural characterization and computational analysis of PDZ domains in Monosiga brevicollis.' 
_citation.year                      2020 
_citation.database_id_CSD           ? 
_citation.pdbx_database_id_DOI      10.1002/pro.3947 
_citation.pdbx_database_id_PubMed   32914530 
_citation.unpublished_flag          ? 
# 
loop_
_citation_author.citation_id 
_citation_author.name 
_citation_author.ordinal 
_citation_author.identifier_ORCID 
primary 'Gao, M.'            1  ?                   
primary 'Mackley, I.G.P.'    2  ?                   
primary 'Mesbahi-Vasey, S.'  3  ?                   
primary 'Bamonte, H.A.'      4  ?                   
primary 'Struyvenberg, S.A.' 5  ?                   
primary 'Landolt, L.'        6  ?                   
primary 'Pederson, N.J.'     7  ?                   
primary 'Williams, L.I.'     8  ?                   
primary 'Bahl, C.D.'         9  0000-0002-3652-3693 
primary 'Brooks 3rd, L.'     10 ?                   
primary 'Amacher, J.F.'      11 0000-0002-3646-7521 
# 
_cell.angle_alpha                  90.000 
_cell.angle_alpha_esd              ? 
_cell.angle_beta                   90.000 
_cell.angle_beta_esd               ? 
_cell.angle_gamma                  90.000 
_cell.angle_gamma_esd              ? 
_cell.entry_id                     6X1X 
_cell.details                      ? 
_cell.formula_units_Z              ? 
_cell.length_a                     29.709 
_cell.length_a_esd                 ? 
_cell.length_b                     35.301 
_cell.length_b_esd                 ? 
_cell.length_c                     82.773 
_cell.length_c_esd                 ? 
_cell.volume                       ? 
_cell.volume_esd                   ? 
_cell.Z_PDB                        4 
_cell.reciprocal_angle_alpha       ? 
_cell.reciprocal_angle_beta        ? 
_cell.reciprocal_angle_gamma       ? 
_cell.reciprocal_angle_alpha_esd   ? 
_cell.reciprocal_angle_beta_esd    ? 
_cell.reciprocal_angle_gamma_esd   ? 
_cell.reciprocal_length_a          ? 
_cell.reciprocal_length_b          ? 
_cell.reciprocal_length_c          ? 
_cell.reciprocal_length_a_esd      ? 
_cell.reciprocal_length_b_esd      ? 
_cell.reciprocal_length_c_esd      ? 
_cell.pdbx_unique_axis             ? 
# 
_symmetry.entry_id                         6X1X 
_symmetry.cell_setting                     ? 
_symmetry.Int_Tables_number                19 
_symmetry.space_group_name_Hall            ? 
_symmetry.space_group_name_H-M             'P 21 21 21' 
_symmetry.pdbx_full_space_group_name_H-M   ? 
# 
loop_
_entity.id 
_entity.type 
_entity.src_method 
_entity.pdbx_description 
_entity.formula_weight 
_entity.pdbx_number_of_molecules 
_entity.pdbx_ec 
_entity.pdbx_mutation 
_entity.pdbx_fragment 
_entity.details 
1 polymer     man 'mbGIPC protein' 10406.070 1   ? ? 'PDZ domain (UNP residues 94-187)' ? 
2 non-polymer syn GLYCEROL         92.094    1   ? ? ?                                  ? 
3 water       nat water            18.015    189 ? ? ?                                  ? 
# 
_entity_poly.entity_id                      1 
_entity_poly.type                           'polypeptide(L)' 
_entity_poly.nstd_linkage                   no 
_entity_poly.nstd_monomer                   no 
_entity_poly.pdbx_seq_one_letter_code       
;GPKGTEKTVKVIKDGPALGLTISDNGAGYAFIKKIREDSIMSRVANVAVGDHIAKINGTDLNGCRHFEVARMLKEIPIGS
EFTMICVEPKKSFDEI
;
_entity_poly.pdbx_seq_one_letter_code_can   
;GPKGTEKTVKVIKDGPALGLTISDNGAGYAFIKKIREDSIMSRVANVAVGDHIAKINGTDLNGCRHFEVARMLKEIPIGS
EFTMICVEPKKSFDEI
;
_entity_poly.pdbx_strand_id                 A 
_entity_poly.pdbx_target_identifier         ? 
# 
loop_
_entity_poly_seq.entity_id 
_entity_poly_seq.num 
_entity_poly_seq.mon_id 
_entity_poly_seq.hetero 
1 1  GLY n 
1 2  PRO n 
1 3  LYS n 
1 4  GLY n 
1 5  THR n 
1 6  GLU n 
1 7  LYS n 
1 8  THR n 
1 9  VAL n 
1 10 LYS n 
1 11 VAL n 
1 12 ILE n 
1 13 LYS n 
1 14 ASP n 
1 15 GLY n 
1 16 PRO n 
1 17 ALA n 
1 18 LEU n 
1 19 GLY n 
1 20 LEU n 
1 21 THR n 
1 22 ILE n 
1 23 SER n 
1 24 ASP n 
1 25 ASN n 
1 26 GLY n 
1 27 ALA n 
1 28 GLY n 
1 29 TYR n 
1 30 ALA n 
1 31 PHE n 
1 32 ILE n 
1 33 LYS n 
1 34 LYS n 
1 35 ILE n 
1 36 ARG n 
1 37 GLU n 
1 38 ASP n 
1 39 SER n 
1 40 ILE n 
1 41 MET n 
1 42 SER n 
1 43 ARG n 
1 44 VAL n 
1 45 ALA n 
1 46 ASN n 
1 47 VAL n 
1 48 ALA n 
1 49 VAL n 
1 50 GLY n 
1 51 ASP n 
1 52 HIS n 
1 53 ILE n 
1 54 ALA n 
1 55 LYS n 
1 56 ILE n 
1 57 ASN n 
1 58 GLY n 
1 59 THR n 
1 60 ASP n 
1 61 LEU n 
1 62 ASN n 
1 63 GLY n 
1 64 CYS n 
1 65 ARG n 
1 66 HIS n 
1 67 PHE n 
1 68 GLU n 
1 69 VAL n 
1 70 ALA n 
1 71 ARG n 
1 72 MET n 
1 73 LEU n 
1 74 LYS n 
1 75 GLU n 
1 76 ILE n 
1 77 PRO n 
1 78 ILE n 
1 79 GLY n 
1 80 SER n 
1 81 GLU n 
1 82 PHE n 
1 83 THR n 
1 84 MET n 
1 85 ILE n 
1 86 CYS n 
1 87 VAL n 
1 88 GLU n 
1 89 PRO n 
1 90 LYS n 
1 91 LYS n 
1 92 SER n 
1 93 PHE n 
1 94 ASP n 
1 95 GLU n 
1 96 ILE n 
# 
_entity_src_gen.entity_id                          1 
_entity_src_gen.pdbx_src_id                        1 
_entity_src_gen.pdbx_alt_source_flag               sample 
_entity_src_gen.pdbx_seq_type                      'Biological sequence' 
_entity_src_gen.pdbx_beg_seq_num                   1 
_entity_src_gen.pdbx_end_seq_num                   96 
_entity_src_gen.gene_src_common_name               Choanoflagellate 
_entity_src_gen.gene_src_genus                     ? 
_entity_src_gen.pdbx_gene_src_gene                 39217 
_entity_src_gen.gene_src_species                   ? 
_entity_src_gen.gene_src_strain                    ? 
_entity_src_gen.gene_src_tissue                    ? 
_entity_src_gen.gene_src_tissue_fraction           ? 
_entity_src_gen.gene_src_details                   ? 
_entity_src_gen.pdbx_gene_src_fragment             ? 
_entity_src_gen.pdbx_gene_src_scientific_name      'Monosiga brevicollis' 
_entity_src_gen.pdbx_gene_src_ncbi_taxonomy_id     81824 
_entity_src_gen.pdbx_gene_src_variant              ? 
_entity_src_gen.pdbx_gene_src_cell_line            ? 
_entity_src_gen.pdbx_gene_src_atcc                 ? 
_entity_src_gen.pdbx_gene_src_organ                ? 
_entity_src_gen.pdbx_gene_src_organelle            ? 
_entity_src_gen.pdbx_gene_src_cell                 ? 
_entity_src_gen.pdbx_gene_src_cellular_location    ? 
_entity_src_gen.host_org_common_name               ? 
_entity_src_gen.pdbx_host_org_scientific_name      'Escherichia coli BL21(DE3)' 
_entity_src_gen.pdbx_host_org_ncbi_taxonomy_id     469008 
_entity_src_gen.host_org_genus                     ? 
_entity_src_gen.pdbx_host_org_gene                 ? 
_entity_src_gen.pdbx_host_org_organ                ? 
_entity_src_gen.host_org_species                   ? 
_entity_src_gen.pdbx_host_org_tissue               ? 
_entity_src_gen.pdbx_host_org_tissue_fraction      ? 
_entity_src_gen.pdbx_host_org_strain               ? 
_entity_src_gen.pdbx_host_org_variant              ? 
_entity_src_gen.pdbx_host_org_cell_line            ? 
_entity_src_gen.pdbx_host_org_atcc                 ? 
_entity_src_gen.pdbx_host_org_culture_collection   ? 
_entity_src_gen.pdbx_host_org_cell                 ? 
_entity_src_gen.pdbx_host_org_organelle            ? 
_entity_src_gen.pdbx_host_org_cellular_location    ? 
_entity_src_gen.pdbx_host_org_vector_type          plasmid 
_entity_src_gen.pdbx_host_org_vector               ? 
_entity_src_gen.host_org_details                   ? 
_entity_src_gen.expression_system_id               ? 
_entity_src_gen.plasmid_name                       pET28a+ 
_entity_src_gen.plasmid_details                    ? 
_entity_src_gen.pdbx_description                   ? 
# 
_struct_ref.id                         1 
_struct_ref.db_name                    UNP 
_struct_ref.db_code                    A9VCZ3_MONBE 
_struct_ref.pdbx_db_accession          A9VCZ3 
_struct_ref.pdbx_db_isoform            ? 
_struct_ref.entity_id                  1 
_struct_ref.pdbx_seq_one_letter_code   
;KGTEKTVKVIKDGPALGLTISDNGAGYAFIKKIREDSIMSRVANVAVGDHIAKINGTDLNGCRHFEVARMLKEIPIGSEF
TMICVEPKKSFDEI
;
_struct_ref.pdbx_align_begin           94 
# 
_struct_ref_seq.align_id                      1 
_struct_ref_seq.ref_id                        1 
_struct_ref_seq.pdbx_PDB_id_code              6X1X 
_struct_ref_seq.pdbx_strand_id                A 
_struct_ref_seq.seq_align_beg                 3 
_struct_ref_seq.pdbx_seq_align_beg_ins_code   ? 
_struct_ref_seq.seq_align_end                 96 
_struct_ref_seq.pdbx_seq_align_end_ins_code   ? 
_struct_ref_seq.pdbx_db_accession             A9VCZ3 
_struct_ref_seq.db_align_beg                  94 
_struct_ref_seq.pdbx_db_align_beg_ins_code    ? 
_struct_ref_seq.db_align_end                  187 
_struct_ref_seq.pdbx_db_align_end_ins_code    ? 
_struct_ref_seq.pdbx_auth_seq_align_beg       94 
_struct_ref_seq.pdbx_auth_seq_align_end       187 
# 
loop_
_struct_ref_seq_dif.align_id 
_struct_ref_seq_dif.pdbx_pdb_id_code 
_struct_ref_seq_dif.mon_id 
_struct_ref_seq_dif.pdbx_pdb_strand_id 
_struct_ref_seq_dif.seq_num 
_struct_ref_seq_dif.pdbx_pdb_ins_code 
_struct_ref_seq_dif.pdbx_seq_db_name 
_struct_ref_seq_dif.pdbx_seq_db_accession_code 
_struct_ref_seq_dif.db_mon_id 
_struct_ref_seq_dif.pdbx_seq_db_seq_num 
_struct_ref_seq_dif.details 
_struct_ref_seq_dif.pdbx_auth_seq_num 
_struct_ref_seq_dif.pdbx_ordinal 
1 6X1X GLY A 1 ? UNP A9VCZ3 ? ? 'expression tag' 92 1 
1 6X1X PRO A 2 ? UNP A9VCZ3 ? ? 'expression tag' 93 2 
# 
loop_
_chem_comp.id 
_chem_comp.type 
_chem_comp.mon_nstd_flag 
_chem_comp.name 
_chem_comp.pdbx_synonyms 
_chem_comp.formula 
_chem_comp.formula_weight 
ALA 'L-peptide linking' y ALANINE         ?                               'C3 H7 N O2'     89.093  
ARG 'L-peptide linking' y ARGININE        ?                               'C6 H15 N4 O2 1' 175.209 
ASN 'L-peptide linking' y ASPARAGINE      ?                               'C4 H8 N2 O3'    132.118 
ASP 'L-peptide linking' y 'ASPARTIC ACID' ?                               'C4 H7 N O4'     133.103 
CYS 'L-peptide linking' y CYSTEINE        ?                               'C3 H7 N O2 S'   121.158 
GLU 'L-peptide linking' y 'GLUTAMIC ACID' ?                               'C5 H9 N O4'     147.129 
GLY 'peptide linking'   y GLYCINE         ?                               'C2 H5 N O2'     75.067  
GOL non-polymer         . GLYCEROL        'GLYCERIN; PROPANE-1,2,3-TRIOL' 'C3 H8 O3'       92.094  
HIS 'L-peptide linking' y HISTIDINE       ?                               'C6 H10 N3 O2 1' 156.162 
HOH non-polymer         . WATER           ?                               'H2 O'           18.015  
ILE 'L-peptide linking' y ISOLEUCINE      ?                               'C6 H13 N O2'    131.173 
LEU 'L-peptide linking' y LEUCINE         ?                               'C6 H13 N O2'    131.173 
LYS 'L-peptide linking' y LYSINE          ?                               'C6 H15 N2 O2 1' 147.195 
MET 'L-peptide linking' y METHIONINE      ?                               'C5 H11 N O2 S'  149.211 
PHE 'L-peptide linking' y PHENYLALANINE   ?                               'C9 H11 N O2'    165.189 
PRO 'L-peptide linking' y PROLINE         ?                               'C5 H9 N O2'     115.130 
SER 'L-peptide linking' y SERINE          ?                               'C3 H7 N O3'     105.093 
THR 'L-peptide linking' y THREONINE       ?                               'C4 H9 N O3'     119.119 
TYR 'L-peptide linking' y TYROSINE        ?                               'C9 H11 N O3'    181.189 
VAL 'L-peptide linking' y VALINE          ?                               'C5 H11 N O2'    117.146 
# 
_exptl.absorpt_coefficient_mu     ? 
_exptl.absorpt_correction_T_max   ? 
_exptl.absorpt_correction_T_min   ? 
_exptl.absorpt_correction_type    ? 
_exptl.absorpt_process_details    ? 
_exptl.entry_id                   6X1X 
_exptl.crystals_number            1 
_exptl.details                    ? 
_exptl.method                     'X-RAY DIFFRACTION' 
_exptl.method_details             ? 
# 
_exptl_crystal.colour                      ? 
_exptl_crystal.density_diffrn              ? 
_exptl_crystal.density_Matthews            2.06 
_exptl_crystal.density_method              ? 
_exptl_crystal.density_percent_sol         40.39 
_exptl_crystal.description                 ? 
_exptl_crystal.F_000                       ? 
_exptl_crystal.id                          1 
_exptl_crystal.preparation                 ? 
_exptl_crystal.size_max                    ? 
_exptl_crystal.size_mid                    ? 
_exptl_crystal.size_min                    ? 
_exptl_crystal.size_rad                    ? 
_exptl_crystal.colour_lustre               ? 
_exptl_crystal.colour_modifier             ? 
_exptl_crystal.colour_primary              ? 
_exptl_crystal.density_meas                ? 
_exptl_crystal.density_meas_esd            ? 
_exptl_crystal.density_meas_gt             ? 
_exptl_crystal.density_meas_lt             ? 
_exptl_crystal.density_meas_temp           ? 
_exptl_crystal.density_meas_temp_esd       ? 
_exptl_crystal.density_meas_temp_gt        ? 
_exptl_crystal.density_meas_temp_lt        ? 
_exptl_crystal.pdbx_crystal_image_url      ? 
_exptl_crystal.pdbx_crystal_image_format   ? 
_exptl_crystal.pdbx_mosaicity              ? 
_exptl_crystal.pdbx_mosaicity_esd          ? 
# 
_exptl_crystal_grow.apparatus       ? 
_exptl_crystal_grow.atmosphere      ? 
_exptl_crystal_grow.crystal_id      1 
_exptl_crystal_grow.details         ? 
_exptl_crystal_grow.method          'VAPOR DIFFUSION, HANGING DROP' 
_exptl_crystal_grow.method_ref      ? 
_exptl_crystal_grow.pH              7 
_exptl_crystal_grow.pressure        ? 
_exptl_crystal_grow.pressure_esd    ? 
_exptl_crystal_grow.seeding         ? 
_exptl_crystal_grow.seeding_ref     ? 
_exptl_crystal_grow.temp            298 
_exptl_crystal_grow.temp_details    ? 
_exptl_crystal_grow.temp_esd        ? 
_exptl_crystal_grow.time            ? 
_exptl_crystal_grow.pdbx_details    '0.1 M ammonium tartrate dibasic, pH 7.0, 12% w/v PEG3350' 
_exptl_crystal_grow.pdbx_pH_range   ? 
# 
_diffrn.ambient_environment              ? 
_diffrn.ambient_temp                     80 
_diffrn.ambient_temp_details             ? 
_diffrn.ambient_temp_esd                 ? 
_diffrn.crystal_id                       1 
_diffrn.crystal_support                  ? 
_diffrn.crystal_treatment                ? 
_diffrn.details                          ? 
_diffrn.id                               1 
_diffrn.ambient_pressure                 ? 
_diffrn.ambient_pressure_esd             ? 
_diffrn.ambient_pressure_gt              ? 
_diffrn.ambient_pressure_lt              ? 
_diffrn.ambient_temp_gt                  ? 
_diffrn.ambient_temp_lt                  ? 
_diffrn.pdbx_serial_crystal_experiment   N 
# 
_diffrn_detector.details                      ? 
_diffrn_detector.detector                     PIXEL 
_diffrn_detector.diffrn_id                    1 
_diffrn_detector.type                         'DECTRIS PILATUS3 6M' 
_diffrn_detector.area_resol_mean              ? 
_diffrn_detector.dtime                        ? 
_diffrn_detector.pdbx_frames_total            ? 
_diffrn_detector.pdbx_collection_time_total   ? 
_diffrn_detector.pdbx_collection_date         2019-05-10 
_diffrn_detector.pdbx_frequency               ? 
# 
_diffrn_radiation.collimation                      ? 
_diffrn_radiation.diffrn_id                        1 
_diffrn_radiation.filter_edge                      ? 
_diffrn_radiation.inhomogeneity                    ? 
_diffrn_radiation.monochromator                    'Si(220)' 
_diffrn_radiation.polarisn_norm                    ? 
_diffrn_radiation.polarisn_ratio                   ? 
_diffrn_radiation.probe                            ? 
_diffrn_radiation.type                             ? 
_diffrn_radiation.xray_symbol                      ? 
_diffrn_radiation.wavelength_id                    1 
_diffrn_radiation.pdbx_monochromatic_or_laue_m_l   M 
_diffrn_radiation.pdbx_wavelength_list             ? 
_diffrn_radiation.pdbx_wavelength                  ? 
_diffrn_radiation.pdbx_diffrn_protocol             'SINGLE WAVELENGTH' 
_diffrn_radiation.pdbx_analyzer                    ? 
_diffrn_radiation.pdbx_scattering_type             x-ray 
# 
_diffrn_radiation_wavelength.id           1 
_diffrn_radiation_wavelength.wavelength   0.977410 
_diffrn_radiation_wavelength.wt           1.0 
# 
_diffrn_source.current                     ? 
_diffrn_source.details                     ? 
_diffrn_source.diffrn_id                   1 
_diffrn_source.power                       ? 
_diffrn_source.size                        ? 
_diffrn_source.source                      SYNCHROTRON 
_diffrn_source.target                      ? 
_diffrn_source.type                        'ALS BEAMLINE 5.0.1' 
_diffrn_source.voltage                     ? 
_diffrn_source.take-off_angle              ? 
_diffrn_source.pdbx_wavelength_list        0.977410 
_diffrn_source.pdbx_wavelength             ? 
_diffrn_source.pdbx_synchrotron_beamline   5.0.1 
_diffrn_source.pdbx_synchrotron_site       ALS 
# 
_reflns.B_iso_Wilson_estimate            12.3 
_reflns.entry_id                         6X1X 
_reflns.data_reduction_details           ? 
_reflns.data_reduction_method            ? 
_reflns.d_resolution_high                1.198 
_reflns.d_resolution_low                 41.386 
_reflns.details                          ? 
_reflns.limit_h_max                      ? 
_reflns.limit_h_min                      ? 
_reflns.limit_k_max                      ? 
_reflns.limit_k_min                      ? 
_reflns.limit_l_max                      ? 
_reflns.limit_l_min                      ? 
_reflns.number_all                       ? 
_reflns.number_obs                       28166 
_reflns.observed_criterion               ? 
_reflns.observed_criterion_F_max         ? 
_reflns.observed_criterion_F_min         ? 
_reflns.observed_criterion_I_max         ? 
_reflns.observed_criterion_I_min         ? 
_reflns.observed_criterion_sigma_F       ? 
_reflns.observed_criterion_sigma_I       ? 
_reflns.percent_possible_obs             91.4 
_reflns.R_free_details                   ? 
_reflns.Rmerge_F_all                     ? 
_reflns.Rmerge_F_obs                     ? 
_reflns.Friedel_coverage                 ? 
_reflns.number_gt                        ? 
_reflns.threshold_expression             ? 
_reflns.pdbx_redundancy                  5.34 
_reflns.pdbx_Rmerge_I_obs                ? 
_reflns.pdbx_Rmerge_I_all                ? 
_reflns.pdbx_Rsym_value                  0.914 
_reflns.pdbx_netI_over_av_sigmaI         ? 
_reflns.pdbx_netI_over_sigmaI            31.90 
_reflns.pdbx_res_netI_over_av_sigmaI_2   ? 
_reflns.pdbx_res_netI_over_sigmaI_2      ? 
_reflns.pdbx_chi_squared                 ? 
_reflns.pdbx_scaling_rejects             ? 
_reflns.pdbx_d_res_high_opt              ? 
_reflns.pdbx_d_res_low_opt               ? 
_reflns.pdbx_d_res_opt_method            ? 
_reflns.phase_calculation_details        ? 
_reflns.pdbx_Rrim_I_all                  ? 
_reflns.pdbx_Rpim_I_all                  ? 
_reflns.pdbx_d_opt                       ? 
_reflns.pdbx_number_measured_all         ? 
_reflns.pdbx_diffrn_id                   1 
_reflns.pdbx_ordinal                     1 
_reflns.pdbx_CC_half                     1.000 
_reflns.pdbx_CC_star                     ? 
_reflns.pdbx_R_split                     ? 
# 
loop_
_reflns_shell.d_res_high 
_reflns_shell.d_res_low 
_reflns_shell.meanI_over_sigI_all 
_reflns_shell.meanI_over_sigI_obs 
_reflns_shell.number_measured_all 
_reflns_shell.number_measured_obs 
_reflns_shell.number_possible 
_reflns_shell.number_unique_all 
_reflns_shell.number_unique_obs 
_reflns_shell.percent_possible_all 
_reflns_shell.percent_possible_obs 
_reflns_shell.Rmerge_F_all 
_reflns_shell.Rmerge_F_obs 
_reflns_shell.Rmerge_I_all 
_reflns_shell.Rmerge_I_obs 
_reflns_shell.meanI_over_sigI_gt 
_reflns_shell.meanI_over_uI_all 
_reflns_shell.meanI_over_uI_gt 
_reflns_shell.number_measured_gt 
_reflns_shell.number_unique_gt 
_reflns_shell.percent_possible_gt 
_reflns_shell.Rmerge_F_gt 
_reflns_shell.Rmerge_I_gt 
_reflns_shell.pdbx_redundancy 
_reflns_shell.pdbx_Rsym_value 
_reflns_shell.pdbx_chi_squared 
_reflns_shell.pdbx_netI_over_sigmaI_all 
_reflns_shell.pdbx_netI_over_sigmaI_obs 
_reflns_shell.pdbx_Rrim_I_all 
_reflns_shell.pdbx_Rpim_I_all 
_reflns_shell.pdbx_rejects 
_reflns_shell.pdbx_ordinal 
_reflns_shell.pdbx_diffrn_id 
_reflns_shell.pdbx_CC_half 
_reflns_shell.pdbx_CC_star 
_reflns_shell.pdbx_R_split 
1.200 1.27 ? 5.15 ? ? ? ? 4522 52.9 ? ? ? ? ? ? ? ? ? ? ? ? ? 1.63 0.115 ? ? ? ? ? ? 1 1 0.973 ? ? 
1.27  1.36 ? 8.75 ? ? ? ? 7604 93.8 ? ? ? ? ? ? ? ? ? ? ? ? ? 2.86 0.093 ? ? ? ? ? ? 2 1 0.987 ? ? 
# 
_refine.aniso_B[1][1]                            ? 
_refine.aniso_B[1][2]                            ? 
_refine.aniso_B[1][3]                            ? 
_refine.aniso_B[2][2]                            ? 
_refine.aniso_B[2][3]                            ? 
_refine.aniso_B[3][3]                            ? 
_refine.B_iso_max                                45.640 
_refine.B_iso_mean                               12.3730 
_refine.B_iso_min                                3.910 
_refine.correlation_coeff_Fo_to_Fc               ? 
_refine.correlation_coeff_Fo_to_Fc_free          ? 
_refine.details                                  ? 
_refine.diff_density_max                         ? 
_refine.diff_density_max_esd                     ? 
_refine.diff_density_min                         ? 
_refine.diff_density_min_esd                     ? 
_refine.diff_density_rms                         ? 
_refine.diff_density_rms_esd                     ? 
_refine.entry_id                                 6X1X 
_refine.pdbx_refine_id                           'X-RAY DIFFRACTION' 
_refine.ls_abs_structure_details                 ? 
_refine.ls_abs_structure_Flack                   ? 
_refine.ls_abs_structure_Flack_esd               ? 
_refine.ls_abs_structure_Rogers                  ? 
_refine.ls_abs_structure_Rogers_esd              ? 
_refine.ls_d_res_high                            1.1980 
_refine.ls_d_res_low                             41.3860 
_refine.ls_extinction_coef                       ? 
_refine.ls_extinction_coef_esd                   ? 
_refine.ls_extinction_expression                 ? 
_refine.ls_extinction_method                     ? 
_refine.ls_goodness_of_fit_all                   ? 
_refine.ls_goodness_of_fit_all_esd               ? 
_refine.ls_goodness_of_fit_obs                   ? 
_refine.ls_goodness_of_fit_obs_esd               ? 
_refine.ls_hydrogen_treatment                    ? 
_refine.ls_matrix_type                           ? 
_refine.ls_number_constraints                    ? 
_refine.ls_number_parameters                     ? 
_refine.ls_number_reflns_all                     ? 
_refine.ls_number_reflns_obs                     27011 
_refine.ls_number_reflns_R_free                  1335 
_refine.ls_number_reflns_R_work                  25676 
_refine.ls_number_restraints                     ? 
_refine.ls_percent_reflns_obs                    95.8400 
_refine.ls_percent_reflns_R_free                 4.9400 
_refine.ls_R_factor_all                          ? 
_refine.ls_R_factor_obs                          0.1678 
_refine.ls_R_factor_R_free                       0.1890 
_refine.ls_R_factor_R_free_error                 ? 
_refine.ls_R_factor_R_free_error_details         ? 
_refine.ls_R_factor_R_work                       0.1666 
_refine.ls_R_Fsqd_factor_obs                     ? 
_refine.ls_R_I_factor_obs                        ? 
_refine.ls_redundancy_reflns_all                 ? 
_refine.ls_redundancy_reflns_obs                 ? 
_refine.ls_restrained_S_all                      ? 
_refine.ls_restrained_S_obs                      ? 
_refine.ls_shift_over_esd_max                    ? 
_refine.ls_shift_over_esd_mean                   ? 
_refine.ls_structure_factor_coef                 ? 
_refine.ls_weighting_details                     ? 
_refine.ls_weighting_scheme                      ? 
_refine.ls_wR_factor_all                         ? 
_refine.ls_wR_factor_obs                         ? 
_refine.ls_wR_factor_R_free                      ? 
_refine.ls_wR_factor_R_work                      ? 
_refine.occupancy_max                            ? 
_refine.occupancy_min                            ? 
_refine.solvent_model_details                    'FLAT BULK SOLVENT MODEL' 
_refine.solvent_model_param_bsol                 ? 
_refine.solvent_model_param_ksol                 ? 
_refine.pdbx_R_complete                          ? 
_refine.ls_R_factor_gt                           ? 
_refine.ls_goodness_of_fit_gt                    ? 
_refine.ls_goodness_of_fit_ref                   ? 
_refine.ls_shift_over_su_max                     ? 
_refine.ls_shift_over_su_max_lt                  ? 
_refine.ls_shift_over_su_mean                    ? 
_refine.ls_shift_over_su_mean_lt                 ? 
_refine.pdbx_ls_sigma_I                          ? 
_refine.pdbx_ls_sigma_F                          1.370 
_refine.pdbx_ls_sigma_Fsqd                       ? 
_refine.pdbx_data_cutoff_high_absF               ? 
_refine.pdbx_data_cutoff_high_rms_absF           ? 
_refine.pdbx_data_cutoff_low_absF                ? 
_refine.pdbx_isotropic_thermal_model             ? 
_refine.pdbx_ls_cross_valid_method               THROUGHOUT 
_refine.pdbx_method_to_determine_struct          'MOLECULAR REPLACEMENT' 
_refine.pdbx_starting_model                      'PDB entry 5V6B' 
_refine.pdbx_stereochemistry_target_values       ML 
_refine.pdbx_R_Free_selection_details            ? 
_refine.pdbx_stereochem_target_val_spec_case     ? 
_refine.pdbx_overall_ESU_R                       ? 
_refine.pdbx_overall_ESU_R_Free                  ? 
_refine.pdbx_solvent_vdw_probe_radii             1.1100 
_refine.pdbx_solvent_ion_probe_radii             ? 
_refine.pdbx_solvent_shrinkage_radii             0.9000 
_refine.pdbx_real_space_R                        ? 
_refine.pdbx_density_correlation                 ? 
_refine.pdbx_pd_number_of_powder_patterns        ? 
_refine.pdbx_pd_number_of_points                 ? 
_refine.pdbx_pd_meas_number_of_points            ? 
_refine.pdbx_pd_proc_ls_prof_R_factor            ? 
_refine.pdbx_pd_proc_ls_prof_wR_factor           ? 
_refine.pdbx_pd_Marquardt_correlation_coeff      ? 
_refine.pdbx_pd_Fsqrd_R_factor                   ? 
_refine.pdbx_pd_ls_matrix_band_width             ? 
_refine.pdbx_overall_phase_error                 18.3500 
_refine.pdbx_overall_SU_R_free_Cruickshank_DPI   ? 
_refine.pdbx_overall_SU_R_free_Blow_DPI          ? 
_refine.pdbx_overall_SU_R_Blow_DPI               ? 
_refine.pdbx_TLS_residual_ADP_flag               ? 
_refine.pdbx_diffrn_id                           1 
_refine.overall_SU_B                             ? 
_refine.overall_SU_ML                            0.1200 
_refine.overall_SU_R_Cruickshank_DPI             ? 
_refine.overall_SU_R_free                        ? 
_refine.overall_FOM_free_R_set                   ? 
_refine.overall_FOM_work_R_set                   ? 
_refine.pdbx_average_fsc_overall                 ? 
_refine.pdbx_average_fsc_work                    ? 
_refine.pdbx_average_fsc_free                    ? 
# 
_refine_hist.pdbx_refine_id                   'X-RAY DIFFRACTION' 
_refine_hist.cycle_id                         final 
_refine_hist.details                          ? 
_refine_hist.d_res_high                       1.1980 
_refine_hist.d_res_low                        41.3860 
_refine_hist.number_atoms_solvent             189 
_refine_hist.number_atoms_total               902 
_refine_hist.number_reflns_all                ? 
_refine_hist.number_reflns_obs                ? 
_refine_hist.number_reflns_R_free             ? 
_refine_hist.number_reflns_R_work             ? 
_refine_hist.R_factor_all                     ? 
_refine_hist.R_factor_obs                     ? 
_refine_hist.R_factor_R_free                  ? 
_refine_hist.R_factor_R_work                  ? 
_refine_hist.pdbx_number_residues_total       93 
_refine_hist.pdbx_B_iso_mean_ligand           18.14 
_refine_hist.pdbx_B_iso_mean_solvent          21.00 
_refine_hist.pdbx_number_atoms_protein        707 
_refine_hist.pdbx_number_atoms_nucleic_acid   0 
_refine_hist.pdbx_number_atoms_ligand         6 
_refine_hist.pdbx_number_atoms_lipid          ? 
_refine_hist.pdbx_number_atoms_carb           ? 
_refine_hist.pdbx_pseudo_atom_details         ? 
# 
loop_
_refine_ls_restr.pdbx_refine_id 
_refine_ls_restr.criterion 
_refine_ls_restr.dev_ideal 
_refine_ls_restr.dev_ideal_target 
_refine_ls_restr.number 
_refine_ls_restr.rejects 
_refine_ls_restr.type 
_refine_ls_restr.weight 
_refine_ls_restr.pdbx_restraint_function 
'X-RAY DIFFRACTION' ? 0.005  ? 779  ? f_bond_d           ? ? 
'X-RAY DIFFRACTION' ? 0.818  ? 1053 ? f_angle_d          ? ? 
'X-RAY DIFFRACTION' ? 0.086  ? 119  ? f_chiral_restr     ? ? 
'X-RAY DIFFRACTION' ? 0.005  ? 139  ? f_plane_restr      ? ? 
'X-RAY DIFFRACTION' ? 15.313 ? 305  ? f_dihedral_angle_d ? ? 
# 
loop_
_refine_ls_shell.pdbx_refine_id 
_refine_ls_shell.d_res_high 
_refine_ls_shell.d_res_low 
_refine_ls_shell.number_reflns_all 
_refine_ls_shell.number_reflns_obs 
_refine_ls_shell.number_reflns_R_free 
_refine_ls_shell.number_reflns_R_work 
_refine_ls_shell.percent_reflns_obs 
_refine_ls_shell.percent_reflns_R_free 
_refine_ls_shell.R_factor_all 
_refine_ls_shell.R_factor_obs 
_refine_ls_shell.R_factor_R_free 
_refine_ls_shell.R_factor_R_free_error 
_refine_ls_shell.R_factor_R_work 
_refine_ls_shell.redundancy_reflns_all 
_refine_ls_shell.redundancy_reflns_obs 
_refine_ls_shell.wR_factor_all 
_refine_ls_shell.wR_factor_obs 
_refine_ls_shell.wR_factor_R_free 
_refine_ls_shell.wR_factor_R_work 
_refine_ls_shell.pdbx_R_complete 
_refine_ls_shell.pdbx_total_number_of_bins_used 
_refine_ls_shell.pdbx_phase_error 
_refine_ls_shell.pdbx_fsc_work 
_refine_ls_shell.pdbx_fsc_free 
'X-RAY DIFFRACTION' 1.198  1.2406 . . 91  1797 68.0000  . . . 0.2605 0.0000 0.2064 . . . . . . . . . . . 
'X-RAY DIFFRACTION' 1.2406 1.2903 . . 136 2378 91.0000  . . . 0.2172 0.0000 0.1821 . . . . . . . . . . . 
'X-RAY DIFFRACTION' 1.2903 1.3490 . . 128 2621 99.0000  . . . 0.2013 0.0000 0.1711 . . . . . . . . . . . 
'X-RAY DIFFRACTION' 1.3490 1.4201 . . 118 2646 100.0000 . . . 0.1894 0.0000 0.1688 . . . . . . . . . . . 
'X-RAY DIFFRACTION' 1.4201 1.5091 . . 150 2631 100.0000 . . . 0.1979 0.0000 0.1651 . . . . . . . . . . . 
'X-RAY DIFFRACTION' 1.5091 1.6256 . . 131 2665 100.0000 . . . 0.1964 0.0000 0.1583 . . . . . . . . . . . 
'X-RAY DIFFRACTION' 1.6256 1.7892 . . 152 2669 100.0000 . . . 0.2002 0.0000 0.1673 . . . . . . . . . . . 
'X-RAY DIFFRACTION' 1.7892 2.0481 . . 148 2672 100.0000 . . . 0.1727 0.0000 0.1648 . . . . . . . . . . . 
'X-RAY DIFFRACTION' 2.0481 2.5803 . . 125 2747 100.0000 . . . 0.1754 0.0000 0.1640 . . . . . . . . . . . 
'X-RAY DIFFRACTION' 2.5803 41.386 . . 156 2850 100.0000 . . . 0.1849 0.0000 0.1643 . . . . . . . . . . . 
# 
_struct.entry_id                     6X1X 
_struct.title                        'PDZ domain from choanoflagellate GIPC (mbGIPC)' 
_struct.pdbx_model_details           ? 
_struct.pdbx_formula_weight          ? 
_struct.pdbx_formula_weight_method   ? 
_struct.pdbx_model_type_details      ? 
_struct.pdbx_CASP_flag               N 
# 
_struct_keywords.entry_id        6X1X 
_struct_keywords.text            
'PDZ, protein-protein interaction, peptide-binding domain, choanoflagellate, Monosiga brevicollis, SIGNALING PROTEIN' 
_struct_keywords.pdbx_keywords   'SIGNALING PROTEIN' 
# 
loop_
_struct_asym.id 
_struct_asym.pdbx_blank_PDB_chainid_flag 
_struct_asym.pdbx_modified 
_struct_asym.entity_id 
_struct_asym.details 
A N N 1 ? 
B N N 2 ? 
C N N 3 ? 
# 
_struct_conf.conf_type_id            HELX_P 
_struct_conf.id                      HELX_P1 
_struct_conf.pdbx_PDB_helix_id       AA1 
_struct_conf.beg_label_comp_id       ARG 
_struct_conf.beg_label_asym_id       A 
_struct_conf.beg_label_seq_id        65 
_struct_conf.pdbx_beg_PDB_ins_code   ? 
_struct_conf.end_label_comp_id       ILE 
_struct_conf.end_label_asym_id       A 
_struct_conf.end_label_seq_id        76 
_struct_conf.pdbx_end_PDB_ins_code   ? 
_struct_conf.beg_auth_comp_id        ARG 
_struct_conf.beg_auth_asym_id        A 
_struct_conf.beg_auth_seq_id         156 
_struct_conf.end_auth_comp_id        ILE 
_struct_conf.end_auth_asym_id        A 
_struct_conf.end_auth_seq_id         167 
_struct_conf.pdbx_PDB_helix_class    1 
_struct_conf.details                 ? 
_struct_conf.pdbx_PDB_helix_length   12 
# 
_struct_conf_type.id          HELX_P 
_struct_conf_type.criteria    ? 
_struct_conf_type.reference   ? 
# 
loop_
_struct_sheet.id 
_struct_sheet.type 
_struct_sheet.number_strands 
_struct_sheet.details 
AA1 ? 4 ? 
AA2 ? 2 ? 
# 
loop_
_struct_sheet_order.sheet_id 
_struct_sheet_order.range_id_1 
_struct_sheet_order.range_id_2 
_struct_sheet_order.offset 
_struct_sheet_order.sense 
AA1 1 2 ? anti-parallel 
AA1 2 3 ? anti-parallel 
AA1 3 4 ? anti-parallel 
AA2 1 2 ? anti-parallel 
# 
loop_
_struct_sheet_range.sheet_id 
_struct_sheet_range.id 
_struct_sheet_range.beg_label_comp_id 
_struct_sheet_range.beg_label_asym_id 
_struct_sheet_range.beg_label_seq_id 
_struct_sheet_range.pdbx_beg_PDB_ins_code 
_struct_sheet_range.end_label_comp_id 
_struct_sheet_range.end_label_asym_id 
_struct_sheet_range.end_label_seq_id 
_struct_sheet_range.pdbx_end_PDB_ins_code 
_struct_sheet_range.beg_auth_comp_id 
_struct_sheet_range.beg_auth_asym_id 
_struct_sheet_range.beg_auth_seq_id 
_struct_sheet_range.end_auth_comp_id 
_struct_sheet_range.end_auth_asym_id 
_struct_sheet_range.end_auth_seq_id 
AA1 1 GLU A 6  ? ILE A 12 ? GLU A 97  ILE A 103 
AA1 2 GLU A 81 ? VAL A 87 ? GLU A 172 VAL A 178 
AA1 3 HIS A 52 ? ILE A 56 ? HIS A 143 ILE A 147 
AA1 4 THR A 59 ? ASP A 60 ? THR A 150 ASP A 151 
AA2 1 LEU A 20 ? SER A 23 ? LEU A 111 SER A 114 
AA2 2 PHE A 31 ? ILE A 35 ? PHE A 122 ILE A 126 
# 
loop_
_pdbx_struct_sheet_hbond.sheet_id 
_pdbx_struct_sheet_hbond.range_id_1 
_pdbx_struct_sheet_hbond.range_id_2 
_pdbx_struct_sheet_hbond.range_1_label_atom_id 
_pdbx_struct_sheet_hbond.range_1_label_comp_id 
_pdbx_struct_sheet_hbond.range_1_label_asym_id 
_pdbx_struct_sheet_hbond.range_1_label_seq_id 
_pdbx_struct_sheet_hbond.range_1_PDB_ins_code 
_pdbx_struct_sheet_hbond.range_1_auth_atom_id 
_pdbx_struct_sheet_hbond.range_1_auth_comp_id 
_pdbx_struct_sheet_hbond.range_1_auth_asym_id 
_pdbx_struct_sheet_hbond.range_1_auth_seq_id 
_pdbx_struct_sheet_hbond.range_2_label_atom_id 
_pdbx_struct_sheet_hbond.range_2_label_comp_id 
_pdbx_struct_sheet_hbond.range_2_label_asym_id 
_pdbx_struct_sheet_hbond.range_2_label_seq_id 
_pdbx_struct_sheet_hbond.range_2_PDB_ins_code 
_pdbx_struct_sheet_hbond.range_2_auth_atom_id 
_pdbx_struct_sheet_hbond.range_2_auth_comp_id 
_pdbx_struct_sheet_hbond.range_2_auth_asym_id 
_pdbx_struct_sheet_hbond.range_2_auth_seq_id 
AA1 1 2 N LYS A 7  ? N LYS A 98  O CYS A 86 ? O CYS A 177 
AA1 2 3 O VAL A 87 ? O VAL A 178 N HIS A 52 ? N HIS A 143 
AA1 3 4 N ILE A 56 ? N ILE A 147 O THR A 59 ? O THR A 150 
AA2 1 2 N THR A 21 ? N THR A 112 O LYS A 33 ? O LYS A 124 
# 
_struct_site.id                   AC1 
_struct_site.pdbx_evidence_code   Software 
_struct_site.pdbx_auth_asym_id    A 
_struct_site.pdbx_auth_comp_id    GOL 
_struct_site.pdbx_auth_seq_id     201 
_struct_site.pdbx_auth_ins_code   ? 
_struct_site.pdbx_num_residues    10 
_struct_site.details              'binding site for residue GOL A 201' 
# 
loop_
_struct_site_gen.id 
_struct_site_gen.site_id 
_struct_site_gen.pdbx_num_res 
_struct_site_gen.label_comp_id 
_struct_site_gen.label_asym_id 
_struct_site_gen.label_seq_id 
_struct_site_gen.pdbx_auth_ins_code 
_struct_site_gen.auth_comp_id 
_struct_site_gen.auth_asym_id 
_struct_site_gen.auth_seq_id 
_struct_site_gen.label_atom_id 
_struct_site_gen.label_alt_id 
_struct_site_gen.symmetry 
_struct_site_gen.details 
1  AC1 10 VAL A 11 ? VAL A 102 . ? 1_555 ? 
2  AC1 10 ILE A 12 ? ILE A 103 . ? 1_555 ? 
3  AC1 10 HIS A 66 ? HIS A 157 . ? 1_455 ? 
4  AC1 10 SER A 92 ? SER A 183 . ? 4_456 ? 
5  AC1 10 HOH C .  ? HOH A 304 . ? 1_555 ? 
6  AC1 10 HOH C .  ? HOH A 308 . ? 1_555 ? 
7  AC1 10 HOH C .  ? HOH A 313 . ? 1_555 ? 
8  AC1 10 HOH C .  ? HOH A 315 . ? 1_555 ? 
9  AC1 10 HOH C .  ? HOH A 357 . ? 1_555 ? 
10 AC1 10 HOH C .  ? HOH A 376 . ? 1_555 ? 
# 
_atom_sites.entry_id                    6X1X 
_atom_sites.Cartn_transf_matrix[1][1]   ? 
_atom_sites.Cartn_transf_matrix[1][2]   ? 
_atom_sites.Cartn_transf_matrix[1][3]   ? 
_atom_sites.Cartn_transf_matrix[2][1]   ? 
_atom_sites.Cartn_transf_matrix[2][2]   ? 
_atom_sites.Cartn_transf_matrix[2][3]   ? 
_atom_sites.Cartn_transf_matrix[3][1]   ? 
_atom_sites.Cartn_transf_matrix[3][2]   ? 
_atom_sites.Cartn_transf_matrix[3][3]   ? 
_atom_sites.Cartn_transf_vector[1]      ? 
_atom_sites.Cartn_transf_vector[2]      ? 
_atom_sites.Cartn_transf_vector[3]      ? 
_atom_sites.fract_transf_matrix[1][1]   -0.01353198 
_atom_sites.fract_transf_matrix[1][2]   0.01634971 
_atom_sites.fract_transf_matrix[1][3]   -0.02612600 
_atom_sites.fract_transf_matrix[2][1]   0.00688165 
_atom_sites.fract_transf_matrix[2][2]   0.02475572 
_atom_sites.fract_transf_matrix[2][3]   0.01192783 
_atom_sites.fract_transf_matrix[3][1]   0.01066532 
_atom_sites.fract_transf_matrix[3][2]   -0.00023291 
_atom_sites.fract_transf_matrix[3][3]   -0.00566986 
_atom_sites.fract_transf_vector[1]      0.381323 
_atom_sites.fract_transf_vector[2]      0.134069 
_atom_sites.fract_transf_vector[3]      0.378581 
_atom_sites.solution_primary            ? 
_atom_sites.solution_secondary          ? 
_atom_sites.solution_hydrogens          ? 
_atom_sites.special_details             ? 
# 
loop_
_atom_type.symbol 
C 
N 
O 
S 
# 
loop_
_atom_site.group_PDB 
_atom_site.id 
_atom_site.type_symbol 
_atom_site.label_atom_id 
_atom_site.label_alt_id 
_atom_site.label_comp_id 
_atom_site.label_asym_id 
_atom_site.label_entity_id 
_atom_site.label_seq_id 
_atom_site.pdbx_PDB_ins_code 
_atom_site.Cartn_x 
_atom_site.Cartn_y 
_atom_site.Cartn_z 
_atom_site.occupancy 
_atom_site.B_iso_or_equiv 
_atom_site.pdbx_formal_charge 
_atom_site.auth_seq_id 
_atom_site.auth_comp_id 
_atom_site.auth_asym_id 
_atom_site.auth_atom_id 
_atom_site.pdbx_PDB_model_num 
ATOM   1   N N   . GLY A 1 4  ? 8.677   -7.508  -10.695 1.00 32.43 ? 95  GLY A N   1 
ATOM   2   C CA  . GLY A 1 4  ? 9.057   -6.842  -9.463  1.00 25.96 ? 95  GLY A CA  1 
ATOM   3   C C   . GLY A 1 4  ? 8.930   -7.731  -8.240  1.00 22.91 ? 95  GLY A C   1 
ATOM   4   O O   . GLY A 1 4  ? 8.208   -8.726  -8.262  1.00 25.87 ? 95  GLY A O   1 
ATOM   5   N N   . THR A 1 5  ? 9.634   -7.364  -7.169  1.00 22.06 ? 96  THR A N   1 
ATOM   6   C CA  . THR A 1 5  ? 9.632   -8.155  -5.943  1.00 26.49 ? 96  THR A CA  1 
ATOM   7   C C   . THR A 1 5  ? 8.307   -7.987  -5.209  1.00 19.48 ? 96  THR A C   1 
ATOM   8   O O   . THR A 1 5  ? 7.922   -6.867  -4.860  1.00 15.88 ? 96  THR A O   1 
ATOM   9   C CB  . THR A 1 5  ? 10.781  -7.716  -5.042  1.00 20.81 ? 96  THR A CB  1 
ATOM   10  O OG1 . THR A 1 5  ? 12.027  -8.005  -5.686  1.00 28.30 ? 96  THR A OG1 1 
ATOM   11  C CG2 . THR A 1 5  ? 10.721  -8.443  -3.705  1.00 26.47 ? 96  THR A CG2 1 
ATOM   12  N N   . GLU A 1 6  ? 7.637   -9.106  -4.947  1.00 18.33 ? 97  GLU A N   1 
ATOM   13  C CA  . GLU A 1 6  ? 6.316   -9.140  -4.336  1.00 18.82 ? 97  GLU A CA  1 
ATOM   14  C C   . GLU A 1 6  ? 6.445   -9.359  -2.832  1.00 17.30 ? 97  GLU A C   1 
ATOM   15  O O   . GLU A 1 6  ? 7.254   -10.177 -2.383  1.00 24.44 ? 97  GLU A O   1 
ATOM   16  C CB  . GLU A 1 6  ? 5.519   -10.278 -4.971  1.00 23.46 ? 97  GLU A CB  1 
ATOM   17  C CG  . GLU A 1 6  ? 4.052   -10.285 -4.662  1.00 27.92 ? 97  GLU A CG  1 
ATOM   18  C CD  . GLU A 1 6  ? 3.276   -11.206 -5.583  1.00 36.39 ? 97  GLU A CD  1 
ATOM   19  O OE1 . GLU A 1 6  ? 3.362   -11.023 -6.818  1.00 37.60 ? 97  GLU A OE1 1 
ATOM   20  O OE2 . GLU A 1 6  ? 2.586   -12.113 -5.073  1.00 45.64 ? 97  GLU A OE2 1 
ATOM   21  N N   . LYS A 1 7  ? 5.644   -8.623  -2.056  1.00 17.24 ? 98  LYS A N   1 
ATOM   22  C CA  . LYS A 1 7  ? 5.754   -8.583  -0.603  1.00 18.41 ? 98  LYS A CA  1 
ATOM   23  C C   . LYS A 1 7  ? 4.370   -8.643  0.025   1.00 15.27 ? 98  LYS A C   1 
ATOM   24  O O   . LYS A 1 7  ? 3.447   -7.963  -0.432  1.00 14.81 ? 98  LYS A O   1 
ATOM   25  C CB  . LYS A 1 7  ? 6.392   -7.272  -0.133  1.00 19.39 ? 98  LYS A CB  1 
ATOM   26  C CG  . LYS A 1 7  ? 7.763   -6.999  -0.698  1.00 26.96 ? 98  LYS A CG  1 
ATOM   27  C CD  . LYS A 1 7  ? 8.311   -5.693  -0.175  1.00 20.34 ? 98  LYS A CD  1 
ATOM   28  C CE  . LYS A 1 7  ? 7.527   -4.493  -0.686  1.00 16.60 ? 98  LYS A CE  1 
ATOM   29  N NZ  . LYS A 1 7  ? 8.292   -3.267  -0.378  1.00 12.73 ? 98  LYS A NZ  1 
ATOM   30  N N   . THR A 1 8  ? 4.246   -9.419  1.100   1.00 18.16 ? 99  THR A N   1 
ATOM   31  C CA  . THR A 1 8  ? 3.008   -9.505  1.864   1.00 19.25 ? 99  THR A CA  1 
ATOM   32  C C   . THR A 1 8  ? 3.107   -8.592  3.077   1.00 15.46 ? 99  THR A C   1 
ATOM   33  O O   . THR A 1 8  ? 4.033   -8.717  3.889   1.00 21.13 ? 99  THR A O   1 
ATOM   34  C CB  . THR A 1 8  ? 2.741   -10.939 2.312   1.00 19.60 ? 99  THR A CB  1 
ATOM   35  O OG1 . THR A 1 8  ? 2.511   -11.758 1.162   1.00 26.91 ? 99  THR A OG1 1 
ATOM   36  C CG2 . THR A 1 8  ? 1.512   -10.984 3.215   1.00 20.22 ? 99  THR A CG2 1 
ATOM   37  N N   . VAL A 1 9  ? 2.142   -7.693  3.208   1.00 15.23 ? 100 VAL A N   1 
ATOM   38  C CA  . VAL A 1 9  ? 2.082   -6.726  4.292   1.00 15.34 ? 100 VAL A CA  1 
ATOM   39  C C   . VAL A 1 9  ? 0.842   -7.074  5.108   1.00 16.08 ? 100 VAL A C   1 
ATOM   40  O O   . VAL A 1 9  ? -0.259  -7.163  4.555   1.00 15.91 ? 100 VAL A O   1 
ATOM   41  C CB  . VAL A 1 9  ? 1.996   -5.299  3.729   1.00 19.62 ? 100 VAL A CB  1 
ATOM   42  C CG1 . VAL A 1 9  ? 1.842   -4.302  4.819   1.00 29.45 ? 100 VAL A CG1 1 
ATOM   43  C CG2 . VAL A 1 9  ? 3.237   -4.985  2.904   1.00 26.06 ? 100 VAL A CG2 1 
ATOM   44  N N   . LYS A 1 10 ? 1.010   -7.315  6.408   1.00 15.62 ? 101 LYS A N   1 
ATOM   45  C CA  . LYS A 1 10 ? -0.110  -7.611  7.297   1.00 12.27 ? 101 LYS A CA  1 
ATOM   46  C C   . LYS A 1 10 ? -0.114  -6.577  8.406   1.00 9.64  ? 101 LYS A C   1 
ATOM   47  O O   . LYS A 1 10 ? 0.855   -6.483  9.165   1.00 12.35 ? 101 LYS A O   1 
ATOM   48  C CB  . LYS A 1 10 ? -0.019  -9.019  7.884   1.00 14.20 ? 101 LYS A CB  1 
ATOM   49  C CG  . LYS A 1 10 ? -1.261  -9.421  8.649   1.00 15.49 ? 101 LYS A CG  1 
ATOM   50  C CD  . LYS A 1 10 ? -1.420  -10.934 8.715   1.00 28.58 ? 101 LYS A CD  1 
ATOM   51  C CE  . LYS A 1 10 ? -1.203  -11.455 10.124  1.00 19.82 ? 101 LYS A CE  1 
ATOM   52  N NZ  . LYS A 1 10 ? -1.643  -12.877 10.280  1.00 17.67 ? 101 LYS A NZ  1 
ATOM   53  N N   . VAL A 1 11 ? -1.218  -5.832  8.511   1.00 10.31 ? 102 VAL A N   1 
ATOM   54  C CA  . VAL A 1 11 ? -1.271  -4.549  9.203   1.00 13.10 ? 102 VAL A CA  1 
ATOM   55  C C   . VAL A 1 11 ? -2.529  -4.518  10.052  1.00 10.16 ? 102 VAL A C   1 
ATOM   56  O O   . VAL A 1 11 ? -3.584  -4.993  9.626   1.00 7.78  ? 102 VAL A O   1 
ATOM   57  C CB  . VAL A 1 11 ? -1.314  -3.383  8.188   1.00 11.07 ? 102 VAL A CB  1 
ATOM   58  C CG1 . VAL A 1 11 ? -1.421  -2.056  8.889   1.00 18.69 ? 102 VAL A CG1 1 
ATOM   59  C CG2 . VAL A 1 11 ? -0.095  -3.393  7.333   1.00 22.11 ? 102 VAL A CG2 1 
ATOM   60  N N   . ILE A 1 12 ? -2.438  -3.925  11.233  1.00 11.57 ? 103 ILE A N   1 
ATOM   61  C CA  . ILE A 1 12 ? -3.618  -3.644  12.044  1.00 10.11 ? 103 ILE A CA  1 
ATOM   62  C C   . ILE A 1 12 ? -4.015  -2.192  11.821  1.00 7.67  ? 103 ILE A C   1 
ATOM   63  O O   . ILE A 1 12 ? -3.220  -1.275  12.057  1.00 7.51  ? 103 ILE A O   1 
ATOM   64  C CB  . ILE A 1 12 ? -3.363  -3.925  13.530  1.00 13.95 ? 103 ILE A CB  1 
ATOM   65  C CG1 . ILE A 1 12 ? -3.134  -5.421  13.730  1.00 15.30 ? 103 ILE A CG1 1 
ATOM   66  C CG2 . ILE A 1 12 ? -4.538  -3.448  14.350  1.00 14.00 ? 103 ILE A CG2 1 
ATOM   67  C CD1 . ILE A 1 12 ? -2.997  -5.834  15.171  1.00 31.80 ? 103 ILE A CD1 1 
ATOM   68  N N   . LYS A 1 13 ? -5.250  -1.977  11.376  1.00 7.34  ? 104 LYS A N   1 
ATOM   69  C CA  . LYS A 1 13 ? -5.744  -0.621  11.150  1.00 6.05  ? 104 LYS A CA  1 
ATOM   70  C C   . LYS A 1 13 ? -6.290  -0.116  12.478  1.00 6.39  ? 104 LYS A C   1 
ATOM   71  O O   . LYS A 1 13 ? -7.486  -0.215  12.758  1.00 7.84  ? 104 LYS A O   1 
ATOM   72  C CB  . LYS A 1 13 ? -6.798  -0.620  10.054  1.00 6.81  ? 104 LYS A CB  1 
ATOM   73  C CG  . LYS A 1 13 ? -7.268  0.773   9.686   1.00 6.38  ? 104 LYS A CG  1 
ATOM   74  C CD  . LYS A 1 13 ? -8.266  0.741   8.537   1.00 6.36  ? 104 LYS A CD  1 
ATOM   75  C CE  . LYS A 1 13 ? -8.812  2.128   8.268   1.00 5.96  ? 104 LYS A CE  1 
ATOM   76  N NZ  . LYS A 1 13 ? -9.889  2.120   7.243   1.00 5.51  ? 104 LYS A NZ  1 
ATOM   77  N N   . ASP A 1 14 ? -5.406  0.437   13.312  1.00 6.08  ? 105 ASP A N   1 
ATOM   78  C CA  . ASP A 1 14 ? -5.782  0.768   14.685  1.00 7.47  ? 105 ASP A CA  1 
ATOM   79  C C   . ASP A 1 14 ? -6.477  2.112   14.817  1.00 6.87  ? 105 ASP A C   1 
ATOM   80  O O   . ASP A 1 14 ? -6.967  2.431   15.909  1.00 10.19 ? 105 ASP A O   1 
ATOM   81  C CB  . ASP A 1 14 ? -4.563  0.725   15.615  1.00 9.94  ? 105 ASP A CB  1 
ATOM   82  C CG  . ASP A 1 14 ? -3.549  1.809   15.307  1.00 10.19 ? 105 ASP A CG  1 
ATOM   83  O OD1 . ASP A 1 14 ? -3.821  2.985   15.615  1.00 12.11 ? 105 ASP A OD1 1 
ATOM   84  O OD2 . ASP A 1 14 ? -2.462  1.495   14.784  1.00 11.85 ? 105 ASP A OD2 1 
ATOM   85  N N   . GLY A 1 15 ? -6.519  2.904   13.756  1.00 6.68  ? 106 GLY A N   1 
ATOM   86  C CA  . GLY A 1 15 ? -7.189  4.181   13.749  1.00 6.49  ? 106 GLY A CA  1 
ATOM   87  C C   . GLY A 1 15 ? -7.678  4.458   12.347  1.00 5.92  ? 106 GLY A C   1 
ATOM   88  O O   . GLY A 1 15 ? -7.499  3.650   11.435  1.00 6.42  ? 106 GLY A O   1 
ATOM   89  N N   . PRO A 1 16 ? -8.300  5.619   12.145  1.00 5.58  ? 107 PRO A N   1 
ATOM   90  C CA  . PRO A 1 16 ? -8.986  5.884   10.874  1.00 5.78  ? 107 PRO A CA  1 
ATOM   91  C C   . PRO A 1 16 ? -8.063  6.186   9.710   1.00 5.01  ? 107 PRO A C   1 
ATOM   92  O O   . PRO A 1 16 ? -8.544  6.223   8.570   1.00 6.78  ? 107 PRO A O   1 
ATOM   93  C CB  . PRO A 1 16 ? -9.863  7.102   11.203  1.00 5.72  ? 107 PRO A CB  1 
ATOM   94  C CG  . PRO A 1 16 ? -9.142  7.786   12.307  1.00 6.22  ? 107 PRO A CG  1 
ATOM   95  C CD  . PRO A 1 16 ? -8.573  6.670   13.141  1.00 5.90  ? 107 PRO A CD  1 
ATOM   96  N N   . ALA A 1 17 ? -6.771  6.411   9.942   1.00 5.21  ? 108 ALA A N   1 
ATOM   97  C CA  . ALA A 1 17 ? -5.856  6.844   8.893   1.00 4.50  ? 108 ALA A CA  1 
ATOM   98  C C   . ALA A 1 17 ? -4.609  5.971   8.891   1.00 5.14  ? 108 ALA A C   1 
ATOM   99  O O   . ALA A 1 17 ? -3.965  5.789   9.933   1.00 5.80  ? 108 ALA A O   1 
ATOM   100 C CB  . ALA A 1 17 ? -5.448  8.305   9.102   1.00 8.04  ? 108 ALA A CB  1 
ATOM   101 N N   . LEU A 1 18 ? -4.245  5.468   7.721   1.00 4.69  ? 109 LEU A N   1 
ATOM   102 C CA  . LEU A 1 18 ? -3.069  4.618   7.600   1.00 5.17  ? 109 LEU A CA  1 
ATOM   103 C C   . LEU A 1 18 ? -1.793  5.394   7.341   1.00 4.84  ? 109 LEU A C   1 
ATOM   104 O O   . LEU A 1 18 ? -0.707  4.853   7.582   1.00 5.95  ? 109 LEU A O   1 
ATOM   105 C CB  . LEU A 1 18 ? -3.257  3.622   6.455   1.00 5.76  ? 109 LEU A CB  1 
ATOM   106 C CG  . LEU A 1 18 ? -4.360  2.594   6.684   1.00 6.26  ? 109 LEU A CG  1 
ATOM   107 C CD1 . LEU A 1 18 ? -4.696  1.899   5.376   1.00 8.35  ? 109 LEU A CD1 1 
ATOM   108 C CD2 . LEU A 1 18 ? -3.943  1.571   7.733   1.00 7.85  ? 109 LEU A CD2 1 
ATOM   109 N N   . GLY A 1 19 ? -1.887  6.625   6.843   1.00 5.03  ? 110 GLY A N   1 
ATOM   110 C CA  . GLY A 1 19 ? -0.717  7.399   6.473   1.00 6.33  ? 110 GLY A CA  1 
ATOM   111 C C   . GLY A 1 19 ? -0.289  7.277   5.027   1.00 5.04  ? 110 GLY A C   1 
ATOM   112 O O   . GLY A 1 19 ? 0.798   7.756   4.679   1.00 5.91  ? 110 GLY A O   1 
ATOM   113 N N   . LEU A 1 20 ? -1.100  6.675   4.166   1.00 5.04  ? 111 LEU A N   1 
ATOM   114 C CA  . LEU A 1 20 ? -0.729  6.480   2.772   1.00 5.26  ? 111 LEU A CA  1 
ATOM   115 C C   . LEU A 1 20 ? -1.281  7.588   1.892   1.00 4.98  ? 111 LEU A C   1 
ATOM   116 O O   . LEU A 1 20 ? -2.439  7.995   2.043   1.00 6.34  ? 111 LEU A O   1 
ATOM   117 C CB  . LEU A 1 20 ? -1.306  5.172   2.240   1.00 6.90  ? 111 LEU A CB  1 
ATOM   118 C CG  . LEU A 1 20 ? -0.748  3.899   2.853   1.00 6.35  ? 111 LEU A CG  1 
ATOM   119 C CD1 . LEU A 1 20 ? -1.490  2.693   2.303   1.00 10.35 ? 111 LEU A CD1 1 
ATOM   120 C CD2 . LEU A 1 20 ? 0.754   3.780   2.605   1.00 9.00  ? 111 LEU A CD2 1 
ATOM   121 N N   . THR A 1 21 ? -0.477  8.020   0.930   1.00 4.54  ? 112 THR A N   1 
ATOM   122 C CA  . THR A 1 21 ? -0.963  8.763   -0.227  1.00 5.54  ? 112 THR A CA  1 
ATOM   123 C C   . THR A 1 21 ? -0.762  7.873   -1.440  1.00 5.51  ? 112 THR A C   1 
ATOM   124 O O   . THR A 1 21 ? 0.363   7.433   -1.705  1.00 6.12  ? 112 THR A O   1 
ATOM   125 C CB  . THR A 1 21 ? -0.176  10.055  -0.425  1.00 5.30  ? 112 THR A CB  1 
ATOM   126 O OG1 . THR A 1 21 ? -0.293  10.860  0.750   1.00 6.04  ? 112 THR A OG1 1 
ATOM   127 C CG2 . THR A 1 21 ? -0.688  10.830  -1.641  1.00 7.39  ? 112 THR A CG2 1 
ATOM   128 N N   . ILE A 1 22 ? -1.835  7.597   -2.159  1.00 6.18  ? 113 ILE A N   1 
ATOM   129 C CA  . ILE A 1 22 ? -1.736  6.720   -3.312  1.00 6.21  ? 113 ILE A CA  1 
ATOM   130 C C   . ILE A 1 22 ? -2.240  7.436   -4.544  1.00 5.20  ? 113 ILE A C   1 
ATOM   131 O O   . ILE A 1 22 ? -3.085  8.341   -4.479  1.00 6.43  ? 113 ILE A O   1 
ATOM   132 C CB  . ILE A 1 22 ? -2.446  5.369   -3.107  1.00 6.65  ? 113 ILE A CB  1 
ATOM   133 C CG1 . ILE A 1 22 ? -3.944  5.564   -2.966  1.00 7.65  ? 113 ILE A CG1 1 
ATOM   134 C CG2 . ILE A 1 22 ? -1.875  4.650   -1.890  1.00 9.16  ? 113 ILE A CG2 1 
ATOM   135 C CD1 . ILE A 1 22 ? -4.707  4.257   -2.984  1.00 8.45  ? 113 ILE A CD1 1 
ATOM   136 N N   A SER A 1 23 ? -1.705  7.031   -5.686  0.66 5.19  ? 114 SER A N   1 
ATOM   137 N N   B SER A 1 23 ? -1.709  7.030   -5.689  0.34 5.25  ? 114 SER A N   1 
ATOM   138 C CA  A SER A 1 23 ? -2.108  7.592   -6.960  0.66 6.35  ? 114 SER A CA  1 
ATOM   139 C CA  B SER A 1 23 ? -2.099  7.601   -6.964  0.34 6.26  ? 114 SER A CA  1 
ATOM   140 C C   A SER A 1 23 ? -2.038  6.495   -8.015  0.66 6.64  ? 114 SER A C   1 
ATOM   141 C C   B SER A 1 23 ? -1.957  6.522   -8.027  0.34 6.54  ? 114 SER A C   1 
ATOM   142 O O   A SER A 1 23 ? -1.784  5.328   -7.711  0.66 6.96  ? 114 SER A O   1 
ATOM   143 O O   B SER A 1 23 ? -1.566  5.390   -7.740  0.34 7.44  ? 114 SER A O   1 
ATOM   144 C CB  A SER A 1 23 ? -1.256  8.804   -7.321  0.66 9.31  ? 114 SER A CB  1 
ATOM   145 C CB  B SER A 1 23 ? -1.282  8.853   -7.284  0.34 9.31  ? 114 SER A CB  1 
ATOM   146 O OG  A SER A 1 23 ? -1.832  9.451   -8.434  0.66 8.05  ? 114 SER A OG  1 
ATOM   147 O OG  B SER A 1 23 ? 0.101   8.591   -7.208  0.34 14.37 ? 114 SER A OG  1 
ATOM   148 N N   . ASP A 1 24 ? -2.308  6.873   -9.262  1.00 7.48  ? 115 ASP A N   1 
ATOM   149 C CA  . ASP A 1 24 ? -2.142  5.969   -10.396 1.00 7.23  ? 115 ASP A CA  1 
ATOM   150 C C   . ASP A 1 24 ? -1.883  6.819   -11.630 1.00 9.97  ? 115 ASP A C   1 
ATOM   151 O O   . ASP A 1 24 ? -2.176  8.016   -11.639 1.00 10.91 ? 115 ASP A O   1 
ATOM   152 C CB  . ASP A 1 24 ? -3.335  5.002   -10.582 1.00 8.75  ? 115 ASP A CB  1 
ATOM   153 C CG  . ASP A 1 24 ? -4.559  5.675   -11.187 1.00 9.54  ? 115 ASP A CG  1 
ATOM   154 O OD1 . ASP A 1 24 ? -4.595  5.826   -12.427 1.00 11.15 ? 115 ASP A OD1 1 
ATOM   155 O OD2 . ASP A 1 24 ? -5.505  6.005   -10.446 1.00 9.34  ? 115 ASP A OD2 1 
ATOM   156 N N   . ASN A 1 25 ? -1.304  6.208   -12.664 1.00 9.12  ? 116 ASN A N   1 
ATOM   157 C CA  . ASN A 1 25 ? -0.986  6.950   -13.880 1.00 9.82  ? 116 ASN A CA  1 
ATOM   158 C C   . ASN A 1 25 ? -1.963  6.675   -15.015 1.00 13.64 ? 116 ASN A C   1 
ATOM   159 O O   . ASN A 1 25 ? -1.697  7.067   -16.156 1.00 15.94 ? 116 ASN A O   1 
ATOM   160 C CB  . ASN A 1 25 ? 0.472   6.734   -14.310 1.00 15.42 ? 116 ASN A CB  1 
ATOM   161 C CG  . ASN A 1 25 ? 0.784   5.291   -14.657 1.00 18.26 ? 116 ASN A CG  1 
ATOM   162 O OD1 . ASN A 1 25 ? -0.111  4.492   -14.910 1.00 18.52 ? 116 ASN A OD1 1 
ATOM   163 N ND2 . ASN A 1 25 ? 2.070   4.955   -14.685 1.00 28.53 ? 116 ASN A ND2 1 
ATOM   164 N N   . GLY A 1 26 ? -3.089  6.021   -14.727 1.00 13.80 ? 117 GLY A N   1 
ATOM   165 C CA  . GLY A 1 26 ? -4.089  5.704   -15.725 1.00 16.36 ? 117 GLY A CA  1 
ATOM   166 C C   . GLY A 1 26 ? -4.042  4.283   -16.247 1.00 16.88 ? 117 GLY A C   1 
ATOM   167 O O   . GLY A 1 26 ? -4.926  3.897   -17.026 1.00 19.69 ? 117 GLY A O   1 
ATOM   168 N N   . ALA A 1 27 ? -3.040  3.501   -15.855 1.00 16.89 ? 118 ALA A N   1 
ATOM   169 C CA  . ALA A 1 27 ? -2.954  2.105   -16.251 1.00 15.78 ? 118 ALA A CA  1 
ATOM   170 C C   . ALA A 1 27 ? -2.147  1.349   -15.207 1.00 20.27 ? 118 ALA A C   1 
ATOM   171 O O   . ALA A 1 27 ? -1.400  1.939   -14.423 1.00 18.43 ? 118 ALA A O   1 
ATOM   172 C CB  . ALA A 1 27 ? -2.318  1.947   -17.638 1.00 20.47 ? 118 ALA A CB  1 
ATOM   173 N N   . GLY A 1 28 ? -2.304  0.028   -15.206 1.00 15.93 ? 119 GLY A N   1 
ATOM   174 C CA  . GLY A 1 28 ? -1.558  -0.807  -14.287 1.00 14.90 ? 119 GLY A CA  1 
ATOM   175 C C   . GLY A 1 28 ? -2.109  -0.766  -12.878 1.00 12.97 ? 119 GLY A C   1 
ATOM   176 O O   . GLY A 1 28 ? -3.322  -0.840  -12.683 1.00 13.74 ? 119 GLY A O   1 
ATOM   177 N N   . TYR A 1 29 ? -1.233  -0.636  -11.888 1.00 11.59 ? 120 TYR A N   1 
ATOM   178 C CA  . TYR A 1 29 ? -1.615  -0.682  -10.487 1.00 11.25 ? 120 TYR A CA  1 
ATOM   179 C C   . TYR A 1 29 ? -1.503  0.698   -9.853  1.00 9.63  ? 120 TYR A C   1 
ATOM   180 O O   . TYR A 1 29 ? -0.682  1.528   -10.258 1.00 11.29 ? 120 TYR A O   1 
ATOM   181 C CB  . TYR A 1 29 ? -0.701  -1.637  -9.719  1.00 11.05 ? 120 TYR A CB  1 
ATOM   182 C CG  . TYR A 1 29 ? -0.782  -3.078  -10.177 1.00 12.72 ? 120 TYR A CG  1 
ATOM   183 C CD1 . TYR A 1 29 ? -0.031  -3.533  -11.255 1.00 18.06 ? 120 TYR A CD1 1 
ATOM   184 C CD2 . TYR A 1 29 ? -1.623  -3.983  -9.536  1.00 11.21 ? 120 TYR A CD2 1 
ATOM   185 C CE1 . TYR A 1 29 ? -0.112  -4.854  -11.674 1.00 18.91 ? 120 TYR A CE1 1 
ATOM   186 C CE2 . TYR A 1 29 ? -1.699  -5.308  -9.939  1.00 13.61 ? 120 TYR A CE2 1 
ATOM   187 C CZ  . TYR A 1 29 ? -0.947  -5.732  -11.009 1.00 15.35 ? 120 TYR A CZ  1 
ATOM   188 O OH  . TYR A 1 29 ? -1.032  -7.047  -11.414 1.00 20.59 ? 120 TYR A OH  1 
ATOM   189 N N   . ALA A 1 30 ? -2.314  0.927   -8.827  1.00 8.46  ? 121 ALA A N   1 
ATOM   190 C CA  . ALA A 1 30 ? -2.112  2.104   -8.000  1.00 8.79  ? 121 ALA A CA  1 
ATOM   191 C C   . ALA A 1 30 ? -0.803  1.951   -7.235  1.00 7.03  ? 121 ALA A C   1 
ATOM   192 O O   . ALA A 1 30 ? -0.335  0.837   -6.984  1.00 8.95  ? 121 ALA A O   1 
ATOM   193 C CB  . ALA A 1 30 ? -3.284  2.267   -7.035  1.00 10.18 ? 121 ALA A CB  1 
ATOM   194 N N   . PHE A 1 31 ? -0.197  3.078   -6.876  1.00 6.30  ? 122 PHE A N   1 
ATOM   195 C CA  . PHE A 1 31 ? 1.095   3.033   -6.209  1.00 7.05  ? 122 PHE A CA  1 
ATOM   196 C C   . PHE A 1 31 ? 1.132   4.005   -5.043  1.00 5.71  ? 122 PHE A C   1 
ATOM   197 O O   . PHE A 1 31 ? 0.341   4.945   -4.940  1.00 5.82  ? 122 PHE A O   1 
ATOM   198 C CB  . PHE A 1 31 ? 2.254   3.302   -7.173  1.00 8.93  ? 122 PHE A CB  1 
ATOM   199 C CG  . PHE A 1 31 ? 2.237   4.676   -7.754  1.00 12.93 ? 122 PHE A CG  1 
ATOM   200 C CD1 . PHE A 1 31 ? 1.511   4.959   -8.900  1.00 15.87 ? 122 PHE A CD1 1 
ATOM   201 C CD2 . PHE A 1 31 ? 2.944   5.694   -7.146  1.00 15.71 ? 122 PHE A CD2 1 
ATOM   202 C CE1 . PHE A 1 31 ? 1.499   6.243   -9.429  1.00 17.77 ? 122 PHE A CE1 1 
ATOM   203 C CE2 . PHE A 1 31 ? 2.938   6.971   -7.668  1.00 20.39 ? 122 PHE A CE2 1 
ATOM   204 C CZ  . PHE A 1 31 ? 2.213   7.242   -8.808  1.00 20.26 ? 122 PHE A CZ  1 
ATOM   205 N N   . ILE A 1 32 ? 2.086   3.748   -4.158  1.00 5.98  ? 123 ILE A N   1 
ATOM   206 C CA  . ILE A 1 32 ? 2.258   4.530   -2.945  1.00 6.09  ? 123 ILE A CA  1 
ATOM   207 C C   . ILE A 1 32 ? 3.147   5.716   -3.281  1.00 6.44  ? 123 ILE A C   1 
ATOM   208 O O   . ILE A 1 32 ? 4.332   5.560   -3.594  1.00 8.41  ? 123 ILE A O   1 
ATOM   209 C CB  . ILE A 1 32 ? 2.846   3.685   -1.813  1.00 7.44  ? 123 ILE A CB  1 
ATOM   210 C CG1 . ILE A 1 32 ? 1.886   2.550   -1.479  1.00 7.43  ? 123 ILE A CG1 1 
ATOM   211 C CG2 . ILE A 1 32 ? 3.099   4.542   -0.582  1.00 8.61  ? 123 ILE A CG2 1 
ATOM   212 C CD1 . ILE A 1 32 ? 2.425   1.567   -0.463  1.00 11.16 ? 123 ILE A CD1 1 
ATOM   213 N N   . LYS A 1 33 ? 2.573   6.906   -3.212  1.00 6.25  ? 124 LYS A N   1 
ATOM   214 C CA  . LYS A 1 33 ? 3.283   8.133   -3.521  1.00 7.89  ? 124 LYS A CA  1 
ATOM   215 C C   . LYS A 1 33 ? 3.980   8.705   -2.298  1.00 5.68  ? 124 LYS A C   1 
ATOM   216 O O   . LYS A 1 33 ? 5.086   9.245   -2.411  1.00 7.90  ? 124 LYS A O   1 
ATOM   217 C CB  . LYS A 1 33 ? 2.281   9.149   -4.069  1.00 10.01 ? 124 LYS A CB  1 
ATOM   218 C CG  . LYS A 1 33 ? 2.889   10.368  -4.716  1.00 11.25 ? 124 LYS A CG  1 
ATOM   219 C CD  . LYS A 1 33 ? 1.790   11.261  -5.275  1.00 16.43 ? 124 LYS A CD  1 
ATOM   220 C CE  . LYS A 1 33 ? 2.366   12.485  -5.968  1.00 21.05 ? 124 LYS A CE  1 
ATOM   221 N NZ  . LYS A 1 33 ? 3.157   12.107  -7.173  1.00 29.59 ? 124 LYS A NZ  1 
ATOM   222 N N   . LYS A 1 34 ? 3.344   8.610   -1.129  1.00 5.70  ? 125 LYS A N   1 
ATOM   223 C CA  . LYS A 1 34 ? 3.919   9.110   0.111   1.00 5.93  ? 125 LYS A CA  1 
ATOM   224 C C   . LYS A 1 34 ? 3.490   8.205   1.249   1.00 5.51  ? 125 LYS A C   1 
ATOM   225 O O   . LYS A 1 34 ? 2.414   7.600   1.211   1.00 5.08  ? 125 LYS A O   1 
ATOM   226 C CB  . LYS A 1 34 ? 3.450   10.535  0.447   1.00 6.81  ? 125 LYS A CB  1 
ATOM   227 C CG  . LYS A 1 34 ? 3.696   11.556  -0.660  1.00 10.45 ? 125 LYS A CG  1 
ATOM   228 C CD  . LYS A 1 34 ? 3.232   12.954  -0.285  1.00 12.99 ? 125 LYS A CD  1 
ATOM   229 C CE  . LYS A 1 34 ? 3.568   13.949  -1.391  1.00 17.51 ? 125 LYS A CE  1 
ATOM   230 N NZ  . LYS A 1 34 ? 3.223   15.350  -1.013  1.00 19.45 ? 125 LYS A NZ  1 
ATOM   231 N N   . ILE A 1 35 ? 4.340   8.134   2.266   1.00 5.11  ? 126 ILE A N   1 
ATOM   232 C CA  . ILE A 1 35 ? 4.023   7.477   3.524   1.00 5.41  ? 126 ILE A CA  1 
ATOM   233 C C   . ILE A 1 35 ? 4.326   8.478   4.622   1.00 4.64  ? 126 ILE A C   1 
ATOM   234 O O   . ILE A 1 35 ? 5.480   8.882   4.800   1.00 6.88  ? 126 ILE A O   1 
ATOM   235 C CB  . ILE A 1 35 ? 4.835   6.188   3.724   1.00 4.81  ? 126 ILE A CB  1 
ATOM   236 C CG1 . ILE A 1 35 ? 4.516   5.192   2.603   1.00 5.73  ? 126 ILE A CG1 1 
ATOM   237 C CG2 . ILE A 1 35 ? 4.508   5.587   5.089   1.00 6.64  ? 126 ILE A CG2 1 
ATOM   238 C CD1 . ILE A 1 35 ? 5.357   3.919   2.654   1.00 7.83  ? 126 ILE A CD1 1 
ATOM   239 N N   . ARG A 1 36 ? 3.297   8.892   5.348   1.00 4.73  ? 127 ARG A N   1 
ATOM   240 C CA  . ARG A 1 36 ? 3.448   9.960   6.320   1.00 5.29  ? 127 ARG A CA  1 
ATOM   241 C C   . ARG A 1 36 ? 4.309   9.505   7.493   1.00 5.34  ? 127 ARG A C   1 
ATOM   242 O O   . ARG A 1 36 ? 4.174   8.389   7.991   1.00 5.63  ? 127 ARG A O   1 
ATOM   243 C CB  . ARG A 1 36 ? 2.070   10.371  6.818   1.00 4.73  ? 127 ARG A CB  1 
ATOM   244 C CG  . ARG A 1 36 ? 2.071   11.601  7.721   1.00 6.06  ? 127 ARG A CG  1 
ATOM   245 C CD  . ARG A 1 36 ? 0.661   12.046  8.087   1.00 6.23  ? 127 ARG A CD  1 
ATOM   246 N NE  . ARG A 1 36 ? -0.145  12.399  6.923   1.00 6.22  ? 127 ARG A NE  1 
ATOM   247 C CZ  . ARG A 1 36 ? -0.192  13.610  6.382   1.00 5.95  ? 127 ARG A CZ  1 
ATOM   248 N NH1 . ARG A 1 36 ? 0.553   14.600  6.868   1.00 7.61  ? 127 ARG A NH1 1 
ATOM   249 N NH2 . ARG A 1 36 ? -0.974  13.826  5.332   1.00 8.91  ? 127 ARG A NH2 1 
ATOM   250 N N   A GLU A 1 37 ? 5.211   10.385  7.918   0.51 6.07  ? 128 GLU A N   1 
ATOM   251 N N   B GLU A 1 37 ? 5.206   10.385  7.930   0.49 6.09  ? 128 GLU A N   1 
ATOM   252 C CA  A GLU A 1 37 ? 6.023   10.129  9.100   0.51 6.58  ? 128 GLU A CA  1 
ATOM   253 C CA  B GLU A 1 37 ? 6.025   10.096  9.100   0.49 6.60  ? 128 GLU A CA  1 
ATOM   254 C C   A GLU A 1 37 ? 5.133   9.870   10.309  0.51 6.87  ? 128 GLU A C   1 
ATOM   255 C C   B GLU A 1 37 ? 5.149   9.789   10.306  0.49 6.85  ? 128 GLU A C   1 
ATOM   256 O O   A GLU A 1 37 ? 4.078   10.490  10.465  0.51 6.82  ? 128 GLU A O   1 
ATOM   257 O O   B GLU A 1 37 ? 4.089   10.393  10.495  0.49 6.78  ? 128 GLU A O   1 
ATOM   258 C CB  A GLU A 1 37 ? 6.920   11.341  9.362   0.51 10.71 ? 128 GLU A CB  1 
ATOM   259 C CB  B GLU A 1 37 ? 6.921   11.291  9.423   0.49 10.69 ? 128 GLU A CB  1 
ATOM   260 C CG  A GLU A 1 37 ? 7.796   11.243  10.602  0.51 11.81 ? 128 GLU A CG  1 
ATOM   261 C CG  B GLU A 1 37 ? 8.163   11.402  8.564   0.49 16.37 ? 128 GLU A CG  1 
ATOM   262 C CD  A GLU A 1 37 ? 8.656   12.478  10.810  0.51 17.36 ? 128 GLU A CD  1 
ATOM   263 C CD  B GLU A 1 37 ? 9.063   12.550  8.993   0.49 22.32 ? 128 GLU A CD  1 
ATOM   264 O OE1 A GLU A 1 37 ? 9.483   12.477  11.747  0.51 23.42 ? 128 GLU A OE1 1 
ATOM   265 O OE1 B GLU A 1 37 ? 8.783   13.173  10.039  0.49 25.61 ? 128 GLU A OE1 1 
ATOM   266 O OE2 A GLU A 1 37 ? 8.506   13.451  10.041  0.51 24.65 ? 128 GLU A OE2 1 
ATOM   267 O OE2 B GLU A 1 37 ? 10.048  12.831  8.280   0.49 27.74 ? 128 GLU A OE2 1 
ATOM   268 N N   A ASP A 1 38 ? 5.561   8.935   11.164  0.51 6.79  ? 129 ASP A N   1 
ATOM   269 N N   B ASP A 1 38 ? 5.607   8.841   11.127  0.49 6.65  ? 129 ASP A N   1 
ATOM   270 C CA  A ASP A 1 38 ? 4.843   8.602   12.398  0.51 7.29  ? 129 ASP A CA  1 
ATOM   271 C CA  B ASP A 1 38 ? 4.939   8.487   12.380  0.49 7.30  ? 129 ASP A CA  1 
ATOM   272 C C   A ASP A 1 38 ? 3.409   8.166   12.104  0.51 6.87  ? 129 ASP A C   1 
ATOM   273 C C   B ASP A 1 38 ? 3.478   8.104   12.153  0.49 6.74  ? 129 ASP A C   1 
ATOM   274 O O   A ASP A 1 38 ? 2.441   8.707   12.646  0.51 8.44  ? 129 ASP A O   1 
ATOM   275 O O   B ASP A 1 38 ? 2.560   8.623   12.792  0.49 9.46  ? 129 ASP A O   1 
ATOM   276 C CB  A ASP A 1 38 ? 4.896   9.749   13.418  0.51 8.84  ? 129 ASP A CB  1 
ATOM   277 C CB  B ASP A 1 38 ? 5.096   9.584   13.438  0.49 10.39 ? 129 ASP A CB  1 
ATOM   278 C CG  A ASP A 1 38 ? 4.318   9.366   14.779  0.51 11.11 ? 129 ASP A CG  1 
ATOM   279 C CG  B ASP A 1 38 ? 6.545   9.794   13.843  0.49 12.25 ? 129 ASP A CG  1 
ATOM   280 O OD1 A ASP A 1 38 ? 4.236   8.159   15.088  0.51 11.20 ? 129 ASP A OD1 1 
ATOM   281 O OD1 B ASP A 1 38 ? 7.276   8.793   13.998  0.49 12.41 ? 129 ASP A OD1 1 
ATOM   282 O OD2 A ASP A 1 38 ? 3.951   10.280  15.549  0.51 12.67 ? 129 ASP A OD2 1 
ATOM   283 O OD2 B ASP A 1 38 ? 6.961   10.959  13.994  0.49 16.01 ? 129 ASP A OD2 1 
ATOM   284 N N   . SER A 1 39 ? 3.271   7.185   11.215  1.00 6.85  ? 130 SER A N   1 
ATOM   285 C CA  . SER A 1 39 ? 1.963   6.659   10.863  1.00 6.52  ? 130 SER A CA  1 
ATOM   286 C C   . SER A 1 39 ? 1.993   5.144   10.954  1.00 5.21  ? 130 SER A C   1 
ATOM   287 O O   . SER A 1 39 ? 3.052   4.524   11.094  1.00 5.94  ? 130 SER A O   1 
ATOM   288 C CB  . SER A 1 39 ? 1.555   7.076   9.446   1.00 6.30  ? 130 SER A CB  1 
ATOM   289 O OG  . SER A 1 39 ? 2.396   6.482   8.464   1.00 5.74  ? 130 SER A OG  1 
ATOM   290 N N   . ILE A 1 40 ? 0.812   4.541   10.843  1.00 5.12  ? 131 ILE A N   1 
ATOM   291 C CA  . ILE A 1 40 ? 0.741   3.086   10.805  1.00 5.72  ? 131 ILE A CA  1 
ATOM   292 C C   . ILE A 1 40 ? 1.645   2.545   9.701   1.00 5.25  ? 131 ILE A C   1 
ATOM   293 O O   . ILE A 1 40 ? 2.418   1.602   9.905   1.00 6.40  ? 131 ILE A O   1 
ATOM   294 C CB  . ILE A 1 40 ? -0.716  2.632   10.628  1.00 5.20  ? 131 ILE A CB  1 
ATOM   295 C CG1 . ILE A 1 40 ? -1.537  2.977   11.877  1.00 6.54  ? 131 ILE A CG1 1 
ATOM   296 C CG2 . ILE A 1 40 ? -0.762  1.147   10.352  1.00 7.88  ? 131 ILE A CG2 1 
ATOM   297 C CD1 . ILE A 1 40 ? -3.031  2.820   11.682  1.00 6.88  ? 131 ILE A CD1 1 
ATOM   298 N N   A MET A 1 41 ? 1.581   3.154   8.518   0.48 5.23  ? 132 MET A N   1 
ATOM   299 N N   B MET A 1 41 ? 1.582   3.144   8.513   0.52 5.20  ? 132 MET A N   1 
ATOM   300 C CA  A MET A 1 41 ? 2.326   2.621   7.386   0.48 5.59  ? 132 MET A CA  1 
ATOM   301 C CA  B MET A 1 41 ? 2.336   2.569   7.407   0.52 5.61  ? 132 MET A CA  1 
ATOM   302 C C   A MET A 1 41 ? 3.807   2.941   7.448   0.48 5.16  ? 132 MET A C   1 
ATOM   303 C C   B MET A 1 41 ? 3.813   2.941   7.434   0.52 5.18  ? 132 MET A C   1 
ATOM   304 O O   A MET A 1 41 ? 4.620   2.151   6.959   0.48 5.84  ? 132 MET A O   1 
ATOM   305 O O   B MET A 1 41 ? 4.635   2.180   6.915   0.52 5.90  ? 132 MET A O   1 
ATOM   306 C CB  A MET A 1 41 ? 1.696   3.081   6.077   0.48 5.66  ? 132 MET A CB  1 
ATOM   307 C CB  B MET A 1 41 ? 1.666   2.873   6.069   0.52 6.53  ? 132 MET A CB  1 
ATOM   308 C CG  A MET A 1 41 ? 0.469   2.256   5.756   0.48 6.78  ? 132 MET A CG  1 
ATOM   309 C CG  B MET A 1 41 ? 0.272   2.242   5.931   0.52 6.10  ? 132 MET A CG  1 
ATOM   310 S SD  A MET A 1 41 ? 0.902   0.560   5.307   0.48 7.43  ? 132 MET A SD  1 
ATOM   311 S SD  B MET A 1 41 ? 0.162   0.432   6.039   0.52 8.32  ? 132 MET A SD  1 
ATOM   312 C CE  A MET A 1 41 ? -0.718  -0.195  5.318   0.48 9.13  ? 132 MET A CE  1 
ATOM   313 C CE  B MET A 1 41 ? 1.238   -0.045  4.693   0.52 12.97 ? 132 MET A CE  1 
ATOM   314 N N   . SER A 1 42 ? 4.192   4.068   8.042   1.00 4.95  ? 133 SER A N   1 
ATOM   315 C CA  . SER A 1 42 ? 5.623   4.317   8.215   1.00 5.94  ? 133 SER A CA  1 
ATOM   316 C C   . SER A 1 42 ? 6.255   3.269   9.122   1.00 4.69  ? 133 SER A C   1 
ATOM   317 O O   . SER A 1 42 ? 7.455   2.986   9.007   1.00 6.37  ? 133 SER A O   1 
ATOM   318 C CB  . SER A 1 42 ? 5.897   5.718   8.748   1.00 6.01  ? 133 SER A CB  1 
ATOM   319 O OG  . SER A 1 42 ? 5.554   5.827   10.117  1.00 6.46  ? 133 SER A OG  1 
ATOM   320 N N   . ARG A 1 43 ? 5.462   2.665   10.002  1.00 5.07  ? 134 ARG A N   1 
ATOM   321 C CA  . ARG A 1 43 ? 5.955   1.655   10.930  1.00 6.21  ? 134 ARG A CA  1 
ATOM   322 C C   . ARG A 1 43 ? 5.959   0.250   10.349  1.00 5.26  ? 134 ARG A C   1 
ATOM   323 O O   . ARG A 1 43 ? 6.471   -0.677  11.001  1.00 6.48  ? 134 ARG A O   1 
ATOM   324 C CB  . ARG A 1 43 ? 5.165   1.692   12.243  1.00 6.93  ? 134 ARG A CB  1 
ATOM   325 C CG  . ARG A 1 43 ? 5.518   2.896   13.094  1.00 9.48  ? 134 ARG A CG  1 
ATOM   326 C CD  . ARG A 1 43 ? 4.816   2.871   14.439  1.00 9.71  ? 134 ARG A CD  1 
ATOM   327 N NE  . ARG A 1 43 ? 3.416   3.267   14.355  1.00 9.88  ? 134 ARG A NE  1 
ATOM   328 C CZ  . ARG A 1 43 ? 3.004   4.529   14.395  1.00 8.62  ? 134 ARG A CZ  1 
ATOM   329 N NH1 . ARG A 1 43 ? 3.881   5.509   14.496  1.00 9.02  ? 134 ARG A NH1 1 
ATOM   330 N NH2 . ARG A 1 43 ? 1.711   4.804   14.329  1.00 10.59 ? 134 ARG A NH2 1 
ATOM   331 N N   . VAL A 1 44 ? 5.438   0.055   9.144   1.00 5.73  ? 135 VAL A N   1 
ATOM   332 C CA  . VAL A 1 44 ? 5.451   -1.265  8.522   1.00 6.90  ? 135 VAL A CA  1 
ATOM   333 C C   . VAL A 1 44 ? 6.821   -1.493  7.889   1.00 6.81  ? 135 VAL A C   1 
ATOM   334 O O   . VAL A 1 44 ? 7.265   -0.722  7.033   1.00 6.94  ? 135 VAL A O   1 
ATOM   335 C CB  . VAL A 1 44 ? 4.321   -1.398  7.494   1.00 7.21  ? 135 VAL A CB  1 
ATOM   336 C CG1 . VAL A 1 44 ? 4.477   -2.685  6.702   1.00 11.26 ? 135 VAL A CG1 1 
ATOM   337 C CG2 . VAL A 1 44 ? 2.961   -1.353  8.189   1.00 7.18  ? 135 VAL A CG2 1 
ATOM   338 N N   . ALA A 1 45 ? 7.493   -2.567  8.311   1.00 7.23  ? 136 ALA A N   1 
ATOM   339 C CA  . ALA A 1 45 ? 8.902   -2.752  7.970   1.00 7.85  ? 136 ALA A CA  1 
ATOM   340 C C   . ALA A 1 45 ? 9.133   -2.887  6.474   1.00 9.19  ? 136 ALA A C   1 
ATOM   341 O O   . ALA A 1 45 ? 10.177  -2.456  5.974   1.00 12.37 ? 136 ALA A O   1 
ATOM   342 C CB  . ALA A 1 45 ? 9.461   -3.984  8.681   1.00 9.13  ? 136 ALA A CB  1 
ATOM   343 N N   . ASN A 1 46 ? 8.194   -3.491  5.750   1.00 8.42  ? 137 ASN A N   1 
ATOM   344 C CA  . ASN A 1 46 ? 8.432   -3.927  4.378   1.00 9.78  ? 137 ASN A CA  1 
ATOM   345 C C   . ASN A 1 46 ? 7.530   -3.237  3.353   1.00 9.44  ? 137 ASN A C   1 
ATOM   346 O O   . ASN A 1 46 ? 7.168   -3.844  2.342   1.00 11.20 ? 137 ASN A O   1 
ATOM   347 C CB  . ASN A 1 46 ? 8.312   -5.450  4.274   1.00 11.45 ? 137 ASN A CB  1 
ATOM   348 C CG  . ASN A 1 46 ? 6.914   -5.955  4.612   1.00 10.61 ? 137 ASN A CG  1 
ATOM   349 O OD1 . ASN A 1 46 ? 6.151   -5.301  5.321   1.00 12.80 ? 137 ASN A OD1 1 
ATOM   350 N ND2 . ASN A 1 46 ? 6.572   -7.134  4.098   1.00 12.30 ? 137 ASN A ND2 1 
ATOM   351 N N   . VAL A 1 47 ? 7.166   -1.977  3.577   1.00 7.16  ? 138 VAL A N   1 
ATOM   352 C CA  . VAL A 1 47 ? 6.430   -1.185  2.598   1.00 8.12  ? 138 VAL A CA  1 
ATOM   353 C C   . VAL A 1 47 ? 7.175   0.124   2.401   1.00 6.75  ? 138 VAL A C   1 
ATOM   354 O O   . VAL A 1 47 ? 7.686   0.701   3.366   1.00 7.24  ? 138 VAL A O   1 
ATOM   355 C CB  . VAL A 1 47 ? 4.963   -0.939  3.019   1.00 8.69  ? 138 VAL A CB  1 
ATOM   356 C CG1 . VAL A 1 47 ? 4.861   0.021   4.193   1.00 12.62 ? 138 VAL A CG1 1 
ATOM   357 C CG2 . VAL A 1 47 ? 4.161   -0.407  1.846   1.00 11.29 ? 138 VAL A CG2 1 
ATOM   358 N N   . ALA A 1 48 ? 7.241   0.591   1.158   1.00 6.96  ? 139 ALA A N   1 
ATOM   359 C CA  . ALA A 1 48 ? 8.012   1.785   0.851   1.00 7.42  ? 139 ALA A CA  1 
ATOM   360 C C   . ALA A 1 48 ? 7.313   2.614   -0.213  1.00 7.11  ? 139 ALA A C   1 
ATOM   361 O O   . ALA A 1 48 ? 6.550   2.099   -1.034  1.00 6.96  ? 139 ALA A O   1 
ATOM   362 C CB  . ALA A 1 48 ? 9.414   1.435   0.343   1.00 9.91  ? 139 ALA A CB  1 
ATOM   363 N N   . VAL A 1 49 ? 7.612   3.916   -0.199  1.00 7.63  ? 140 VAL A N   1 
ATOM   364 C CA  . VAL A 1 49 ? 7.202   4.788   -1.289  1.00 7.87  ? 140 VAL A CA  1 
ATOM   365 C C   . VAL A 1 49 ? 7.658   4.178   -2.601  1.00 6.83  ? 140 VAL A C   1 
ATOM   366 O O   . VAL A 1 49 ? 8.780   3.669   -2.716  1.00 7.60  ? 140 VAL A O   1 
ATOM   367 C CB  . VAL A 1 49 ? 7.795   6.195   -1.087  1.00 7.66  ? 140 VAL A CB  1 
ATOM   368 C CG1 . VAL A 1 49 ? 7.642   7.032   -2.345  1.00 10.73 ? 140 VAL A CG1 1 
ATOM   369 C CG2 . VAL A 1 49 ? 7.137   6.884   0.098   1.00 11.28 ? 140 VAL A CG2 1 
ATOM   370 N N   . GLY A 1 50 ? 6.774   4.201   -3.590  1.00 7.08  ? 141 GLY A N   1 
ATOM   371 C CA  . GLY A 1 50 ? 7.034   3.632   -4.889  1.00 9.88  ? 141 GLY A CA  1 
ATOM   372 C C   . GLY A 1 50 ? 6.427   2.262   -5.100  1.00 9.67  ? 141 GLY A C   1 
ATOM   373 O O   . GLY A 1 50 ? 6.242   1.850   -6.251  1.00 11.40 ? 141 GLY A O   1 
ATOM   374 N N   . ASP A 1 51 ? 6.111   1.543   -4.025  1.00 8.00  ? 142 ASP A N   1 
ATOM   375 C CA  . ASP A 1 51 ? 5.541   0.213   -4.170  1.00 6.95  ? 142 ASP A CA  1 
ATOM   376 C C   . ASP A 1 51 ? 4.172   0.302   -4.830  1.00 7.87  ? 142 ASP A C   1 
ATOM   377 O O   . ASP A 1 51 ? 3.398   1.237   -4.584  1.00 9.19  ? 142 ASP A O   1 
ATOM   378 C CB  . ASP A 1 51 ? 5.390   -0.453  -2.799  1.00 8.11  ? 142 ASP A CB  1 
ATOM   379 C CG  . ASP A 1 51 ? 6.712   -0.905  -2.206  1.00 9.36  ? 142 ASP A CG  1 
ATOM   380 O OD1 . ASP A 1 51 ? 7.730   -0.921  -2.919  1.00 10.08 ? 142 ASP A OD1 1 
ATOM   381 O OD2 . ASP A 1 51 ? 6.722   -1.269  -1.007  1.00 11.07 ? 142 ASP A OD2 1 
ATOM   382 N N   . HIS A 1 52 ? 3.877   -0.668  -5.674  1.00 7.26  ? 143 HIS A N   1 
ATOM   383 C CA  . HIS A 1 52 ? 2.551   -0.798  -6.251  1.00 7.40  ? 143 HIS A CA  1 
ATOM   384 C C   . HIS A 1 52 ? 1.695   -1.701  -5.370  1.00 7.02  ? 143 HIS A C   1 
ATOM   385 O O   . HIS A 1 52 ? 2.194   -2.643  -4.744  1.00 7.84  ? 143 HIS A O   1 
ATOM   386 C CB  . HIS A 1 52 ? 2.639   -1.345  -7.678  1.00 13.15 ? 143 HIS A CB  1 
ATOM   387 C CG  . HIS A 1 52 ? 3.111   -0.332  -8.679  1.00 16.87 ? 143 HIS A CG  1 
ATOM   388 N ND1 . HIS A 1 52 ? 4.446   -0.072  -8.905  1.00 26.70 ? 143 HIS A ND1 1 
ATOM   389 C CD2 . HIS A 1 52 ? 2.422   0.504   -9.493  1.00 17.87 ? 143 HIS A CD2 1 
ATOM   390 C CE1 . HIS A 1 52 ? 4.561   0.869   -9.826  1.00 27.69 ? 143 HIS A CE1 1 
ATOM   391 N NE2 . HIS A 1 52 ? 3.347   1.240   -10.196 1.00 21.19 ? 143 HIS A NE2 1 
ATOM   392 N N   . ILE A 1 53 ? 0.401   -1.401  -5.310  1.00 6.68  ? 144 ILE A N   1 
ATOM   393 C CA  . ILE A 1 53 ? -0.540  -2.180  -4.514  1.00 6.42  ? 144 ILE A CA  1 
ATOM   394 C C   . ILE A 1 53 ? -1.219  -3.168  -5.450  1.00 6.32  ? 144 ILE A C   1 
ATOM   395 O O   . ILE A 1 53 ? -2.067  -2.791  -6.266  1.00 7.99  ? 144 ILE A O   1 
ATOM   396 C CB  . ILE A 1 53 ? -1.547  -1.283  -3.786  1.00 6.89  ? 144 ILE A CB  1 
ATOM   397 C CG1 . ILE A 1 53 ? -0.798  -0.340  -2.848  1.00 7.58  ? 144 ILE A CG1 1 
ATOM   398 C CG2 . ILE A 1 53 ? -2.544  -2.146  -3.012  1.00 8.90  ? 144 ILE A CG2 1 
ATOM   399 C CD1 . ILE A 1 53 ? -1.676  0.725   -2.215  1.00 10.87 ? 144 ILE A CD1 1 
ATOM   400 N N   . ALA A 1 54 ? -0.860  -4.441  -5.332  1.00 6.07  ? 145 ALA A N   1 
ATOM   401 C CA  . ALA A 1 54 ? -1.369  -5.459  -6.240  1.00 6.49  ? 145 ALA A CA  1 
ATOM   402 C C   . ALA A 1 54 ? -2.670  -6.080  -5.755  1.00 5.81  ? 145 ALA A C   1 
ATOM   403 O O   . ALA A 1 54 ? -3.541  -6.396  -6.575  1.00 6.47  ? 145 ALA A O   1 
ATOM   404 C CB  . ALA A 1 54 ? -0.322  -6.557  -6.439  1.00 8.28  ? 145 ALA A CB  1 
ATOM   405 N N   . LYS A 1 55 ? -2.803  -6.275  -4.446  1.00 5.56  ? 146 LYS A N   1 
ATOM   406 C CA  . LYS A 1 55 ? -3.982  -6.905  -3.866  1.00 5.11  ? 146 LYS A CA  1 
ATOM   407 C C   . LYS A 1 55 ? -4.210  -6.351  -2.470  1.00 5.25  ? 146 LYS A C   1 
ATOM   408 O O   . LYS A 1 55 ? -3.266  -5.972  -1.774  1.00 6.01  ? 146 LYS A O   1 
ATOM   409 C CB  . LYS A 1 55 ? -3.833  -8.426  -3.724  1.00 7.23  ? 146 LYS A CB  1 
ATOM   410 C CG  . LYS A 1 55 ? -3.619  -9.177  -5.014  1.00 8.23  ? 146 LYS A CG  1 
ATOM   411 C CD  . LYS A 1 55 ? -3.841  -10.672 -4.849  1.00 11.42 ? 146 LYS A CD  1 
ATOM   412 C CE  . LYS A 1 55 ? -3.629  -11.380 -6.180  1.00 15.64 ? 146 LYS A CE  1 
ATOM   413 N NZ  . LYS A 1 55 ? -3.801  -12.853 -6.066  1.00 18.35 ? 146 LYS A NZ  1 
ATOM   414 N N   . ILE A 1 56 ? -5.473  -6.344  -2.055  1.00 4.56  ? 147 ILE A N   1 
ATOM   415 C CA  . ILE A 1 56 ? -5.853  -6.126  -0.667  1.00 5.02  ? 147 ILE A CA  1 
ATOM   416 C C   . ILE A 1 56 ? -6.795  -7.251  -0.287  1.00 4.75  ? 147 ILE A C   1 
ATOM   417 O O   . ILE A 1 56 ? -7.783  -7.489  -0.990  1.00 5.05  ? 147 ILE A O   1 
ATOM   418 C CB  . ILE A 1 56 ? -6.545  -4.768  -0.461  1.00 5.62  ? 147 ILE A CB  1 
ATOM   419 C CG1 . ILE A 1 56 ? -5.572  -3.623  -0.726  1.00 6.12  ? 147 ILE A CG1 1 
ATOM   420 C CG2 . ILE A 1 56 ? -7.131  -4.683  0.950   1.00 6.85  ? 147 ILE A CG2 1 
ATOM   421 C CD1 . ILE A 1 56 ? -6.282  -2.292  -0.918  1.00 7.25  ? 147 ILE A CD1 1 
ATOM   422 N N   . ASN A 1 57 ? -6.471  -7.964  0.791   1.00 5.54  ? 148 ASN A N   1 
ATOM   423 C CA  . ASN A 1 57 ? -7.313  -9.055  1.281   1.00 6.51  ? 148 ASN A CA  1 
ATOM   424 C C   . ASN A 1 57 ? -7.693  -10.024 0.161   1.00 6.79  ? 148 ASN A C   1 
ATOM   425 O O   . ASN A 1 57 ? -8.838  -10.475 0.058   1.00 8.27  ? 148 ASN A O   1 
ATOM   426 C CB  . ASN A 1 57 ? -8.544  -8.519  2.010   1.00 7.78  ? 148 ASN A CB  1 
ATOM   427 C CG  . ASN A 1 57 ? -8.187  -7.858  3.314   1.00 6.50  ? 148 ASN A CG  1 
ATOM   428 O OD1 . ASN A 1 57 ? -7.232  -8.264  3.972   1.00 7.87  ? 148 ASN A OD1 1 
ATOM   429 N ND2 . ASN A 1 57 ? -8.944  -6.832  3.695   1.00 9.30  ? 148 ASN A ND2 1 
ATOM   430 N N   . GLY A 1 58 ? -6.722  -10.334 -0.695  1.00 6.63  ? 149 GLY A N   1 
ATOM   431 C CA  . GLY A 1 58 ? -6.911  -11.293 -1.765  1.00 8.07  ? 149 GLY A CA  1 
ATOM   432 C C   . GLY A 1 58 ? -7.577  -10.768 -3.017  1.00 7.15  ? 149 GLY A C   1 
ATOM   433 O O   . GLY A 1 58 ? -7.672  -11.511 -4.003  1.00 7.85  ? 149 GLY A O   1 
ATOM   434 N N   . THR A 1 59 ? -8.062  -9.530  -3.014  1.00 6.08  ? 150 THR A N   1 
ATOM   435 C CA  . THR A 1 59 ? -8.714  -8.957  -4.183  1.00 6.50  ? 150 THR A CA  1 
ATOM   436 C C   . THR A 1 59 ? -7.676  -8.471  -5.183  1.00 5.30  ? 150 THR A C   1 
ATOM   437 O O   . THR A 1 59 ? -6.780  -7.707  -4.824  1.00 6.31  ? 150 THR A O   1 
ATOM   438 C CB  . THR A 1 59 ? -9.552  -7.761  -3.753  1.00 6.75  ? 150 THR A CB  1 
ATOM   439 O OG1 . THR A 1 59 ? -10.485 -8.174  -2.756  1.00 7.97  ? 150 THR A OG1 1 
ATOM   440 C CG2 . THR A 1 59 ? -10.303 -7.190  -4.942  1.00 8.38  ? 150 THR A CG2 1 
ATOM   441 N N   . ASP A 1 60 ? -7.815  -8.882  -6.441  1.00 6.52  ? 151 ASP A N   1 
ATOM   442 C CA  . ASP A 1 60 ? -6.913  -8.446  -7.504  1.00 5.79  ? 151 ASP A CA  1 
ATOM   443 C C   . ASP A 1 60 ? -7.193  -6.984  -7.837  1.00 6.50  ? 151 ASP A C   1 
ATOM   444 O O   . ASP A 1 60 ? -8.308  -6.633  -8.230  1.00 7.42  ? 151 ASP A O   1 
ATOM   445 C CB  . ASP A 1 60 ? -7.169  -9.328  -8.728  1.00 7.70  ? 151 ASP A CB  1 
ATOM   446 C CG  . ASP A 1 60 ? -6.232  -9.046  -9.890  1.00 8.41  ? 151 ASP A CG  1 
ATOM   447 O OD1 . ASP A 1 60 ? -5.341  -8.188  -9.778  1.00 8.91  ? 151 ASP A OD1 1 
ATOM   448 O OD2 . ASP A 1 60 ? -6.393  -9.722  -10.934 1.00 9.25  ? 151 ASP A OD2 1 
ATOM   449 N N   . LEU A 1 61 ? -6.189  -6.125  -7.689  1.00 5.69  ? 152 LEU A N   1 
ATOM   450 C CA  . LEU A 1 61 ? -6.358  -4.700  -7.946  1.00 5.60  ? 152 LEU A CA  1 
ATOM   451 C C   . LEU A 1 61 ? -5.660  -4.251  -9.223  1.00 6.62  ? 152 LEU A C   1 
ATOM   452 O O   . LEU A 1 61 ? -5.469  -3.047  -9.436  1.00 6.16  ? 152 LEU A O   1 
ATOM   453 C CB  . LEU A 1 61 ? -5.940  -3.872  -6.731  1.00 6.11  ? 152 LEU A CB  1 
ATOM   454 C CG  . LEU A 1 61 ? -6.779  -4.209  -5.497  1.00 7.06  ? 152 LEU A CG  1 
ATOM   455 C CD1 . LEU A 1 61 ? -6.204  -3.549  -4.262  1.00 8.21  ? 152 LEU A CD1 1 
ATOM   456 C CD2 . LEU A 1 61 ? -8.223  -3.793  -5.685  1.00 8.19  ? 152 LEU A CD2 1 
ATOM   457 N N   . ASN A 1 62 ? -5.297  -5.196  -10.087 1.00 7.23  ? 153 ASN A N   1 
ATOM   458 C CA  . ASN A 1 62 ? -4.773  -4.833  -11.397 1.00 7.96  ? 153 ASN A CA  1 
ATOM   459 C C   . ASN A 1 62 ? -5.791  -3.999  -12.165 1.00 8.06  ? 153 ASN A C   1 
ATOM   460 O O   . ASN A 1 62 ? -6.969  -4.351  -12.250 1.00 9.52  ? 153 ASN A O   1 
ATOM   461 C CB  . ASN A 1 62 ? -4.425  -6.101  -12.171 1.00 9.62  ? 153 ASN A CB  1 
ATOM   462 C CG  . ASN A 1 62 ? -3.684  -5.815  -13.460 1.00 12.16 ? 153 ASN A CG  1 
ATOM   463 O OD1 . ASN A 1 62 ? -3.132  -4.728  -13.651 1.00 14.50 ? 153 ASN A OD1 1 
ATOM   464 N ND2 . ASN A 1 62 ? -3.661  -6.795  -14.350 1.00 17.97 ? 153 ASN A ND2 1 
ATOM   465 N N   . GLY A 1 63 ? -5.333  -2.880  -12.724 1.00 7.96  ? 154 GLY A N   1 
ATOM   466 C CA  . GLY A 1 63 ? -6.193  -1.996  -13.475 1.00 10.54 ? 154 GLY A CA  1 
ATOM   467 C C   . GLY A 1 63 ? -7.020  -1.043  -12.644 1.00 9.22  ? 154 GLY A C   1 
ATOM   468 O O   . GLY A 1 63 ? -7.685  -0.169  -13.212 1.00 13.00 ? 154 GLY A O   1 
ATOM   469 N N   . CYS A 1 64 ? -7.007  -1.166  -11.321 1.00 7.66  ? 155 CYS A N   1 
ATOM   470 C CA  . CYS A 1 64 ? -7.867  -0.339  -10.491 1.00 7.71  ? 155 CYS A CA  1 
ATOM   471 C C   . CYS A 1 64 ? -7.278  1.051   -10.288 1.00 7.38  ? 155 CYS A C   1 
ATOM   472 O O   . CYS A 1 64 ? -6.075  1.211   -10.063 1.00 9.86  ? 155 CYS A O   1 
ATOM   473 C CB  . CYS A 1 64 ? -8.095  -1.017  -9.144  1.00 7.50  ? 155 CYS A CB  1 
ATOM   474 S SG  . CYS A 1 64 ? -9.007  -2.565  -9.291  1.00 7.91  ? 155 CYS A SG  1 
ATOM   475 N N   . ARG A 1 65 ? -8.144  2.055   -10.335 1.00 7.19  ? 156 ARG A N   1 
ATOM   476 C CA  A ARG A 1 65 ? -7.719  3.427   -10.118 0.50 7.08  ? 156 ARG A CA  1 
ATOM   477 C CA  B ARG A 1 65 ? -7.723  3.428   -10.118 0.50 7.09  ? 156 ARG A CA  1 
ATOM   478 C C   . ARG A 1 65 ? -7.445  3.665   -8.638  1.00 6.09  ? 156 ARG A C   1 
ATOM   479 O O   . ARG A 1 65 ? -7.937  2.945   -7.759  1.00 7.00  ? 156 ARG A O   1 
ATOM   480 C CB  A ARG A 1 65 ? -8.804  4.395   -10.588 0.50 9.54  ? 156 ARG A CB  1 
ATOM   481 C CB  B ARG A 1 65 ? -8.815  4.391   -10.582 0.50 9.54  ? 156 ARG A CB  1 
ATOM   482 C CG  A ARG A 1 65 ? -9.010  4.430   -12.094 0.50 12.37 ? 156 ARG A CG  1 
ATOM   483 C CG  B ARG A 1 65 ? -9.284  4.181   -12.018 0.50 12.14 ? 156 ARG A CG  1 
ATOM   484 C CD  A ARG A 1 65 ? -8.074  5.417   -12.769 0.50 13.81 ? 156 ARG A CD  1 
ATOM   485 C CD  B ARG A 1 65 ? -8.146  4.365   -13.004 0.50 18.40 ? 156 ARG A CD  1 
ATOM   486 N NE  A ARG A 1 65 ? -8.708  6.714   -13.016 0.50 10.91 ? 156 ARG A NE  1 
ATOM   487 N NE  B ARG A 1 65 ? -8.442  3.772   -14.308 0.50 18.53 ? 156 ARG A NE  1 
ATOM   488 C CZ  A ARG A 1 65 ? -8.321  7.861   -12.470 0.50 14.78 ? 156 ARG A CZ  1 
ATOM   489 C CZ  B ARG A 1 65 ? -8.478  4.442   -15.456 0.50 18.60 ? 156 ARG A CZ  1 
ATOM   490 N NH1 A ARG A 1 65 ? -7.292  7.893   -11.632 0.50 16.32 ? 156 ARG A NH1 1 
ATOM   491 N NH1 B ARG A 1 65 ? -8.226  5.745   -15.490 0.50 12.64 ? 156 ARG A NH1 1 
ATOM   492 N NH2 A ARG A 1 65 ? -8.962  8.982   -12.771 0.50 9.72  ? 156 ARG A NH2 1 
ATOM   493 N NH2 B ARG A 1 65 ? -8.756  3.800   -16.583 0.50 18.86 ? 156 ARG A NH2 1 
ATOM   494 N N   . HIS A 1 66 ? -6.664  4.713   -8.361  1.00 5.44  ? 157 HIS A N   1 
ATOM   495 C CA  . HIS A 1 66 ? -6.332  4.996   -6.974  1.00 6.40  ? 157 HIS A CA  1 
ATOM   496 C C   . HIS A 1 66 ? -7.570  5.244   -6.131  1.00 6.28  ? 157 HIS A C   1 
ATOM   497 O O   . HIS A 1 66 ? -7.571  4.914   -4.943  1.00 7.14  ? 157 HIS A O   1 
ATOM   498 C CB  . HIS A 1 66 ? -5.311  6.134   -6.838  1.00 6.34  ? 157 HIS A CB  1 
ATOM   499 C CG  . HIS A 1 66 ? -5.833  7.495   -7.190  1.00 5.58  ? 157 HIS A CG  1 
ATOM   500 N ND1 . HIS A 1 66 ? -6.639  8.235   -6.355  1.00 6.50  ? 157 HIS A ND1 1 
ATOM   501 C CD2 . HIS A 1 66 ? -5.603  8.269   -8.276  1.00 6.13  ? 157 HIS A CD2 1 
ATOM   502 C CE1 . HIS A 1 66 ? -6.919  9.390   -6.932  1.00 6.33  ? 157 HIS A CE1 1 
ATOM   503 N NE2 . HIS A 1 66 ? -6.301  9.437   -8.098  1.00 7.28  ? 157 HIS A NE2 1 
ATOM   504 N N   . PHE A 1 67 ? -8.636  5.807   -6.706  1.00 6.51  ? 158 PHE A N   1 
ATOM   505 C CA  . PHE A 1 67 ? -9.813  6.029   -5.874  1.00 7.20  ? 158 PHE A CA  1 
ATOM   506 C C   . PHE A 1 67 ? -10.492 4.720   -5.487  1.00 6.05  ? 158 PHE A C   1 
ATOM   507 O O   . PHE A 1 67 ? -11.116 4.645   -4.427  1.00 6.17  ? 158 PHE A O   1 
ATOM   508 C CB  . PHE A 1 67 ? -10.782 7.044   -6.489  1.00 9.09  ? 158 PHE A CB  1 
ATOM   509 C CG  . PHE A 1 67 ? -11.382 6.622   -7.797  1.00 10.13 ? 158 PHE A CG  1 
ATOM   510 C CD1 . PHE A 1 67 ? -12.515 5.831   -7.839  1.00 11.40 ? 158 PHE A CD1 1 
ATOM   511 C CD2 . PHE A 1 67 ? -10.845 7.077   -8.986  1.00 14.27 ? 158 PHE A CD2 1 
ATOM   512 C CE1 . PHE A 1 67 ? -13.071 5.469   -9.059  1.00 16.10 ? 158 PHE A CE1 1 
ATOM   513 C CE2 . PHE A 1 67 ? -11.392 6.722   -10.195 1.00 18.08 ? 158 PHE A CE2 1 
ATOM   514 C CZ  . PHE A 1 67 ? -12.497 5.921   -10.234 1.00 13.58 ? 158 PHE A CZ  1 
ATOM   515 N N   . GLU A 1 68 ? -10.367 3.678   -6.323  1.00 6.28  ? 159 GLU A N   1 
ATOM   516 C CA  . GLU A 1 68 ? -10.948 2.373   -5.994  1.00 6.13  ? 159 GLU A CA  1 
ATOM   517 C C   . GLU A 1 68 ? -10.137 1.666   -4.919  1.00 5.64  ? 159 GLU A C   1 
ATOM   518 O O   . GLU A 1 68 ? -10.702 1.072   -3.989  1.00 5.99  ? 159 GLU A O   1 
ATOM   519 C CB  . GLU A 1 68 ? -11.041 1.513   -7.257  1.00 6.87  ? 159 GLU A CB  1 
ATOM   520 C CG  . GLU A 1 68 ? -11.945 2.128   -8.308  1.00 8.12  ? 159 GLU A CG  1 
ATOM   521 C CD  . GLU A 1 68 ? -11.929 1.402   -9.634  1.00 7.47  ? 159 GLU A CD  1 
ATOM   522 O OE1 . GLU A 1 68 ? -10.839 1.012   -10.103 1.00 9.99  ? 159 GLU A OE1 1 
ATOM   523 O OE2 . GLU A 1 68 ? -13.026 1.213   -10.199 1.00 8.93  ? 159 GLU A OE2 1 
ATOM   524 N N   . VAL A 1 69 ? -8.811  1.702   -5.046  1.00 5.48  ? 160 VAL A N   1 
ATOM   525 C CA  . VAL A 1 69 ? -7.933  1.123   -4.037  1.00 5.51  ? 160 VAL A CA  1 
ATOM   526 C C   . VAL A 1 69 ? -8.087  1.871   -2.719  1.00 5.46  ? 160 VAL A C   1 
ATOM   527 O O   . VAL A 1 69 ? -8.162  1.265   -1.640  1.00 5.53  ? 160 VAL A O   1 
ATOM   528 C CB  . VAL A 1 69 ? -6.485  1.148   -4.562  1.00 5.64  ? 160 VAL A CB  1 
ATOM   529 C CG1 . VAL A 1 69 ? -5.526  0.626   -3.511  1.00 6.94  ? 160 VAL A CG1 1 
ATOM   530 C CG2 . VAL A 1 69 ? -6.373  0.335   -5.844  1.00 5.98  ? 160 VAL A CG2 1 
ATOM   531 N N   . ALA A 1 70 ? -8.171  3.201   -2.794  1.00 5.59  ? 161 ALA A N   1 
ATOM   532 C CA  . ALA A 1 70 ? -8.338  4.002   -1.589  1.00 6.10  ? 161 ALA A CA  1 
ATOM   533 C C   . ALA A 1 70 ? -9.636  3.663   -0.888  1.00 5.47  ? 161 ALA A C   1 
ATOM   534 O O   . ALA A 1 70 ? -9.672  3.545   0.340   1.00 5.72  ? 161 ALA A O   1 
ATOM   535 C CB  . ALA A 1 70 ? -8.312  5.488   -1.941  1.00 7.99  ? 161 ALA A CB  1 
ATOM   536 N N   . ARG A 1 71 ? -10.720 3.530   -1.652  1.00 5.79  ? 162 ARG A N   1 
ATOM   537 C CA  . ARG A 1 71 ? -11.997 3.145   -1.064  1.00 5.62  ? 162 ARG A CA  1 
ATOM   538 C C   . ARG A 1 71 ? -11.885 1.833   -0.299  1.00 4.97  ? 162 ARG A C   1 
ATOM   539 O O   . ARG A 1 71 ? -12.416 1.701   0.811   1.00 5.44  ? 162 ARG A O   1 
ATOM   540 C CB  . ARG A 1 71 ? -13.034 3.016   -2.171  1.00 6.30  ? 162 ARG A CB  1 
ATOM   541 C CG  . ARG A 1 71 ? -14.331 2.398   -1.717  1.00 6.57  ? 162 ARG A CG  1 
ATOM   542 C CD  . ARG A 1 71 ? -15.298 2.301   -2.872  1.00 7.13  ? 162 ARG A CD  1 
ATOM   543 N NE  . ARG A 1 71 ? -16.436 1.448   -2.554  1.00 6.74  ? 162 ARG A NE  1 
ATOM   544 C CZ  . ARG A 1 71 ? -17.359 1.102   -3.446  1.00 6.28  ? 162 ARG A CZ  1 
ATOM   545 N NH1 . ARG A 1 71 ? -17.258 1.540   -4.698  1.00 7.62  ? 162 ARG A NH1 1 
ATOM   546 N NH2 . ARG A 1 71 ? -18.360 0.299   -3.097  1.00 6.67  ? 162 ARG A NH2 1 
ATOM   547 N N   . MET A 1 72 ? -11.179 0.857   -0.869  1.00 5.37  ? 163 MET A N   1 
ATOM   548 C CA  . MET A 1 72 ? -11.054 -0.438  -0.217  1.00 5.14  ? 163 MET A CA  1 
ATOM   549 C C   . MET A 1 72 ? -10.308 -0.329  1.108   1.00 5.33  ? 163 MET A C   1 
ATOM   550 O O   . MET A 1 72 ? -10.687 -0.966  2.097   1.00 6.03  ? 163 MET A O   1 
ATOM   551 C CB  . MET A 1 72 ? -10.383 -1.419  -1.170  1.00 5.88  ? 163 MET A CB  1 
ATOM   552 C CG  . MET A 1 72 ? -10.393 -2.856  -0.666  1.00 7.26  ? 163 MET A CG  1 
ATOM   553 S SD  . MET A 1 72 ? -10.086 -4.068  -1.959  1.00 7.53  ? 163 MET A SD  1 
ATOM   554 C CE  . MET A 1 72 ? -11.647 -3.981  -2.838  1.00 9.46  ? 163 MET A CE  1 
ATOM   555 N N   . LEU A 1 73 ? -9.241  0.474   1.150   1.00 4.43  ? 164 LEU A N   1 
ATOM   556 C CA  . LEU A 1 73 ? -8.506  0.672   2.397   1.00 4.91  ? 164 LEU A CA  1 
ATOM   557 C C   . LEU A 1 73 ? -9.325  1.471   3.400   1.00 4.34  ? 164 LEU A C   1 
ATOM   558 O O   . LEU A 1 73 ? -9.311  1.179   4.603   1.00 4.98  ? 164 LEU A O   1 
ATOM   559 C CB  . LEU A 1 73 ? -7.193  1.390   2.095   1.00 5.27  ? 164 LEU A CB  1 
ATOM   560 C CG  . LEU A 1 73 ? -6.178  0.559   1.317   1.00 5.22  ? 164 LEU A CG  1 
ATOM   561 C CD1 . LEU A 1 73 ? -5.027  1.437   0.857   1.00 8.15  ? 164 LEU A CD1 1 
ATOM   562 C CD2 . LEU A 1 73 ? -5.660  -0.584  2.161   1.00 7.33  ? 164 LEU A CD2 1 
ATOM   563 N N   . LYS A 1 74 ? -10.041 2.489   2.918   1.00 4.49  ? 165 LYS A N   1 
ATOM   564 C CA  . LYS A 1 74 ? -10.835 3.344   3.787   1.00 5.16  ? 165 LYS A CA  1 
ATOM   565 C C   . LYS A 1 74 ? -11.948 2.560   4.465   1.00 3.91  ? 165 LYS A C   1 
ATOM   566 O O   . LYS A 1 74 ? -12.262 2.799   5.636   1.00 5.39  ? 165 LYS A O   1 
ATOM   567 C CB  . LYS A 1 74 ? -11.422 4.468   2.936   1.00 5.56  ? 165 LYS A CB  1 
ATOM   568 C CG  . LYS A 1 74 ? -12.283 5.469   3.680   1.00 8.33  ? 165 LYS A CG  1 
ATOM   569 C CD  . LYS A 1 74 ? -12.807 6.548   2.736   1.00 8.29  ? 165 LYS A CD  1 
ATOM   570 C CE  . LYS A 1 74 ? -11.679 7.328   2.097   1.00 10.82 ? 165 LYS A CE  1 
ATOM   571 N NZ  . LYS A 1 74 ? -12.213 8.349   1.138   1.00 11.83 ? 165 LYS A NZ  1 
ATOM   572 N N   . GLU A 1 75 ? -12.558 1.620   3.736   1.00 4.93  ? 166 GLU A N   1 
ATOM   573 C CA  . GLU A 1 75 ? -13.701 0.882   4.256   1.00 5.78  ? 166 GLU A CA  1 
ATOM   574 C C   . GLU A 1 75 ? -13.332 -0.120  5.338   1.00 5.26  ? 166 GLU A C   1 
ATOM   575 O O   . GLU A 1 75 ? -14.204 -0.506  6.122   1.00 6.77  ? 166 GLU A O   1 
ATOM   576 C CB  . GLU A 1 75 ? -14.454 0.191   3.119   1.00 5.16  ? 166 GLU A CB  1 
ATOM   577 C CG  . GLU A 1 75 ? -15.240 1.190   2.298   1.00 5.53  ? 166 GLU A CG  1 
ATOM   578 C CD  . GLU A 1 75 ? -15.865 0.628   1.027   1.00 6.30  ? 166 GLU A CD  1 
ATOM   579 O OE1 . GLU A 1 75 ? -15.686 -0.574  0.701   1.00 5.64  ? 166 GLU A OE1 1 
ATOM   580 O OE2 . GLU A 1 75 ? -16.546 1.410   0.336   1.00 6.20  ? 166 GLU A OE2 1 
ATOM   581 N N   . ILE A 1 76 ? -12.076 -0.549  5.409   1.00 5.27  ? 167 ILE A N   1 
ATOM   582 C CA  . ILE A 1 76 ? -11.656 -1.516  6.426   1.00 5.52  ? 167 ILE A CA  1 
ATOM   583 C C   . ILE A 1 76 ? -12.021 -0.986  7.805   1.00 5.70  ? 167 ILE A C   1 
ATOM   584 O O   . ILE A 1 76 ? -11.633 0.135   8.155   1.00 5.59  ? 167 ILE A O   1 
ATOM   585 C CB  . ILE A 1 76 ? -10.153 -1.802  6.336   1.00 5.36  ? 167 ILE A CB  1 
ATOM   586 C CG1 . ILE A 1 76 ? -9.823  -2.475  5.000   1.00 7.30  ? 167 ILE A CG1 1 
ATOM   587 C CG2 . ILE A 1 76 ? -9.699  -2.649  7.528   1.00 6.67  ? 167 ILE A CG2 1 
ATOM   588 C CD1 . ILE A 1 76 ? -8.355  -2.558  4.697   1.00 8.21  ? 167 ILE A CD1 1 
ATOM   589 N N   . PRO A 1 77 ? -12.770 -1.734  8.613   1.00 6.54  ? 168 PRO A N   1 
ATOM   590 C CA  . PRO A 1 77 ? -13.158 -1.215  9.928   1.00 6.62  ? 168 PRO A CA  1 
ATOM   591 C C   . PRO A 1 77 ? -11.954 -1.036  10.838  1.00 7.48  ? 168 PRO A C   1 
ATOM   592 O O   . PRO A 1 77 ? -11.009 -1.828  10.825  1.00 7.24  ? 168 PRO A O   1 
ATOM   593 C CB  . PRO A 1 77 ? -14.114 -2.284  10.470  1.00 8.95  ? 168 PRO A CB  1 
ATOM   594 C CG  . PRO A 1 77 ? -14.637 -2.979  9.243   1.00 12.17 ? 168 PRO A CG  1 
ATOM   595 C CD  . PRO A 1 77 ? -13.475 -2.986  8.287   1.00 8.03  ? 168 PRO A CD  1 
ATOM   596 N N   . ILE A 1 78 ? -11.999 0.028   11.638  1.00 6.36  ? 169 ILE A N   1 
ATOM   597 C CA  . ILE A 1 78 ? -10.958 0.257   12.625  1.00 7.13  ? 169 ILE A CA  1 
ATOM   598 C C   . ILE A 1 78 ? -10.906 -0.927  13.577  1.00 7.32  ? 169 ILE A C   1 
ATOM   599 O O   . ILE A 1 78 ? -11.941 -1.446  14.023  1.00 8.43  ? 169 ILE A O   1 
ATOM   600 C CB  . ILE A 1 78 ? -11.222 1.587   13.349  1.00 7.55  ? 169 ILE A CB  1 
ATOM   601 C CG1 . ILE A 1 78 ? -11.084 2.751   12.367  1.00 8.12  ? 169 ILE A CG1 1 
ATOM   602 C CG2 . ILE A 1 78 ? -10.275 1.751   14.525  1.00 10.12 ? 169 ILE A CG2 1 
ATOM   603 C CD1 . ILE A 1 78 ? -11.565 4.063   12.920  1.00 8.67  ? 169 ILE A CD1 1 
ATOM   604 N N   . GLY A 1 79 ? -9.688  -1.374  13.874  1.00 6.99  ? 170 GLY A N   1 
ATOM   605 C CA  . GLY A 1 79 ? -9.458  -2.537  14.698  1.00 8.86  ? 170 GLY A CA  1 
ATOM   606 C C   . GLY A 1 79 ? -9.227  -3.806  13.915  1.00 9.84  ? 170 GLY A C   1 
ATOM   607 O O   . GLY A 1 79 ? -8.801  -4.812  14.500  1.00 12.80 ? 170 GLY A O   1 
ATOM   608 N N   . SER A 1 80 ? -9.478  -3.785  12.614  1.00 8.57  ? 171 SER A N   1 
ATOM   609 C CA  . SER A 1 80 ? -9.308  -4.963  11.783  1.00 9.20  ? 171 SER A CA  1 
ATOM   610 C C   . SER A 1 80 ? -7.870  -5.100  11.324  1.00 8.10  ? 171 SER A C   1 
ATOM   611 O O   . SER A 1 80 ? -7.193  -4.111  11.039  1.00 8.65  ? 171 SER A O   1 
ATOM   612 C CB  . SER A 1 80 ? -10.169 -4.838  10.528  1.00 11.55 ? 171 SER A CB  1 
ATOM   613 O OG  . SER A 1 80 ? -11.534 -4.673  10.844  1.00 21.63 ? 171 SER A OG  1 
ATOM   614 N N   . GLU A 1 81 ? -7.419  -6.338  11.229  1.00 8.08  ? 172 GLU A N   1 
ATOM   615 C CA  A GLU A 1 81 ? -6.214  -6.638  10.477  0.50 9.03  ? 172 GLU A CA  1 
ATOM   616 C CA  B GLU A 1 81 ? -6.219  -6.659  10.482  0.50 9.08  ? 172 GLU A CA  1 
ATOM   617 C C   . GLU A 1 81 ? -6.566  -6.719  8.999   1.00 8.47  ? 172 GLU A C   1 
ATOM   618 O O   . GLU A 1 81 ? -7.701  -7.034  8.624   1.00 11.70 ? 172 GLU A O   1 
ATOM   619 C CB  A GLU A 1 81 ? -5.634  -7.981  10.917  0.50 12.02 ? 172 GLU A CB  1 
ATOM   620 C CB  B GLU A 1 81 ? -5.729  -8.033  10.938  0.50 12.00 ? 172 GLU A CB  1 
ATOM   621 C CG  A GLU A 1 81 ? -5.312  -8.069  12.399  0.50 18.32 ? 172 GLU A CG  1 
ATOM   622 C CG  B GLU A 1 81 ? -4.401  -8.483  10.395  0.50 15.46 ? 172 GLU A CG  1 
ATOM   623 C CD  A GLU A 1 81 ? -4.784  -9.432  12.804  0.50 21.66 ? 172 GLU A CD  1 
ATOM   624 C CD  B GLU A 1 81 ? -4.119  -9.923  10.767  0.50 17.86 ? 172 GLU A CD  1 
ATOM   625 O OE1 A GLU A 1 81 ? -4.286  -10.164 11.924  0.50 22.17 ? 172 GLU A OE1 1 
ATOM   626 O OE1 B GLU A 1 81 ? -4.380  -10.812 9.931   0.50 18.70 ? 172 GLU A OE1 1 
ATOM   627 O OE2 A GLU A 1 81 ? -4.875  -9.772  14.004  0.50 25.38 ? 172 GLU A OE2 1 
ATOM   628 O OE2 B GLU A 1 81 ? -3.654  -10.166 11.901  0.50 19.91 ? 172 GLU A OE2 1 
ATOM   629 N N   . PHE A 1 82 ? -5.594  -6.401  8.151   1.00 7.28  ? 173 PHE A N   1 
ATOM   630 C CA  . PHE A 1 82 ? -5.763  -6.591  6.720   1.00 7.02  ? 173 PHE A CA  1 
ATOM   631 C C   . PHE A 1 82 ? -4.427  -6.992  6.127   1.00 6.10  ? 173 PHE A C   1 
ATOM   632 O O   . PHE A 1 82 ? -3.367  -6.774  6.723   1.00 7.50  ? 173 PHE A O   1 
ATOM   633 C CB  . PHE A 1 82 ? -6.353  -5.359  6.012   1.00 7.61  ? 173 PHE A CB  1 
ATOM   634 C CG  . PHE A 1 82 ? -5.428  -4.159  5.970   1.00 6.78  ? 173 PHE A CG  1 
ATOM   635 C CD1 . PHE A 1 82 ? -5.343  -3.295  7.048   1.00 7.33  ? 173 PHE A CD1 1 
ATOM   636 C CD2 . PHE A 1 82 ? -4.671  -3.889  4.837   1.00 7.61  ? 173 PHE A CD2 1 
ATOM   637 C CE1 . PHE A 1 82 ? -4.505  -2.184  6.997   1.00 8.61  ? 173 PHE A CE1 1 
ATOM   638 C CE2 . PHE A 1 82 ? -3.833  -2.775  4.780   1.00 8.48  ? 173 PHE A CE2 1 
ATOM   639 C CZ  . PHE A 1 82 ? -3.751  -1.929  5.862   1.00 9.70  ? 173 PHE A CZ  1 
ATOM   640 N N   A THR A 1 83 ? -4.490  -7.582  4.938   0.50 6.76  ? 174 THR A N   1 
ATOM   641 N N   B THR A 1 83 ? -4.492  -7.581  4.937   0.50 6.76  ? 174 THR A N   1 
ATOM   642 C CA  A THR A 1 83 ? -3.303  -7.962  4.190   0.50 8.31  ? 174 THR A CA  1 
ATOM   643 C CA  B THR A 1 83 ? -3.296  -7.923  4.190   0.50 8.31  ? 174 THR A CA  1 
ATOM   644 C C   A THR A 1 83 ? -3.272  -7.203  2.871   0.50 7.44  ? 174 THR A C   1 
ATOM   645 C C   B THR A 1 83 ? -3.276  -7.143  2.890   0.50 7.44  ? 174 THR A C   1 
ATOM   646 O O   A THR A 1 83 ? -4.310  -6.939  2.261   0.50 8.85  ? 174 THR A O   1 
ATOM   647 O O   B THR A 1 83 ? -4.318  -6.836  2.304   0.50 8.51  ? 174 THR A O   1 
ATOM   648 C CB  A THR A 1 83 ? -3.257  -9.477  3.962   0.50 8.00  ? 174 THR A CB  1 
ATOM   649 C CB  B THR A 1 83 ? -3.228  -9.419  3.868   0.50 7.93  ? 174 THR A CB  1 
ATOM   650 O OG1 A THR A 1 83 ? -3.120  -10.140 5.224   0.50 10.49 ? 174 THR A OG1 1 
ATOM   651 O OG1 B THR A 1 83 ? -4.347  -9.780  3.045   0.50 9.73  ? 174 THR A OG1 1 
ATOM   652 C CG2 A THR A 1 83 ? -2.077  -9.870  3.086   0.50 17.37 ? 174 THR A CG2 1 
ATOM   653 C CG2 B THR A 1 83 ? -3.252  -10.225 5.149   0.50 15.59 ? 174 THR A CG2 1 
ATOM   654 N N   . MET A 1 84 ? -2.070  -6.828  2.447   1.00 7.98  ? 175 MET A N   1 
ATOM   655 C CA  . MET A 1 84 ? -1.879  -6.085  1.217   1.00 9.51  ? 175 MET A CA  1 
ATOM   656 C C   . MET A 1 84 ? -0.654  -6.666  0.540   1.00 11.35 ? 175 MET A C   1 
ATOM   657 O O   . MET A 1 84 ? 0.376   -6.869  1.192   1.00 13.50 ? 175 MET A O   1 
ATOM   658 C CB  . MET A 1 84 ? -1.679  -4.603  1.546   1.00 12.36 ? 175 MET A CB  1 
ATOM   659 C CG  . MET A 1 84 ? -1.631  -3.686  0.347   1.00 12.45 ? 175 MET A CG  1 
ATOM   660 S SD  . MET A 1 84 ? -1.773  -1.973  0.882   1.00 15.35 ? 175 MET A SD  1 
ATOM   661 C CE  . MET A 1 84 ? -0.338  -1.812  1.946   1.00 17.00 ? 175 MET A CE  1 
ATOM   662 N N   . ILE A 1 85 ? -0.775  -6.987  -0.739  1.00 9.55  ? 176 ILE A N   1 
ATOM   663 C CA  . ILE A 1 85 ? 0.355   -7.453  -1.526  1.00 10.23 ? 176 ILE A CA  1 
ATOM   664 C C   . ILE A 1 85 ? 0.908   -6.251  -2.263  1.00 7.81  ? 176 ILE A C   1 
ATOM   665 O O   . ILE A 1 85 ? 0.190   -5.600  -3.035  1.00 8.13  ? 176 ILE A O   1 
ATOM   666 C CB  . ILE A 1 85 ? -0.056  -8.561  -2.506  1.00 11.11 ? 176 ILE A CB  1 
ATOM   667 C CG1 . ILE A 1 85 ? -0.723  -9.714  -1.758  1.00 14.01 ? 176 ILE A CG1 1 
ATOM   668 C CG2 . ILE A 1 85 ? 1.158   -9.047  -3.274  1.00 13.80 ? 176 ILE A CG2 1 
ATOM   669 C CD1 . ILE A 1 85 ? 0.170   -10.385 -0.742  1.00 22.79 ? 176 ILE A CD1 1 
ATOM   670 N N   . CYS A 1 86 ? 2.170   -5.939  -2.000  1.00 8.72  ? 177 CYS A N   1 
ATOM   671 C CA  . CYS A 1 86 ? 2.857   -4.822  -2.621  1.00 10.52 ? 177 CYS A CA  1 
ATOM   672 C C   . CYS A 1 86 ? 3.957   -5.363  -3.521  1.00 10.12 ? 177 CYS A C   1 
ATOM   673 O O   . CYS A 1 86 ? 4.553   -6.408  -3.242  1.00 15.19 ? 177 CYS A O   1 
ATOM   674 C CB  . CYS A 1 86 ? 3.449   -3.894  -1.560  1.00 11.57 ? 177 CYS A CB  1 
ATOM   675 S SG  . CYS A 1 86 ? 2.185   -3.063  -0.562  1.00 14.19 ? 177 CYS A SG  1 
ATOM   676 N N   . VAL A 1 87 ? 4.204   -4.662  -4.623  1.00 9.03  ? 178 VAL A N   1 
ATOM   677 C CA  . VAL A 1 87 ? 5.225   -5.054  -5.586  1.00 9.24  ? 178 VAL A CA  1 
ATOM   678 C C   . VAL A 1 87 ? 6.199   -3.900  -5.742  1.00 8.02  ? 178 VAL A C   1 
ATOM   679 O O   . VAL A 1 87 ? 5.792   -2.770  -6.033  1.00 8.83  ? 178 VAL A O   1 
ATOM   680 C CB  . VAL A 1 87 ? 4.613   -5.440  -6.943  1.00 10.23 ? 178 VAL A CB  1 
ATOM   681 C CG1 . VAL A 1 87 ? 5.704   -5.878  -7.901  1.00 12.02 ? 178 VAL A CG1 1 
ATOM   682 C CG2 . VAL A 1 87 ? 3.584   -6.545  -6.767  1.00 17.59 ? 178 VAL A CG2 1 
ATOM   683 N N   . GLU A 1 88 ? 7.466   -4.179  -5.537  1.00 8.17  ? 179 GLU A N   1 
ATOM   684 C CA  . GLU A 1 88 ? 8.477   -3.143  -5.655  1.00 10.99 ? 179 GLU A CA  1 
ATOM   685 C C   . GLU A 1 88 ? 8.818   -2.918  -7.123  1.00 8.79  ? 179 GLU A C   1 
ATOM   686 O O   . GLU A 1 88 ? 8.946   -3.878  -7.888  1.00 11.70 ? 179 GLU A O   1 
ATOM   687 C CB  . GLU A 1 88 ? 9.746   -3.568  -4.928  1.00 14.47 ? 179 GLU A CB  1 
ATOM   688 C CG  . GLU A 1 88 ? 9.549   -3.900  -3.471  1.00 22.12 ? 179 GLU A CG  1 
ATOM   689 C CD  . GLU A 1 88 ? 10.861  -3.979  -2.720  1.00 32.90 ? 179 GLU A CD  1 
ATOM   690 O OE1 . GLU A 1 88 ? 11.891  -3.540  -3.281  1.00 35.02 ? 179 GLU A OE1 1 
ATOM   691 O OE2 . GLU A 1 88 ? 10.864  -4.473  -1.572  1.00 21.77 ? 179 GLU A OE2 1 
ATOM   692 N N   . PRO A 1 89 ? 8.982   -1.671  -7.553  1.00 12.02 ? 180 PRO A N   1 
ATOM   693 C CA  . PRO A 1 89 ? 9.475   -1.431  -8.911  1.00 11.84 ? 180 PRO A CA  1 
ATOM   694 C C   . PRO A 1 89 ? 10.951  -1.784  -9.008  1.00 9.20  ? 180 PRO A C   1 
ATOM   695 O O   . PRO A 1 89 ? 11.669  -1.872  -8.010  1.00 11.61 ? 180 PRO A O   1 
ATOM   696 C CB  . PRO A 1 89 ? 9.246   0.070   -9.107  1.00 18.73 ? 180 PRO A CB  1 
ATOM   697 C CG  . PRO A 1 89 ? 9.338   0.626   -7.745  1.00 24.30 ? 180 PRO A CG  1 
ATOM   698 C CD  . PRO A 1 89 ? 8.728   -0.414  -6.831  1.00 19.84 ? 180 PRO A CD  1 
ATOM   699 N N   . LYS A 1 90 ? 11.404  -2.011  -10.236 1.00 8.67  ? 181 LYS A N   1 
ATOM   700 C CA  . LYS A 1 90 ? 12.801  -2.348  -10.487 1.00 8.53  ? 181 LYS A CA  1 
ATOM   701 C C   . LYS A 1 90 ? 13.579  -1.050  -10.611 1.00 6.66  ? 181 LYS A C   1 
ATOM   702 O O   . LYS A 1 90 ? 13.457  -0.337  -11.615 1.00 7.98  ? 181 LYS A O   1 
ATOM   703 C CB  . LYS A 1 90 ? 12.934  -3.192  -11.749 1.00 10.80 ? 181 LYS A CB  1 
ATOM   704 C CG  . LYS A 1 90 ? 12.394  -4.608  -11.601 1.00 14.12 ? 181 LYS A CG  1 
ATOM   705 C CD  . LYS A 1 90 ? 12.431  -5.358  -12.922 1.00 23.32 ? 181 LYS A CD  1 
ATOM   706 C CE  . LYS A 1 90 ? 13.838  -5.418  -13.494 1.00 30.88 ? 181 LYS A CE  1 
ATOM   707 N NZ  . LYS A 1 90 ? 14.723  -6.346  -12.736 1.00 38.16 ? 181 LYS A NZ  1 
ATOM   708 N N   . LYS A 1 91 ? 14.351  -0.725  -9.586  1.00 7.18  ? 182 LYS A N   1 
ATOM   709 C CA  . LYS A 1 91 ? 15.142  0.492   -9.545  1.00 6.47  ? 182 LYS A CA  1 
ATOM   710 C C   . LYS A 1 91 ? 16.612  0.140   -9.345  1.00 6.33  ? 182 LYS A C   1 
ATOM   711 O O   . LYS A 1 91 ? 16.971  -1.007  -9.052  1.00 7.96  ? 182 LYS A O   1 
ATOM   712 C CB  . LYS A 1 91 ? 14.636  1.436   -8.448  1.00 7.23  ? 182 LYS A CB  1 
ATOM   713 C CG  . LYS A 1 91 ? 13.203  1.925   -8.674  1.00 7.01  ? 182 LYS A CG  1 
ATOM   714 C CD  . LYS A 1 91 ? 13.066  2.751   -9.963  1.00 6.70  ? 182 LYS A CD  1 
ATOM   715 C CE  . LYS A 1 91 ? 11.652  3.292   -10.148 1.00 6.84  ? 182 LYS A CE  1 
ATOM   716 N NZ  . LYS A 1 91 ? 11.584  4.162   -11.363 1.00 7.37  ? 182 LYS A NZ  1 
ATOM   717 N N   . SER A 1 92 ? 17.479  1.128   -9.532  1.00 6.54  ? 183 SER A N   1 
ATOM   718 C CA  . SER A 1 92 ? 18.909  0.867   -9.466  1.00 5.78  ? 183 SER A CA  1 
ATOM   719 C C   . SER A 1 92 ? 19.340  0.464   -8.059  1.00 6.06  ? 183 SER A C   1 
ATOM   720 O O   . SER A 1 92 ? 18.712  0.814   -7.051  1.00 6.43  ? 183 SER A O   1 
ATOM   721 C CB  . SER A 1 92 ? 19.694  2.090   -9.921  1.00 7.39  ? 183 SER A CB  1 
ATOM   722 O OG  . SER A 1 92 ? 19.391  3.219   -9.126  1.00 6.61  ? 183 SER A OG  1 
ATOM   723 N N   . PHE A 1 93 ? 20.441  -0.273  -8.007  1.00 5.30  ? 184 PHE A N   1 
ATOM   724 C CA  . PHE A 1 93 ? 21.022  -0.705  -6.745  1.00 5.09  ? 184 PHE A CA  1 
ATOM   725 C C   . PHE A 1 93 ? 22.485  -1.001  -7.010  1.00 5.77  ? 184 PHE A C   1 
ATOM   726 O O   . PHE A 1 93 ? 22.921  -1.085  -8.159  1.00 7.13  ? 184 PHE A O   1 
ATOM   727 C CB  . PHE A 1 93 ? 20.309  -1.940  -6.186  1.00 6.20  ? 184 PHE A CB  1 
ATOM   728 C CG  . PHE A 1 93 ? 20.352  -3.137  -7.098  1.00 6.80  ? 184 PHE A CG  1 
ATOM   729 C CD1 . PHE A 1 93 ? 21.380  -4.065  -7.011  1.00 8.40  ? 184 PHE A CD1 1 
ATOM   730 C CD2 . PHE A 1 93 ? 19.340  -3.347  -8.030  1.00 8.54  ? 184 PHE A CD2 1 
ATOM   731 C CE1 . PHE A 1 93 ? 21.409  -5.174  -7.849  1.00 11.12 ? 184 PHE A CE1 1 
ATOM   732 C CE2 . PHE A 1 93 ? 19.365  -4.450  -8.873  1.00 10.93 ? 184 PHE A CE2 1 
ATOM   733 C CZ  . PHE A 1 93 ? 20.397  -5.366  -8.779  1.00 11.49 ? 184 PHE A CZ  1 
ATOM   734 N N   . ASP A 1 94 ? 23.234  -1.189  -5.934  1.00 5.36  ? 185 ASP A N   1 
ATOM   735 C CA  . ASP A 1 94 ? 24.608  -1.653  -6.019  1.00 5.02  ? 185 ASP A CA  1 
ATOM   736 C C   . ASP A 1 94 ? 24.819  -2.810  -5.061  1.00 5.72  ? 185 ASP A C   1 
ATOM   737 O O   . ASP A 1 94 ? 24.391  -2.756  -3.904  1.00 6.43  ? 185 ASP A O   1 
ATOM   738 C CB  . ASP A 1 94 ? 25.587  -0.558  -5.625  1.00 6.99  ? 185 ASP A CB  1 
ATOM   739 C CG  . ASP A 1 94 ? 25.917  0.364   -6.761  1.00 8.16  ? 185 ASP A CG  1 
ATOM   740 O OD1 . ASP A 1 94 ? 26.703  -0.058  -7.635  1.00 13.32 ? 185 ASP A OD1 1 
ATOM   741 O OD2 . ASP A 1 94 ? 25.410  1.498   -6.798  1.00 8.09  ? 185 ASP A OD2 1 
ATOM   742 N N   . GLU A 1 95 ? 25.492  -3.848  -5.541  1.00 4.82  ? 186 GLU A N   1 
ATOM   743 C CA  . GLU A 1 95 ? 25.990  -4.930  -4.699  1.00 5.14  ? 186 GLU A CA  1 
ATOM   744 C C   . GLU A 1 95 ? 27.470  -4.691  -4.450  1.00 5.14  ? 186 GLU A C   1 
ATOM   745 O O   . GLU A 1 95 ? 28.240  -4.501  -5.399  1.00 6.86  ? 186 GLU A O   1 
ATOM   746 C CB  . GLU A 1 95 ? 25.818  -6.280  -5.392  1.00 6.98  ? 186 GLU A CB  1 
ATOM   747 C CG  . GLU A 1 95 ? 24.357  -6.659  -5.573  1.00 6.93  ? 186 GLU A CG  1 
ATOM   748 C CD  . GLU A 1 95 ? 24.126  -7.989  -6.284  1.00 8.08  ? 186 GLU A CD  1 
ATOM   749 O OE1 . GLU A 1 95 ? 25.095  -8.678  -6.665  1.00 8.82  ? 186 GLU A OE1 1 
ATOM   750 O OE2 . GLU A 1 95 ? 22.942  -8.354  -6.457  1.00 8.61  ? 186 GLU A OE2 1 
ATOM   751 N N   . ILE A 1 96 ? 27.859  -4.651  -3.176  1.00 4.78  ? 187 ILE A N   1 
ATOM   752 C CA  . ILE A 1 96 ? 29.264  -4.453  -2.814  1.00 5.13  ? 187 ILE A CA  1 
ATOM   753 C C   . ILE A 1 96 ? 29.624  -5.335  -1.635  1.00 5.08  ? 187 ILE A C   1 
ATOM   754 O O   . ILE A 1 96 ? 30.808  -5.356  -1.264  1.00 5.91  ? 187 ILE A O   1 
ATOM   755 C CB  . ILE A 1 96 ? 29.613  -2.973  -2.483  1.00 6.98  ? 187 ILE A CB  1 
ATOM   756 C CG1 . ILE A 1 96 ? 28.794  -2.473  -1.280  1.00 8.22  ? 187 ILE A CG1 1 
ATOM   757 C CG2 . ILE A 1 96 ? 29.516  -2.088  -3.717  1.00 8.20  ? 187 ILE A CG2 1 
ATOM   758 C CD1 . ILE A 1 96 ? 27.413  -1.911  -1.553  1.00 8.46  ? 187 ILE A CD1 1 
ATOM   759 O OXT . ILE A 1 96 ? 28.753  -5.992  -1.050  1.00 6.21  ? 187 ILE A OXT 1 
HETATM 760 C C1  . GOL B 2 .  ? 2.032   -3.664  15.074  1.00 16.87 ? 201 GOL A C1  1 
HETATM 761 O O1  . GOL B 2 .  ? 2.501   -2.840  16.121  1.00 12.99 ? 201 GOL A O1  1 
HETATM 762 C C2  . GOL B 2 .  ? 1.203   -2.818  14.116  1.00 16.93 ? 201 GOL A C2  1 
HETATM 763 O O2  . GOL B 2 .  ? 0.037   -2.365  14.774  1.00 30.13 ? 201 GOL A O2  1 
HETATM 764 C C3  . GOL B 2 .  ? 0.806   -3.626  12.888  1.00 18.63 ? 201 GOL A C3  1 
HETATM 765 O O3  . GOL B 2 .  ? 0.190   -2.788  11.931  1.00 13.27 ? 201 GOL A O3  1 
HETATM 766 O O   . HOH C 3 .  ? -4.461  -12.991 10.343  1.00 22.02 ? 301 HOH A O   1 
HETATM 767 O O   . HOH C 3 .  ? -8.070  7.530   -9.573  1.00 22.93 ? 302 HOH A O   1 
HETATM 768 O O   . HOH C 3 .  ? -7.852  8.096   -15.912 1.00 22.27 ? 303 HOH A O   1 
HETATM 769 O O   . HOH C 3 .  ? -1.227  -0.530  13.831  1.00 15.28 ? 304 HOH A O   1 
HETATM 770 O O   . HOH C 3 .  ? 1.434   -9.708  -7.724  1.00 34.54 ? 305 HOH A O   1 
HETATM 771 O O   . HOH C 3 .  ? 28.795  0.905   -8.673  1.00 25.66 ? 306 HOH A O   1 
HETATM 772 O O   . HOH C 3 .  ? 16.271  -5.497  -10.885 1.00 26.56 ? 307 HOH A O   1 
HETATM 773 O O   . HOH C 3 .  ? 1.666   -4.157  18.175  1.00 17.07 ? 308 HOH A O   1 
HETATM 774 O O   . HOH C 3 .  ? 21.003  -7.950  -4.770  1.00 9.56  ? 309 HOH A O   1 
HETATM 775 O O   . HOH C 3 .  ? 5.598   11.261  -6.840  1.00 35.16 ? 310 HOH A O   1 
HETATM 776 O O   . HOH C 3 .  ? -7.651  -4.459  16.815  1.00 30.72 ? 311 HOH A O   1 
HETATM 777 O O   . HOH C 3 .  ? -4.146  1.693   -11.764 1.00 15.98 ? 312 HOH A O   1 
HETATM 778 O O   . HOH C 3 .  ? 2.730   -0.230  16.176  1.00 15.18 ? 313 HOH A O   1 
HETATM 779 O O   . HOH C 3 .  ? 3.962   15.744  1.475   1.00 27.48 ? 314 HOH A O   1 
HETATM 780 O O   . HOH C 3 .  ? -1.678  -2.111  16.749  1.00 24.36 ? 315 HOH A O   1 
HETATM 781 O O   . HOH C 3 .  ? -5.169  -9.925  7.577   1.00 26.93 ? 316 HOH A O   1 
HETATM 782 O O   . HOH C 3 .  ? -6.656  1.419   -15.071 1.00 25.03 ? 317 HOH A O   1 
HETATM 783 O O   . HOH C 3 .  ? -0.384  3.032   15.381  1.00 15.54 ? 318 HOH A O   1 
HETATM 784 O O   . HOH C 3 .  ? 12.283  -0.375  -5.896  1.00 24.90 ? 319 HOH A O   1 
HETATM 785 O O   . HOH C 3 .  ? -4.807  -9.363  -13.045 1.00 20.26 ? 320 HOH A O   1 
HETATM 786 O O   . HOH C 3 .  ? 9.460   -10.569 -0.938  1.00 28.63 ? 321 HOH A O   1 
HETATM 787 O O   . HOH C 3 .  ? -5.337  -12.196 2.498   1.00 30.99 ? 322 HOH A O   1 
HETATM 788 O O   . HOH C 3 .  ? -16.762 3.946   1.144   1.00 9.05  ? 323 HOH A O   1 
HETATM 789 O O   . HOH C 3 .  ? 0.636   10.201  3.166   1.00 6.53  ? 324 HOH A O   1 
HETATM 790 O O   . HOH C 3 .  ? -3.683  5.459   14.613  1.00 8.10  ? 325 HOH A O   1 
HETATM 791 O O   . HOH C 3 .  ? 27.615  -9.399  -6.092  1.00 7.27  ? 326 HOH A O   1 
HETATM 792 O O   . HOH C 3 .  ? 22.789  -10.997 -6.920  1.00 10.56 ? 327 HOH A O   1 
HETATM 793 O O   . HOH C 3 .  ? 0.317   -7.850  -13.598 1.00 31.11 ? 328 HOH A O   1 
HETATM 794 O O   . HOH C 3 .  ? -2.750  -8.892  -10.449 1.00 23.97 ? 329 HOH A O   1 
HETATM 795 O O   . HOH C 3 .  ? -10.681 -7.791  -8.800  1.00 9.92  ? 330 HOH A O   1 
HETATM 796 O O   . HOH C 3 .  ? 9.646   10.569  13.971  1.00 41.71 ? 331 HOH A O   1 
HETATM 797 O O   . HOH C 3 .  ? 19.462  5.467   -10.646 1.00 8.58  ? 332 HOH A O   1 
HETATM 798 O O   . HOH C 3 .  ? 3.825   13.198  10.517  1.00 15.22 ? 333 HOH A O   1 
HETATM 799 O O   . HOH C 3 .  ? -0.529  3.383   -12.242 1.00 12.88 ? 334 HOH A O   1 
HETATM 800 O O   . HOH C 3 .  ? -14.177 4.033   7.135   1.00 8.16  ? 335 HOH A O   1 
HETATM 801 O O   . HOH C 3 .  ? 7.672   5.316   11.758  1.00 8.71  ? 336 HOH A O   1 
HETATM 802 O O   . HOH C 3 .  ? -10.795 4.531   8.155   1.00 8.53  ? 337 HOH A O   1 
HETATM 803 O O   . HOH C 3 .  ? -13.214 -8.139  -2.923  1.00 14.06 ? 338 HOH A O   1 
HETATM 804 O O   . HOH C 3 .  ? 27.971  -8.141  -2.549  1.00 7.90  ? 339 HOH A O   1 
HETATM 805 O O   . HOH C 3 .  ? -5.024  6.366   12.390  1.00 6.09  ? 340 HOH A O   1 
HETATM 806 O O   . HOH C 3 .  ? 0.824   7.496   14.585  1.00 10.38 ? 341 HOH A O   1 
HETATM 807 O O   . HOH C 3 .  ? -15.328 2.304   -9.192  1.00 11.43 ? 342 HOH A O   1 
HETATM 808 O O   . HOH C 3 .  ? 30.584  -5.877  -5.812  1.00 8.49  ? 343 HOH A O   1 
HETATM 809 O O   . HOH C 3 .  ? 8.633   13.023  5.927   1.00 35.00 ? 344 HOH A O   1 
HETATM 810 O O   . HOH C 3 .  ? -8.263  -6.540  -11.196 1.00 17.63 ? 345 HOH A O   1 
HETATM 811 O O   . HOH C 3 .  ? -8.897  -10.530 -11.762 1.00 9.39  ? 346 HOH A O   1 
HETATM 812 O O   . HOH C 3 .  ? -17.883 -1.367  -0.770  1.00 6.13  ? 347 HOH A O   1 
HETATM 813 O O   . HOH C 3 .  ? 9.383   1.165   -3.710  1.00 16.31 ? 348 HOH A O   1 
HETATM 814 O O   . HOH C 3 .  ? -1.398  6.406   10.756  1.00 5.86  ? 349 HOH A O   1 
HETATM 815 O O   . HOH C 3 .  ? 26.076  -8.279  -9.220  1.00 10.92 ? 350 HOH A O   1 
HETATM 816 O O   . HOH C 3 .  ? 7.027   2.382   5.538   1.00 6.61  ? 351 HOH A O   1 
HETATM 817 O O   . HOH C 3 .  ? -0.910  -4.177  -15.208 1.00 27.88 ? 352 HOH A O   1 
HETATM 818 O O   . HOH C 3 .  ? -12.211 -3.264  2.388   1.00 6.78  ? 353 HOH A O   1 
HETATM 819 O O   . HOH C 3 .  ? 6.473   9.482   -4.801  1.00 21.72 ? 354 HOH A O   1 
HETATM 820 O O   . HOH C 3 .  ? -2.987  -8.474  -8.336  1.00 27.87 ? 355 HOH A O   1 
HETATM 821 O O   . HOH C 3 .  ? -9.467  -6.483  6.547   1.00 13.28 ? 356 HOH A O   1 
HETATM 822 O O   . HOH C 3 .  ? 2.267   -0.581  11.630  1.00 11.34 ? 357 HOH A O   1 
HETATM 823 O O   . HOH C 3 .  ? -1.296  5.579   -18.482 1.00 24.14 ? 358 HOH A O   1 
HETATM 824 O O   . HOH C 3 .  ? -7.942  0.340   17.489  1.00 20.61 ? 359 HOH A O   1 
HETATM 825 O O   . HOH C 3 .  ? -13.978 -1.506  -1.312  1.00 6.85  ? 360 HOH A O   1 
HETATM 826 O O   . HOH C 3 .  ? 11.346  3.843   -1.603  1.00 26.22 ? 361 HOH A O   1 
HETATM 827 O O   . HOH C 3 .  ? 1.149   2.191   -15.896 1.00 32.59 ? 362 HOH A O   1 
HETATM 828 O O   . HOH C 3 .  ? 33.226  -4.210  -2.104  1.00 11.13 ? 363 HOH A O   1 
HETATM 829 O O   . HOH C 3 .  ? -9.377  -13.226 -5.429  1.00 11.65 ? 364 HOH A O   1 
HETATM 830 O O   . HOH C 3 .  ? -3.843  -1.271  -7.825  1.00 7.20  ? 365 HOH A O   1 
HETATM 831 O O   . HOH C 3 .  ? -14.636 -0.638  14.027  1.00 24.96 ? 366 HOH A O   1 
HETATM 832 O O   . HOH C 3 .  ? -5.384  8.109   -13.877 1.00 29.21 ? 367 HOH A O   1 
HETATM 833 O O   . HOH C 3 .  ? -3.362  10.437  -10.589 1.00 17.10 ? 368 HOH A O   1 
HETATM 834 O O   . HOH C 3 .  ? -5.862  -13.657 -4.314  1.00 12.19 ? 369 HOH A O   1 
HETATM 835 O O   . HOH C 3 .  ? -13.946 -6.064  11.305  1.00 20.62 ? 370 HOH A O   1 
HETATM 836 O O   . HOH C 3 .  ? 7.669   7.358   5.732   1.00 14.40 ? 371 HOH A O   1 
HETATM 837 O O   . HOH C 3 .  ? -11.293 -1.306  -11.667 1.00 15.25 ? 372 HOH A O   1 
HETATM 838 O O   . HOH C 3 .  ? -11.023 -7.231  -0.139  1.00 16.58 ? 373 HOH A O   1 
HETATM 839 O O   . HOH C 3 .  ? -12.647 6.783   -3.364  1.00 20.48 ? 374 HOH A O   1 
HETATM 840 O O   . HOH C 3 .  ? 8.563   -8.652  2.763   1.00 22.99 ? 375 HOH A O   1 
HETATM 841 O O   . HOH C 3 .  ? -0.649  -4.456  16.580  1.00 22.60 ? 376 HOH A O   1 
HETATM 842 O O   . HOH C 3 .  ? 10.136  1.432   4.620   1.00 13.67 ? 377 HOH A O   1 
HETATM 843 O O   . HOH C 3 .  ? -13.080 -0.480  -3.740  1.00 7.10  ? 378 HOH A O   1 
HETATM 844 O O   . HOH C 3 .  ? -15.587 1.665   7.360   1.00 9.59  ? 379 HOH A O   1 
HETATM 845 O O   . HOH C 3 .  ? 11.575  -5.336  -7.695  1.00 20.82 ? 380 HOH A O   1 
HETATM 846 O O   . HOH C 3 .  ? 2.513   14.864  8.930   1.00 16.07 ? 381 HOH A O   1 
HETATM 847 O O   . HOH C 3 .  ? -13.136 6.479   -0.818  1.00 16.79 ? 382 HOH A O   1 
HETATM 848 O O   . HOH C 3 .  ? -6.011  -12.537 -10.569 1.00 22.80 ? 383 HOH A O   1 
HETATM 849 O O   . HOH C 3 .  ? 3.719   7.206   17.740  1.00 21.80 ? 384 HOH A O   1 
HETATM 850 O O   . HOH C 3 .  ? 9.564   -1.827  -12.431 1.00 22.12 ? 385 HOH A O   1 
HETATM 851 O O   . HOH C 3 .  ? 7.734   3.404   -8.157  1.00 32.18 ? 386 HOH A O   1 
HETATM 852 O O   . HOH C 3 .  ? 1.481   -0.322  -12.799 1.00 19.82 ? 387 HOH A O   1 
HETATM 853 O O   . HOH C 3 .  ? 25.552  -4.183  -8.406  1.00 13.53 ? 388 HOH A O   1 
HETATM 854 O O   . HOH C 3 .  ? -6.719  -11.100 4.176   1.00 26.75 ? 389 HOH A O   1 
HETATM 855 O O   . HOH C 3 .  ? 0.405   14.946  -1.511  1.00 23.04 ? 390 HOH A O   1 
HETATM 856 O O   . HOH C 3 .  ? 6.621   9.897   2.013   1.00 9.37  ? 391 HOH A O   1 
HETATM 857 O O   . HOH C 3 .  ? 5.759   12.647  6.197   1.00 13.40 ? 392 HOH A O   1 
HETATM 858 O O   . HOH C 3 .  ? -3.950  -9.821  -0.032  1.00 12.46 ? 393 HOH A O   1 
HETATM 859 O O   . HOH C 3 .  ? 6.629   -3.914  10.727  1.00 12.80 ? 394 HOH A O   1 
HETATM 860 O O   . HOH C 3 .  ? -11.156 -5.842  2.096   1.00 10.93 ? 395 HOH A O   1 
HETATM 861 O O   . HOH C 3 .  ? -14.137 1.968   11.305  1.00 10.18 ? 396 HOH A O   1 
HETATM 862 O O   . HOH C 3 .  ? 6.533   -10.957 2.023   1.00 27.09 ? 397 HOH A O   1 
HETATM 863 O O   . HOH C 3 .  ? -12.796 -4.222  13.895  1.00 30.85 ? 398 HOH A O   1 
HETATM 864 O O   . HOH C 3 .  ? 0.193   17.486  6.878   1.00 13.61 ? 399 HOH A O   1 
HETATM 865 O O   . HOH C 3 .  ? 8.295   7.810   10.698  1.00 11.91 ? 400 HOH A O   1 
HETATM 866 O O   . HOH C 3 .  ? -1.664  11.096  4.590   1.00 8.50  ? 401 HOH A O   1 
HETATM 867 O O   . HOH C 3 .  ? 28.623  -2.289  -7.258  1.00 17.88 ? 402 HOH A O   1 
HETATM 868 O O   . HOH C 3 .  ? -18.991 1.159   -7.018  1.00 7.16  ? 403 HOH A O   1 
HETATM 869 O O   . HOH C 3 .  ? 1.075   11.388  -9.106  1.00 27.45 ? 404 HOH A O   1 
HETATM 870 O O   . HOH C 3 .  ? -10.285 1.150   -13.512 1.00 25.40 ? 405 HOH A O   1 
HETATM 871 O O   . HOH C 3 .  ? 10.098  -2.106  1.621   1.00 17.66 ? 406 HOH A O   1 
HETATM 872 O O   . HOH C 3 .  ? 6.792   5.875   14.271  1.00 15.12 ? 407 HOH A O   1 
HETATM 873 O O   . HOH C 3 .  ? -12.913 -6.629  9.130   1.00 26.87 ? 408 HOH A O   1 
HETATM 874 O O   . HOH C 3 .  ? 2.263   3.228   -12.078 1.00 32.80 ? 409 HOH A O   1 
HETATM 875 O O   . HOH C 3 .  ? -9.118  -8.559  12.186  1.00 18.18 ? 410 HOH A O   1 
HETATM 876 O O   . HOH C 3 .  ? 14.757  -2.639  -7.356  1.00 15.59 ? 411 HOH A O   1 
HETATM 877 O O   . HOH C 3 .  ? 9.259   4.755   2.126   1.00 15.07 ? 412 HOH A O   1 
HETATM 878 O O   . HOH C 3 .  ? 13.072  -4.384  -5.883  1.00 25.43 ? 413 HOH A O   1 
HETATM 879 O O   . HOH C 3 .  ? -15.174 2.898   -6.353  1.00 10.96 ? 414 HOH A O   1 
HETATM 880 O O   . HOH C 3 .  ? -0.320  10.316  -11.150 1.00 26.03 ? 415 HOH A O   1 
HETATM 881 O O   . HOH C 3 .  ? -4.566  -1.148  -16.789 1.00 22.16 ? 416 HOH A O   1 
HETATM 882 O O   . HOH C 3 .  ? 4.042   -12.016 -1.406  1.00 33.75 ? 417 HOH A O   1 
HETATM 883 O O   . HOH C 3 .  ? 16.708  -1.123  -5.902  1.00 13.12 ? 418 HOH A O   1 
HETATM 884 O O   . HOH C 3 .  ? -5.333  3.149   -13.617 1.00 20.67 ? 419 HOH A O   1 
HETATM 885 O O   . HOH C 3 .  ? 11.717  -6.578  0.430   1.00 40.28 ? 420 HOH A O   1 
HETATM 886 O O   . HOH C 3 .  ? 11.223  -0.851  3.620   1.00 19.73 ? 421 HOH A O   1 
HETATM 887 O O   . HOH C 3 .  ? 9.425   2.532   -12.796 1.00 21.45 ? 422 HOH A O   1 
HETATM 888 O O   . HOH C 3 .  ? -2.201  -13.052 5.456   1.00 36.84 ? 423 HOH A O   1 
HETATM 889 O O   . HOH C 3 .  ? 5.429   -9.688  -9.121  1.00 38.27 ? 424 HOH A O   1 
HETATM 890 O O   . HOH C 3 .  ? 6.029   14.451  11.549  1.00 31.16 ? 425 HOH A O   1 
HETATM 891 O O   . HOH C 3 .  ? 12.708  -1.203  7.188   1.00 22.25 ? 426 HOH A O   1 
HETATM 892 O O   . HOH C 3 .  ? 10.114  4.535   9.081   1.00 22.12 ? 427 HOH A O   1 
HETATM 893 O O   . HOH C 3 .  ? 21.127  -1.235  -10.854 1.00 13.03 ? 428 HOH A O   1 
HETATM 894 O O   . HOH C 3 .  ? 5.987   6.945   -5.803  1.00 24.27 ? 429 HOH A O   1 
HETATM 895 O O   . HOH C 3 .  ? 1.634   0.776   13.824  1.00 14.23 ? 430 HOH A O   1 
HETATM 896 O O   . HOH C 3 .  ? -4.783  -3.584  -16.045 1.00 25.53 ? 431 HOH A O   1 
HETATM 897 O O   . HOH C 3 .  ? 10.060  9.367   11.999  1.00 27.44 ? 432 HOH A O   1 
HETATM 898 O O   . HOH C 3 .  ? -7.649  -10.845 12.894  1.00 23.55 ? 433 HOH A O   1 
HETATM 899 O O   . HOH C 3 .  ? 1.149   7.783   -17.428 1.00 30.87 ? 434 HOH A O   1 
HETATM 900 O O   . HOH C 3 .  ? -12.918 10.715  -0.902  1.00 27.92 ? 435 HOH A O   1 
HETATM 901 O O   . HOH C 3 .  ? 3.665   4.120   17.503  1.00 24.97 ? 436 HOH A O   1 
HETATM 902 O O   . HOH C 3 .  ? 0.766   16.380  3.954   1.00 19.43 ? 437 HOH A O   1 
HETATM 903 O O   . HOH C 3 .  ? 5.288   11.997  3.441   1.00 10.80 ? 438 HOH A O   1 
HETATM 904 O O   . HOH C 3 .  ? 5.025   4.582   -16.338 1.00 17.90 ? 439 HOH A O   1 
HETATM 905 O O   . HOH C 3 .  ? -12.087 -8.123  3.345   1.00 21.42 ? 440 HOH A O   1 
HETATM 906 O O   . HOH C 3 .  ? -14.276 0.309   -6.010  1.00 8.36  ? 441 HOH A O   1 
HETATM 907 O O   . HOH C 3 .  ? -10.677 -1.971  -13.745 1.00 34.90 ? 442 HOH A O   1 
HETATM 908 O O   . HOH C 3 .  ? 8.750   8.929   3.440   1.00 16.64 ? 443 HOH A O   1 
HETATM 909 O O   . HOH C 3 .  ? -9.677  -9.370  6.327   1.00 32.08 ? 444 HOH A O   1 
HETATM 910 O O   . HOH C 3 .  ? 10.710  -4.579  2.002   1.00 28.20 ? 445 HOH A O   1 
HETATM 911 O O   . HOH C 3 .  ? 2.531   12.079  3.818   1.00 9.25  ? 446 HOH A O   1 
HETATM 912 O O   . HOH C 3 .  ? 2.892   5.550   -18.173 1.00 24.32 ? 447 HOH A O   1 
HETATM 913 O O   . HOH C 3 .  ? 4.169   15.073  6.576   1.00 25.09 ? 448 HOH A O   1 
HETATM 914 O O   . HOH C 3 .  ? -8.072  -14.067 -0.084  1.00 25.28 ? 449 HOH A O   1 
HETATM 915 O O   . HOH C 3 .  ? 7.147   -0.689  -11.477 1.00 32.87 ? 450 HOH A O   1 
HETATM 916 O O   . HOH C 3 .  ? 5.509   9.086   -6.983  1.00 37.03 ? 451 HOH A O   1 
HETATM 917 O O   . HOH C 3 .  ? 11.925  -0.994  -0.331  1.00 26.72 ? 452 HOH A O   1 
HETATM 918 O O   . HOH C 3 .  ? -14.897 -4.124  -0.549  1.00 8.00  ? 453 HOH A O   1 
HETATM 919 O O   . HOH C 3 .  ? 13.615  -2.630  4.211   1.00 36.43 ? 454 HOH A O   1 
HETATM 920 O O   . HOH C 3 .  ? -3.592  -8.977  17.569  1.00 25.50 ? 455 HOH A O   1 
HETATM 921 O O   . HOH C 3 .  ? -10.627 -10.249 4.420   1.00 32.61 ? 456 HOH A O   1 
HETATM 922 O O   . HOH C 3 .  ? 1.667   14.415  2.454   1.00 14.61 ? 457 HOH A O   1 
HETATM 923 O O   . HOH C 3 .  ? -0.103  -0.500  18.292  1.00 32.48 ? 458 HOH A O   1 
HETATM 924 O O   . HOH C 3 .  ? -6.538  0.894   19.564  1.00 32.30 ? 459 HOH A O   1 
HETATM 925 O O   . HOH C 3 .  ? -17.075 5.385   -3.035  1.00 23.73 ? 460 HOH A O   1 
HETATM 926 O O   . HOH C 3 .  ? 3.719   -3.899  -10.233 1.00 34.19 ? 461 HOH A O   1 
HETATM 927 O O   . HOH C 3 .  ? 11.148  1.901   -5.583  1.00 33.36 ? 462 HOH A O   1 
HETATM 928 O O   . HOH C 3 .  ? 7.343   2.182   -10.787 1.00 36.70 ? 463 HOH A O   1 
HETATM 929 O O   . HOH C 3 .  ? 12.338  3.728   -4.837  1.00 33.88 ? 464 HOH A O   1 
HETATM 930 O O   . HOH C 3 .  ? 0.874   1.373   17.261  1.00 26.95 ? 465 HOH A O   1 
HETATM 931 O O   . HOH C 3 .  ? 18.406  -7.338  -11.075 1.00 20.91 ? 466 HOH A O   1 
HETATM 932 O O   . HOH C 3 .  ? -10.583 -0.706  17.901  1.00 36.25 ? 467 HOH A O   1 
HETATM 933 O O   . HOH C 3 .  ? 5.918   2.753   17.686  1.00 20.63 ? 468 HOH A O   1 
HETATM 934 O O   . HOH C 3 .  ? 0.416   13.973  -3.831  1.00 27.83 ? 469 HOH A O   1 
HETATM 935 O O   . HOH C 3 .  ? 9.416   4.521   -14.955 1.00 15.05 ? 470 HOH A O   1 
HETATM 936 O O   . HOH C 3 .  ? -3.044  -12.410 -0.703  1.00 25.13 ? 471 HOH A O   1 
HETATM 937 O O   . HOH C 3 .  ? 15.493  -5.239  -8.707  1.00 33.28 ? 472 HOH A O   1 
HETATM 938 O O   . HOH C 3 .  ? 1.919   -4.928  -9.206  1.00 36.65 ? 473 HOH A O   1 
HETATM 939 O O   . HOH C 3 .  ? -1.350  -13.576 0.646   1.00 35.48 ? 474 HOH A O   1 
HETATM 940 O O   . HOH C 3 .  ? -12.281 -6.191  6.389   1.00 21.80 ? 475 HOH A O   1 
HETATM 941 O O   . HOH C 3 .  ? 19.842  -11.042 -7.983  1.00 23.93 ? 476 HOH A O   1 
HETATM 942 O O   . HOH C 3 .  ? -14.159 7.813   -4.703  1.00 26.55 ? 477 HOH A O   1 
HETATM 943 O O   . HOH C 3 .  ? -4.811  -14.230 -1.969  1.00 22.93 ? 478 HOH A O   1 
HETATM 944 O O   . HOH C 3 .  ? -6.544  -1.863  17.056  1.00 22.36 ? 479 HOH A O   1 
HETATM 945 O O   . HOH C 3 .  ? 10.573  -9.151  0.447   1.00 38.01 ? 480 HOH A O   1 
HETATM 946 O O   . HOH C 3 .  ? 11.352  3.299   3.015   1.00 20.78 ? 481 HOH A O   1 
HETATM 947 O O   . HOH C 3 .  ? 9.044   7.984   7.991   1.00 18.15 ? 482 HOH A O   1 
HETATM 948 O O   . HOH C 3 .  ? -15.801 5.748   -0.737  1.00 17.28 ? 483 HOH A O   1 
HETATM 949 O O   . HOH C 3 .  ? -0.608  17.809  -1.112  1.00 21.16 ? 484 HOH A O   1 
HETATM 950 O O   . HOH C 3 .  ? 6.446   14.181  2.020   1.00 25.75 ? 485 HOH A O   1 
HETATM 951 O O   . HOH C 3 .  ? 6.395   6.113   -8.278  1.00 28.58 ? 486 HOH A O   1 
HETATM 952 O O   . HOH C 3 .  ? 7.602   13.219  -0.293  1.00 35.87 ? 487 HOH A O   1 
HETATM 953 O O   . HOH C 3 .  ? -4.116  -2.324  18.014  1.00 20.97 ? 488 HOH A O   1 
HETATM 954 O O   . HOH C 3 .  ? -15.817 9.500   -3.876  1.00 30.88 ? 489 HOH A O   1 
# 
loop_
_pdbx_poly_seq_scheme.asym_id 
_pdbx_poly_seq_scheme.entity_id 
_pdbx_poly_seq_scheme.seq_id 
_pdbx_poly_seq_scheme.mon_id 
_pdbx_poly_seq_scheme.ndb_seq_num 
_pdbx_poly_seq_scheme.pdb_seq_num 
_pdbx_poly_seq_scheme.auth_seq_num 
_pdbx_poly_seq_scheme.pdb_mon_id 
_pdbx_poly_seq_scheme.auth_mon_id 
_pdbx_poly_seq_scheme.pdb_strand_id 
_pdbx_poly_seq_scheme.pdb_ins_code 
_pdbx_poly_seq_scheme.hetero 
A 1 1  GLY 1  92  ?   ?   ?   A . n 
A 1 2  PRO 2  93  ?   ?   ?   A . n 
A 1 3  LYS 3  94  ?   ?   ?   A . n 
A 1 4  GLY 4  95  95  GLY GLY A . n 
A 1 5  THR 5  96  96  THR THR A . n 
A 1 6  GLU 6  97  97  GLU GLU A . n 
A 1 7  LYS 7  98  98  LYS LYS A . n 
A 1 8  THR 8  99  99  THR THR A . n 
A 1 9  VAL 9  100 100 VAL VAL A . n 
A 1 10 LYS 10 101 101 LYS LYS A . n 
A 1 11 VAL 11 102 102 VAL VAL A . n 
A 1 12 ILE 12 103 103 ILE ILE A . n 
A 1 13 LYS 13 104 104 LYS LYS A . n 
A 1 14 ASP 14 105 105 ASP ASP A . n 
A 1 15 GLY 15 106 106 GLY GLY A . n 
A 1 16 PRO 16 107 107 PRO PRO A . n 
A 1 17 ALA 17 108 108 ALA ALA A . n 
A 1 18 LEU 18 109 109 LEU LEU A . n 
A 1 19 GLY 19 110 110 GLY GLY A . n 
A 1 20 LEU 20 111 111 LEU LEU A . n 
A 1 21 THR 21 112 112 THR THR A . n 
A 1 22 ILE 22 113 113 ILE ILE A . n 
A 1 23 SER 23 114 114 SER SER A . n 
A 1 24 ASP 24 115 115 ASP ASP A . n 
A 1 25 ASN 25 116 116 ASN ASN A . n 
A 1 26 GLY 26 117 117 GLY GLY A . n 
A 1 27 ALA 27 118 118 ALA ALA A . n 
A 1 28 GLY 28 119 119 GLY GLY A . n 
A 1 29 TYR 29 120 120 TYR TYR A . n 
A 1 30 ALA 30 121 121 ALA ALA A . n 
A 1 31 PHE 31 122 122 PHE PHE A . n 
A 1 32 ILE 32 123 123 ILE ILE A . n 
A 1 33 LYS 33 124 124 LYS LYS A . n 
A 1 34 LYS 34 125 125 LYS LYS A . n 
A 1 35 ILE 35 126 126 ILE ILE A . n 
A 1 36 ARG 36 127 127 ARG ARG A . n 
A 1 37 GLU 37 128 128 GLU GLU A . n 
A 1 38 ASP 38 129 129 ASP ASP A . n 
A 1 39 SER 39 130 130 SER SER A . n 
A 1 40 ILE 40 131 131 ILE ILE A . n 
A 1 41 MET 41 132 132 MET MET A . n 
A 1 42 SER 42 133 133 SER SER A . n 
A 1 43 ARG 43 134 134 ARG ARG A . n 
A 1 44 VAL 44 135 135 VAL VAL A . n 
A 1 45 ALA 45 136 136 ALA ALA A . n 
A 1 46 ASN 46 137 137 ASN ASN A . n 
A 1 47 VAL 47 138 138 VAL VAL A . n 
A 1 48 ALA 48 139 139 ALA ALA A . n 
A 1 49 VAL 49 140 140 VAL VAL A . n 
A 1 50 GLY 50 141 141 GLY GLY A . n 
A 1 51 ASP 51 142 142 ASP ASP A . n 
A 1 52 HIS 52 143 143 HIS HIS A . n 
A 1 53 ILE 53 144 144 ILE ILE A . n 
A 1 54 ALA 54 145 145 ALA ALA A . n 
A 1 55 LYS 55 146 146 LYS LYS A . n 
A 1 56 ILE 56 147 147 ILE ILE A . n 
A 1 57 ASN 57 148 148 ASN ASN A . n 
A 1 58 GLY 58 149 149 GLY GLY A . n 
A 1 59 THR 59 150 150 THR THR A . n 
A 1 60 ASP 60 151 151 ASP ASP A . n 
A 1 61 LEU 61 152 152 LEU LEU A . n 
A 1 62 ASN 62 153 153 ASN ASN A . n 
A 1 63 GLY 63 154 154 GLY GLY A . n 
A 1 64 CYS 64 155 155 CYS CYS A . n 
A 1 65 ARG 65 156 156 ARG ARG A . n 
A 1 66 HIS 66 157 157 HIS HIS A . n 
A 1 67 PHE 67 158 158 PHE PHE A . n 
A 1 68 GLU 68 159 159 GLU GLU A . n 
A 1 69 VAL 69 160 160 VAL VAL A . n 
A 1 70 ALA 70 161 161 ALA ALA A . n 
A 1 71 ARG 71 162 162 ARG ARG A . n 
A 1 72 MET 72 163 163 MET MET A . n 
A 1 73 LEU 73 164 164 LEU LEU A . n 
A 1 74 LYS 74 165 165 LYS LYS A . n 
A 1 75 GLU 75 166 166 GLU GLU A . n 
A 1 76 ILE 76 167 167 ILE ILE A . n 
A 1 77 PRO 77 168 168 PRO PRO A . n 
A 1 78 ILE 78 169 169 ILE ILE A . n 
A 1 79 GLY 79 170 170 GLY GLY A . n 
A 1 80 SER 80 171 171 SER SER A . n 
A 1 81 GLU 81 172 172 GLU GLU A . n 
A 1 82 PHE 82 173 173 PHE PHE A . n 
A 1 83 THR 83 174 174 THR THR A . n 
A 1 84 MET 84 175 175 MET MET A . n 
A 1 85 ILE 85 176 176 ILE ILE A . n 
A 1 86 CYS 86 177 177 CYS CYS A . n 
A 1 87 VAL 87 178 178 VAL VAL A . n 
A 1 88 GLU 88 179 179 GLU GLU A . n 
A 1 89 PRO 89 180 180 PRO PRO A . n 
A 1 90 LYS 90 181 181 LYS LYS A . n 
A 1 91 LYS 91 182 182 LYS LYS A . n 
A 1 92 SER 92 183 183 SER SER A . n 
A 1 93 PHE 93 184 184 PHE PHE A . n 
A 1 94 ASP 94 185 185 ASP ASP A . n 
A 1 95 GLU 95 186 186 GLU GLU A . n 
A 1 96 ILE 96 187 187 ILE ILE A . n 
# 
loop_
_pdbx_nonpoly_scheme.asym_id 
_pdbx_nonpoly_scheme.entity_id 
_pdbx_nonpoly_scheme.mon_id 
_pdbx_nonpoly_scheme.ndb_seq_num 
_pdbx_nonpoly_scheme.pdb_seq_num 
_pdbx_nonpoly_scheme.auth_seq_num 
_pdbx_nonpoly_scheme.pdb_mon_id 
_pdbx_nonpoly_scheme.auth_mon_id 
_pdbx_nonpoly_scheme.pdb_strand_id 
_pdbx_nonpoly_scheme.pdb_ins_code 
B 2 GOL 1   201 194 GOL GOL A . 
C 3 HOH 1   301 57  HOH HOH A . 
C 3 HOH 2   302 144 HOH HOH A . 
C 3 HOH 3   303 66  HOH HOH A . 
C 3 HOH 4   304 35  HOH HOH A . 
C 3 HOH 5   305 164 HOH HOH A . 
C 3 HOH 6   306 158 HOH HOH A . 
C 3 HOH 7   307 133 HOH HOH A . 
C 3 HOH 8   308 153 HOH HOH A . 
C 3 HOH 9   309 30  HOH HOH A . 
C 3 HOH 10  310 173 HOH HOH A . 
C 3 HOH 11  311 187 HOH HOH A . 
C 3 HOH 12  312 60  HOH HOH A . 
C 3 HOH 13  313 83  HOH HOH A . 
C 3 HOH 14  314 128 HOH HOH A . 
C 3 HOH 15  315 131 HOH HOH A . 
C 3 HOH 16  316 169 HOH HOH A . 
C 3 HOH 17  317 102 HOH HOH A . 
C 3 HOH 18  318 51  HOH HOH A . 
C 3 HOH 19  319 115 HOH HOH A . 
C 3 HOH 20  320 76  HOH HOH A . 
C 3 HOH 21  321 149 HOH HOH A . 
C 3 HOH 22  322 137 HOH HOH A . 
C 3 HOH 23  323 91  HOH HOH A . 
C 3 HOH 24  324 11  HOH HOH A . 
C 3 HOH 25  325 8   HOH HOH A . 
C 3 HOH 26  326 20  HOH HOH A . 
C 3 HOH 27  327 24  HOH HOH A . 
C 3 HOH 28  328 147 HOH HOH A . 
C 3 HOH 29  329 145 HOH HOH A . 
C 3 HOH 30  330 37  HOH HOH A . 
C 3 HOH 31  331 191 HOH HOH A . 
C 3 HOH 32  332 16  HOH HOH A . 
C 3 HOH 33  333 93  HOH HOH A . 
C 3 HOH 34  334 49  HOH HOH A . 
C 3 HOH 35  335 18  HOH HOH A . 
C 3 HOH 36  336 10  HOH HOH A . 
C 3 HOH 37  337 13  HOH HOH A . 
C 3 HOH 38  338 53  HOH HOH A . 
C 3 HOH 39  339 12  HOH HOH A . 
C 3 HOH 40  340 3   HOH HOH A . 
C 3 HOH 41  341 27  HOH HOH A . 
C 3 HOH 42  342 33  HOH HOH A . 
C 3 HOH 43  343 28  HOH HOH A . 
C 3 HOH 44  344 179 HOH HOH A . 
C 3 HOH 45  345 71  HOH HOH A . 
C 3 HOH 46  346 23  HOH HOH A . 
C 3 HOH 47  347 2   HOH HOH A . 
C 3 HOH 48  348 92  HOH HOH A . 
C 3 HOH 49  349 1   HOH HOH A . 
C 3 HOH 50  350 31  HOH HOH A . 
C 3 HOH 51  351 5   HOH HOH A . 
C 3 HOH 52  352 152 HOH HOH A . 
C 3 HOH 53  353 6   HOH HOH A . 
C 3 HOH 54  354 101 HOH HOH A . 
C 3 HOH 55  355 134 HOH HOH A . 
C 3 HOH 56  356 59  HOH HOH A . 
C 3 HOH 57  357 26  HOH HOH A . 
C 3 HOH 58  358 121 HOH HOH A . 
C 3 HOH 59  359 77  HOH HOH A . 
C 3 HOH 60  360 14  HOH HOH A . 
C 3 HOH 61  361 63  HOH HOH A . 
C 3 HOH 62  362 186 HOH HOH A . 
C 3 HOH 63  363 50  HOH HOH A . 
C 3 HOH 64  364 39  HOH HOH A . 
C 3 HOH 65  365 7   HOH HOH A . 
C 3 HOH 66  366 130 HOH HOH A . 
C 3 HOH 67  367 168 HOH HOH A . 
C 3 HOH 68  368 80  HOH HOH A . 
C 3 HOH 69  369 40  HOH HOH A . 
C 3 HOH 70  370 94  HOH HOH A . 
C 3 HOH 71  371 46  HOH HOH A . 
C 3 HOH 72  372 141 HOH HOH A . 
C 3 HOH 73  373 62  HOH HOH A . 
C 3 HOH 74  374 116 HOH HOH A . 
C 3 HOH 75  375 117 HOH HOH A . 
C 3 HOH 76  376 79  HOH HOH A . 
C 3 HOH 77  377 43  HOH HOH A . 
C 3 HOH 78  378 4   HOH HOH A . 
C 3 HOH 79  379 22  HOH HOH A . 
C 3 HOH 80  380 104 HOH HOH A . 
C 3 HOH 81  381 73  HOH HOH A . 
C 3 HOH 82  382 69  HOH HOH A . 
C 3 HOH 83  383 96  HOH HOH A . 
C 3 HOH 84  384 127 HOH HOH A . 
C 3 HOH 85  385 68  HOH HOH A . 
C 3 HOH 86  386 159 HOH HOH A . 
C 3 HOH 87  387 88  HOH HOH A . 
C 3 HOH 88  388 140 HOH HOH A . 
C 3 HOH 89  389 82  HOH HOH A . 
C 3 HOH 90  390 143 HOH HOH A . 
C 3 HOH 91  391 48  HOH HOH A . 
C 3 HOH 92  392 42  HOH HOH A . 
C 3 HOH 93  393 56  HOH HOH A . 
C 3 HOH 94  394 36  HOH HOH A . 
C 3 HOH 95  395 34  HOH HOH A . 
C 3 HOH 96  396 25  HOH HOH A . 
C 3 HOH 97  397 172 HOH HOH A . 
C 3 HOH 98  398 185 HOH HOH A . 
C 3 HOH 99  399 44  HOH HOH A . 
C 3 HOH 100 400 29  HOH HOH A . 
C 3 HOH 101 401 19  HOH HOH A . 
C 3 HOH 102 402 155 HOH HOH A . 
C 3 HOH 103 403 89  HOH HOH A . 
C 3 HOH 104 404 110 HOH HOH A . 
C 3 HOH 105 405 85  HOH HOH A . 
C 3 HOH 106 406 81  HOH HOH A . 
C 3 HOH 107 407 45  HOH HOH A . 
C 3 HOH 108 408 124 HOH HOH A . 
C 3 HOH 109 409 132 HOH HOH A . 
C 3 HOH 110 410 47  HOH HOH A . 
C 3 HOH 111 411 65  HOH HOH A . 
C 3 HOH 112 412 55  HOH HOH A . 
C 3 HOH 113 413 148 HOH HOH A . 
C 3 HOH 114 414 90  HOH HOH A . 
C 3 HOH 115 415 75  HOH HOH A . 
C 3 HOH 116 416 119 HOH HOH A . 
C 3 HOH 117 417 189 HOH HOH A . 
C 3 HOH 118 418 41  HOH HOH A . 
C 3 HOH 119 419 74  HOH HOH A . 
C 3 HOH 120 420 192 HOH HOH A . 
C 3 HOH 121 421 61  HOH HOH A . 
C 3 HOH 122 422 109 HOH HOH A . 
C 3 HOH 123 423 180 HOH HOH A . 
C 3 HOH 124 424 194 HOH HOH A . 
C 3 HOH 125 425 162 HOH HOH A . 
C 3 HOH 126 426 154 HOH HOH A . 
C 3 HOH 127 427 78  HOH HOH A . 
C 3 HOH 128 428 38  HOH HOH A . 
C 3 HOH 129 429 150 HOH HOH A . 
C 3 HOH 130 430 54  HOH HOH A . 
C 3 HOH 131 431 146 HOH HOH A . 
C 3 HOH 132 432 160 HOH HOH A . 
C 3 HOH 133 433 112 HOH HOH A . 
C 3 HOH 134 434 161 HOH HOH A . 
C 3 HOH 135 435 156 HOH HOH A . 
C 3 HOH 136 436 126 HOH HOH A . 
C 3 HOH 137 437 58  HOH HOH A . 
C 3 HOH 138 438 21  HOH HOH A . 
C 3 HOH 139 439 86  HOH HOH A . 
C 3 HOH 140 440 114 HOH HOH A . 
C 3 HOH 141 441 17  HOH HOH A . 
C 3 HOH 142 442 165 HOH HOH A . 
C 3 HOH 143 443 87  HOH HOH A . 
C 3 HOH 144 444 129 HOH HOH A . 
C 3 HOH 145 445 163 HOH HOH A . 
C 3 HOH 146 446 9   HOH HOH A . 
C 3 HOH 147 447 52  HOH HOH A . 
C 3 HOH 148 448 125 HOH HOH A . 
C 3 HOH 149 449 98  HOH HOH A . 
C 3 HOH 150 450 181 HOH HOH A . 
C 3 HOH 151 451 177 HOH HOH A . 
C 3 HOH 152 452 120 HOH HOH A . 
C 3 HOH 153 453 15  HOH HOH A . 
C 3 HOH 154 454 167 HOH HOH A . 
C 3 HOH 155 455 111 HOH HOH A . 
C 3 HOH 156 456 184 HOH HOH A . 
C 3 HOH 157 457 67  HOH HOH A . 
C 3 HOH 158 458 175 HOH HOH A . 
C 3 HOH 159 459 122 HOH HOH A . 
C 3 HOH 160 460 84  HOH HOH A . 
C 3 HOH 161 461 176 HOH HOH A . 
C 3 HOH 162 462 174 HOH HOH A . 
C 3 HOH 163 463 157 HOH HOH A . 
C 3 HOH 164 464 135 HOH HOH A . 
C 3 HOH 165 465 70  HOH HOH A . 
C 3 HOH 166 466 108 HOH HOH A . 
C 3 HOH 167 467 139 HOH HOH A . 
C 3 HOH 168 468 95  HOH HOH A . 
C 3 HOH 169 469 182 HOH HOH A . 
C 3 HOH 170 470 72  HOH HOH A . 
C 3 HOH 171 471 106 HOH HOH A . 
C 3 HOH 172 472 190 HOH HOH A . 
C 3 HOH 173 473 183 HOH HOH A . 
C 3 HOH 174 474 138 HOH HOH A . 
C 3 HOH 175 475 97  HOH HOH A . 
C 3 HOH 176 476 107 HOH HOH A . 
C 3 HOH 177 477 123 HOH HOH A . 
C 3 HOH 178 478 103 HOH HOH A . 
C 3 HOH 179 479 100 HOH HOH A . 
C 3 HOH 180 480 170 HOH HOH A . 
C 3 HOH 181 481 105 HOH HOH A . 
C 3 HOH 182 482 64  HOH HOH A . 
C 3 HOH 183 483 32  HOH HOH A . 
C 3 HOH 184 484 113 HOH HOH A . 
C 3 HOH 185 485 118 HOH HOH A . 
C 3 HOH 186 486 136 HOH HOH A . 
C 3 HOH 187 487 193 HOH HOH A . 
C 3 HOH 188 488 99  HOH HOH A . 
C 3 HOH 189 489 166 HOH HOH A . 
# 
_pdbx_struct_assembly.id                   1 
_pdbx_struct_assembly.details              author_and_software_defined_assembly 
_pdbx_struct_assembly.method_details       PISA 
_pdbx_struct_assembly.oligomeric_details   monomeric 
_pdbx_struct_assembly.oligomeric_count     1 
# 
_pdbx_struct_assembly_gen.assembly_id       1 
_pdbx_struct_assembly_gen.oper_expression   1 
_pdbx_struct_assembly_gen.asym_id_list      A,B,C 
# 
loop_
_pdbx_struct_assembly_prop.biol_id 
_pdbx_struct_assembly_prop.type 
_pdbx_struct_assembly_prop.value 
_pdbx_struct_assembly_prop.details 
1 'ABSA (A^2)' 150  ? 
1 MORE         -0   ? 
1 'SSA (A^2)'  6180 ? 
# 
_pdbx_struct_oper_list.id                   1 
_pdbx_struct_oper_list.type                 'identity operation' 
_pdbx_struct_oper_list.name                 1_555 
_pdbx_struct_oper_list.symmetry_operation   x,y,z 
_pdbx_struct_oper_list.matrix[1][1]         1.0000000000 
_pdbx_struct_oper_list.matrix[1][2]         0.0000000000 
_pdbx_struct_oper_list.matrix[1][3]         0.0000000000 
_pdbx_struct_oper_list.vector[1]            0.0000000000 
_pdbx_struct_oper_list.matrix[2][1]         0.0000000000 
_pdbx_struct_oper_list.matrix[2][2]         1.0000000000 
_pdbx_struct_oper_list.matrix[2][3]         0.0000000000 
_pdbx_struct_oper_list.vector[2]            0.0000000000 
_pdbx_struct_oper_list.matrix[3][1]         0.0000000000 
_pdbx_struct_oper_list.matrix[3][2]         0.0000000000 
_pdbx_struct_oper_list.matrix[3][3]         1.0000000000 
_pdbx_struct_oper_list.vector[3]            0.0000000000 
# 
loop_
_pdbx_audit_revision_history.ordinal 
_pdbx_audit_revision_history.data_content_type 
_pdbx_audit_revision_history.major_revision 
_pdbx_audit_revision_history.minor_revision 
_pdbx_audit_revision_history.revision_date 
1 'Structure model' 1 0 2020-11-25 
2 'Structure model' 1 1 2023-10-18 
# 
_pdbx_audit_revision_details.ordinal             1 
_pdbx_audit_revision_details.revision_ordinal    1 
_pdbx_audit_revision_details.data_content_type   'Structure model' 
_pdbx_audit_revision_details.provider            repository 
_pdbx_audit_revision_details.type                'Initial release' 
_pdbx_audit_revision_details.description         ? 
_pdbx_audit_revision_details.details             ? 
# 
loop_
_pdbx_audit_revision_group.ordinal 
_pdbx_audit_revision_group.revision_ordinal 
_pdbx_audit_revision_group.data_content_type 
_pdbx_audit_revision_group.group 
1 2 'Structure model' 'Data collection'        
2 2 'Structure model' 'Database references'    
3 2 'Structure model' 'Refinement description' 
# 
loop_
_pdbx_audit_revision_category.ordinal 
_pdbx_audit_revision_category.revision_ordinal 
_pdbx_audit_revision_category.data_content_type 
_pdbx_audit_revision_category.category 
1 2 'Structure model' chem_comp_atom                
2 2 'Structure model' chem_comp_bond                
3 2 'Structure model' database_2                    
4 2 'Structure model' pdbx_initial_refinement_model 
# 
loop_
_pdbx_audit_revision_item.ordinal 
_pdbx_audit_revision_item.revision_ordinal 
_pdbx_audit_revision_item.data_content_type 
_pdbx_audit_revision_item.item 
1 2 'Structure model' '_database_2.pdbx_DOI'                
2 2 'Structure model' '_database_2.pdbx_database_accession' 
# 
loop_
_software.citation_id 
_software.classification 
_software.compiler_name 
_software.compiler_version 
_software.contact_author 
_software.contact_author_email 
_software.date 
_software.description 
_software.dependencies 
_software.hardware 
_software.language 
_software.location 
_software.mods 
_software.name 
_software.os 
_software.os_version 
_software.type 
_software.version 
_software.pdbx_ordinal 
? 'data scaling'    ? ? ? ? ? ? ? ? ? ? ? Aimless     ? ? ? 0.7.1       1 
? refinement        ? ? ? ? ? ? ? ? ? ? ? PHENIX      ? ? ? 1.10.1_2155 2 
? 'data extraction' ? ? ? ? ? ? ? ? ? ? ? PDB_EXTRACT ? ? ? 3.25        3 
? 'data reduction'  ? ? ? ? ? ? ? ? ? ? ? XDS         ? ? ? .           4 
? phasing           ? ? ? ? ? ? ? ? ? ? ? PHENIX      ? ? ? .           5 
# 
_pdbx_entry_details.entry_id                 6X1X 
_pdbx_entry_details.has_ligand_of_interest   N 
_pdbx_entry_details.compound_details         ? 
_pdbx_entry_details.source_details           ? 
_pdbx_entry_details.nonpolymer_details       ? 
_pdbx_entry_details.sequence_details         ? 
# 
loop_
_pdbx_validate_close_contact.id 
_pdbx_validate_close_contact.PDB_model_num 
_pdbx_validate_close_contact.auth_atom_id_1 
_pdbx_validate_close_contact.auth_asym_id_1 
_pdbx_validate_close_contact.auth_comp_id_1 
_pdbx_validate_close_contact.auth_seq_id_1 
_pdbx_validate_close_contact.PDB_ins_code_1 
_pdbx_validate_close_contact.label_alt_id_1 
_pdbx_validate_close_contact.auth_atom_id_2 
_pdbx_validate_close_contact.auth_asym_id_2 
_pdbx_validate_close_contact.auth_comp_id_2 
_pdbx_validate_close_contact.auth_seq_id_2 
_pdbx_validate_close_contact.PDB_ins_code_2 
_pdbx_validate_close_contact.label_alt_id_2 
_pdbx_validate_close_contact.dist 
1 1 O A HOH 329 ? ? O A HOH 355 ? ? 2.17 
2 1 O A HOH 310 ? ? O A HOH 451 ? ? 2.18 
# 
_pdbx_distant_solvent_atoms.id                                1 
_pdbx_distant_solvent_atoms.PDB_model_num                     1 
_pdbx_distant_solvent_atoms.auth_atom_id                      O 
_pdbx_distant_solvent_atoms.label_alt_id                      ? 
_pdbx_distant_solvent_atoms.auth_asym_id                      A 
_pdbx_distant_solvent_atoms.auth_comp_id                      HOH 
_pdbx_distant_solvent_atoms.auth_seq_id                       489 
_pdbx_distant_solvent_atoms.PDB_ins_code                      ? 
_pdbx_distant_solvent_atoms.neighbor_macromolecule_distance   6.28 
_pdbx_distant_solvent_atoms.neighbor_ligand_distance          . 
# 
loop_
_pdbx_unobs_or_zero_occ_residues.id 
_pdbx_unobs_or_zero_occ_residues.PDB_model_num 
_pdbx_unobs_or_zero_occ_residues.polymer_flag 
_pdbx_unobs_or_zero_occ_residues.occupancy_flag 
_pdbx_unobs_or_zero_occ_residues.auth_asym_id 
_pdbx_unobs_or_zero_occ_residues.auth_comp_id 
_pdbx_unobs_or_zero_occ_residues.auth_seq_id 
_pdbx_unobs_or_zero_occ_residues.PDB_ins_code 
_pdbx_unobs_or_zero_occ_residues.label_asym_id 
_pdbx_unobs_or_zero_occ_residues.label_comp_id 
_pdbx_unobs_or_zero_occ_residues.label_seq_id 
1 1 Y 1 A GLY 92 ? A GLY 1 
2 1 Y 1 A PRO 93 ? A PRO 2 
3 1 Y 1 A LYS 94 ? A LYS 3 
# 
loop_
_chem_comp_atom.comp_id 
_chem_comp_atom.atom_id 
_chem_comp_atom.type_symbol 
_chem_comp_atom.pdbx_aromatic_flag 
_chem_comp_atom.pdbx_stereo_config 
_chem_comp_atom.pdbx_ordinal 
ALA N    N N N 1   
ALA CA   C N S 2   
ALA C    C N N 3   
ALA O    O N N 4   
ALA CB   C N N 5   
ALA OXT  O N N 6   
ALA H    H N N 7   
ALA H2   H N N 8   
ALA HA   H N N 9   
ALA HB1  H N N 10  
ALA HB2  H N N 11  
ALA HB3  H N N 12  
ALA HXT  H N N 13  
ARG N    N N N 14  
ARG CA   C N S 15  
ARG C    C N N 16  
ARG O    O N N 17  
ARG CB   C N N 18  
ARG CG   C N N 19  
ARG CD   C N N 20  
ARG NE   N N N 21  
ARG CZ   C N N 22  
ARG NH1  N N N 23  
ARG NH2  N N N 24  
ARG OXT  O N N 25  
ARG H    H N N 26  
ARG H2   H N N 27  
ARG HA   H N N 28  
ARG HB2  H N N 29  
ARG HB3  H N N 30  
ARG HG2  H N N 31  
ARG HG3  H N N 32  
ARG HD2  H N N 33  
ARG HD3  H N N 34  
ARG HE   H N N 35  
ARG HH11 H N N 36  
ARG HH12 H N N 37  
ARG HH21 H N N 38  
ARG HH22 H N N 39  
ARG HXT  H N N 40  
ASN N    N N N 41  
ASN CA   C N S 42  
ASN C    C N N 43  
ASN O    O N N 44  
ASN CB   C N N 45  
ASN CG   C N N 46  
ASN OD1  O N N 47  
ASN ND2  N N N 48  
ASN OXT  O N N 49  
ASN H    H N N 50  
ASN H2   H N N 51  
ASN HA   H N N 52  
ASN HB2  H N N 53  
ASN HB3  H N N 54  
ASN HD21 H N N 55  
ASN HD22 H N N 56  
ASN HXT  H N N 57  
ASP N    N N N 58  
ASP CA   C N S 59  
ASP C    C N N 60  
ASP O    O N N 61  
ASP CB   C N N 62  
ASP CG   C N N 63  
ASP OD1  O N N 64  
ASP OD2  O N N 65  
ASP OXT  O N N 66  
ASP H    H N N 67  
ASP H2   H N N 68  
ASP HA   H N N 69  
ASP HB2  H N N 70  
ASP HB3  H N N 71  
ASP HD2  H N N 72  
ASP HXT  H N N 73  
CYS N    N N N 74  
CYS CA   C N R 75  
CYS C    C N N 76  
CYS O    O N N 77  
CYS CB   C N N 78  
CYS SG   S N N 79  
CYS OXT  O N N 80  
CYS H    H N N 81  
CYS H2   H N N 82  
CYS HA   H N N 83  
CYS HB2  H N N 84  
CYS HB3  H N N 85  
CYS HG   H N N 86  
CYS HXT  H N N 87  
GLU N    N N N 88  
GLU CA   C N S 89  
GLU C    C N N 90  
GLU O    O N N 91  
GLU CB   C N N 92  
GLU CG   C N N 93  
GLU CD   C N N 94  
GLU OE1  O N N 95  
GLU OE2  O N N 96  
GLU OXT  O N N 97  
GLU H    H N N 98  
GLU H2   H N N 99  
GLU HA   H N N 100 
GLU HB2  H N N 101 
GLU HB3  H N N 102 
GLU HG2  H N N 103 
GLU HG3  H N N 104 
GLU HE2  H N N 105 
GLU HXT  H N N 106 
GLY N    N N N 107 
GLY CA   C N N 108 
GLY C    C N N 109 
GLY O    O N N 110 
GLY OXT  O N N 111 
GLY H    H N N 112 
GLY H2   H N N 113 
GLY HA2  H N N 114 
GLY HA3  H N N 115 
GLY HXT  H N N 116 
GOL C1   C N N 117 
GOL O1   O N N 118 
GOL C2   C N N 119 
GOL O2   O N N 120 
GOL C3   C N N 121 
GOL O3   O N N 122 
GOL H11  H N N 123 
GOL H12  H N N 124 
GOL HO1  H N N 125 
GOL H2   H N N 126 
GOL HO2  H N N 127 
GOL H31  H N N 128 
GOL H32  H N N 129 
GOL HO3  H N N 130 
HIS N    N N N 131 
HIS CA   C N S 132 
HIS C    C N N 133 
HIS O    O N N 134 
HIS CB   C N N 135 
HIS CG   C Y N 136 
HIS ND1  N Y N 137 
HIS CD2  C Y N 138 
HIS CE1  C Y N 139 
HIS NE2  N Y N 140 
HIS OXT  O N N 141 
HIS H    H N N 142 
HIS H2   H N N 143 
HIS HA   H N N 144 
HIS HB2  H N N 145 
HIS HB3  H N N 146 
HIS HD1  H N N 147 
HIS HD2  H N N 148 
HIS HE1  H N N 149 
HIS HE2  H N N 150 
HIS HXT  H N N 151 
HOH O    O N N 152 
HOH H1   H N N 153 
HOH H2   H N N 154 
ILE N    N N N 155 
ILE CA   C N S 156 
ILE C    C N N 157 
ILE O    O N N 158 
ILE CB   C N S 159 
ILE CG1  C N N 160 
ILE CG2  C N N 161 
ILE CD1  C N N 162 
ILE OXT  O N N 163 
ILE H    H N N 164 
ILE H2   H N N 165 
ILE HA   H N N 166 
ILE HB   H N N 167 
ILE HG12 H N N 168 
ILE HG13 H N N 169 
ILE HG21 H N N 170 
ILE HG22 H N N 171 
ILE HG23 H N N 172 
ILE HD11 H N N 173 
ILE HD12 H N N 174 
ILE HD13 H N N 175 
ILE HXT  H N N 176 
LEU N    N N N 177 
LEU CA   C N S 178 
LEU C    C N N 179 
LEU O    O N N 180 
LEU CB   C N N 181 
LEU CG   C N N 182 
LEU CD1  C N N 183 
LEU CD2  C N N 184 
LEU OXT  O N N 185 
LEU H    H N N 186 
LEU H2   H N N 187 
LEU HA   H N N 188 
LEU HB2  H N N 189 
LEU HB3  H N N 190 
LEU HG   H N N 191 
LEU HD11 H N N 192 
LEU HD12 H N N 193 
LEU HD13 H N N 194 
LEU HD21 H N N 195 
LEU HD22 H N N 196 
LEU HD23 H N N 197 
LEU HXT  H N N 198 
LYS N    N N N 199 
LYS CA   C N S 200 
LYS C    C N N 201 
LYS O    O N N 202 
LYS CB   C N N 203 
LYS CG   C N N 204 
LYS CD   C N N 205 
LYS CE   C N N 206 
LYS NZ   N N N 207 
LYS OXT  O N N 208 
LYS H    H N N 209 
LYS H2   H N N 210 
LYS HA   H N N 211 
LYS HB2  H N N 212 
LYS HB3  H N N 213 
LYS HG2  H N N 214 
LYS HG3  H N N 215 
LYS HD2  H N N 216 
LYS HD3  H N N 217 
LYS HE2  H N N 218 
LYS HE3  H N N 219 
LYS HZ1  H N N 220 
LYS HZ2  H N N 221 
LYS HZ3  H N N 222 
LYS HXT  H N N 223 
MET N    N N N 224 
MET CA   C N S 225 
MET C    C N N 226 
MET O    O N N 227 
MET CB   C N N 228 
MET CG   C N N 229 
MET SD   S N N 230 
MET CE   C N N 231 
MET OXT  O N N 232 
MET H    H N N 233 
MET H2   H N N 234 
MET HA   H N N 235 
MET HB2  H N N 236 
MET HB3  H N N 237 
MET HG2  H N N 238 
MET HG3  H N N 239 
MET HE1  H N N 240 
MET HE2  H N N 241 
MET HE3  H N N 242 
MET HXT  H N N 243 
PHE N    N N N 244 
PHE CA   C N S 245 
PHE C    C N N 246 
PHE O    O N N 247 
PHE CB   C N N 248 
PHE CG   C Y N 249 
PHE CD1  C Y N 250 
PHE CD2  C Y N 251 
PHE CE1  C Y N 252 
PHE CE2  C Y N 253 
PHE CZ   C Y N 254 
PHE OXT  O N N 255 
PHE H    H N N 256 
PHE H2   H N N 257 
PHE HA   H N N 258 
PHE HB2  H N N 259 
PHE HB3  H N N 260 
PHE HD1  H N N 261 
PHE HD2  H N N 262 
PHE HE1  H N N 263 
PHE HE2  H N N 264 
PHE HZ   H N N 265 
PHE HXT  H N N 266 
PRO N    N N N 267 
PRO CA   C N S 268 
PRO C    C N N 269 
PRO O    O N N 270 
PRO CB   C N N 271 
PRO CG   C N N 272 
PRO CD   C N N 273 
PRO OXT  O N N 274 
PRO H    H N N 275 
PRO HA   H N N 276 
PRO HB2  H N N 277 
PRO HB3  H N N 278 
PRO HG2  H N N 279 
PRO HG3  H N N 280 
PRO HD2  H N N 281 
PRO HD3  H N N 282 
PRO HXT  H N N 283 
SER N    N N N 284 
SER CA   C N S 285 
SER C    C N N 286 
SER O    O N N 287 
SER CB   C N N 288 
SER OG   O N N 289 
SER OXT  O N N 290 
SER H    H N N 291 
SER H2   H N N 292 
SER HA   H N N 293 
SER HB2  H N N 294 
SER HB3  H N N 295 
SER HG   H N N 296 
SER HXT  H N N 297 
THR N    N N N 298 
THR CA   C N S 299 
THR C    C N N 300 
THR O    O N N 301 
THR CB   C N R 302 
THR OG1  O N N 303 
THR CG2  C N N 304 
THR OXT  O N N 305 
THR H    H N N 306 
THR H2   H N N 307 
THR HA   H N N 308 
THR HB   H N N 309 
THR HG1  H N N 310 
THR HG21 H N N 311 
THR HG22 H N N 312 
THR HG23 H N N 313 
THR HXT  H N N 314 
TYR N    N N N 315 
TYR CA   C N S 316 
TYR C    C N N 317 
TYR O    O N N 318 
TYR CB   C N N 319 
TYR CG   C Y N 320 
TYR CD1  C Y N 321 
TYR CD2  C Y N 322 
TYR CE1  C Y N 323 
TYR CE2  C Y N 324 
TYR CZ   C Y N 325 
TYR OH   O N N 326 
TYR OXT  O N N 327 
TYR H    H N N 328 
TYR H2   H N N 329 
TYR HA   H N N 330 
TYR HB2  H N N 331 
TYR HB3  H N N 332 
TYR HD1  H N N 333 
TYR HD2  H N N 334 
TYR HE1  H N N 335 
TYR HE2  H N N 336 
TYR HH   H N N 337 
TYR HXT  H N N 338 
VAL N    N N N 339 
VAL CA   C N S 340 
VAL C    C N N 341 
VAL O    O N N 342 
VAL CB   C N N 343 
VAL CG1  C N N 344 
VAL CG2  C N N 345 
VAL OXT  O N N 346 
VAL H    H N N 347 
VAL H2   H N N 348 
VAL HA   H N N 349 
VAL HB   H N N 350 
VAL HG11 H N N 351 
VAL HG12 H N N 352 
VAL HG13 H N N 353 
VAL HG21 H N N 354 
VAL HG22 H N N 355 
VAL HG23 H N N 356 
VAL HXT  H N N 357 
# 
loop_
_chem_comp_bond.comp_id 
_chem_comp_bond.atom_id_1 
_chem_comp_bond.atom_id_2 
_chem_comp_bond.value_order 
_chem_comp_bond.pdbx_aromatic_flag 
_chem_comp_bond.pdbx_stereo_config 
_chem_comp_bond.pdbx_ordinal 
ALA N   CA   sing N N 1   
ALA N   H    sing N N 2   
ALA N   H2   sing N N 3   
ALA CA  C    sing N N 4   
ALA CA  CB   sing N N 5   
ALA CA  HA   sing N N 6   
ALA C   O    doub N N 7   
ALA C   OXT  sing N N 8   
ALA CB  HB1  sing N N 9   
ALA CB  HB2  sing N N 10  
ALA CB  HB3  sing N N 11  
ALA OXT HXT  sing N N 12  
ARG N   CA   sing N N 13  
ARG N   H    sing N N 14  
ARG N   H2   sing N N 15  
ARG CA  C    sing N N 16  
ARG CA  CB   sing N N 17  
ARG CA  HA   sing N N 18  
ARG C   O    doub N N 19  
ARG C   OXT  sing N N 20  
ARG CB  CG   sing N N 21  
ARG CB  HB2  sing N N 22  
ARG CB  HB3  sing N N 23  
ARG CG  CD   sing N N 24  
ARG CG  HG2  sing N N 25  
ARG CG  HG3  sing N N 26  
ARG CD  NE   sing N N 27  
ARG CD  HD2  sing N N 28  
ARG CD  HD3  sing N N 29  
ARG NE  CZ   sing N N 30  
ARG NE  HE   sing N N 31  
ARG CZ  NH1  sing N N 32  
ARG CZ  NH2  doub N N 33  
ARG NH1 HH11 sing N N 34  
ARG NH1 HH12 sing N N 35  
ARG NH2 HH21 sing N N 36  
ARG NH2 HH22 sing N N 37  
ARG OXT HXT  sing N N 38  
ASN N   CA   sing N N 39  
ASN N   H    sing N N 40  
ASN N   H2   sing N N 41  
ASN CA  C    sing N N 42  
ASN CA  CB   sing N N 43  
ASN CA  HA   sing N N 44  
ASN C   O    doub N N 45  
ASN C   OXT  sing N N 46  
ASN CB  CG   sing N N 47  
ASN CB  HB2  sing N N 48  
ASN CB  HB3  sing N N 49  
ASN CG  OD1  doub N N 50  
ASN CG  ND2  sing N N 51  
ASN ND2 HD21 sing N N 52  
ASN ND2 HD22 sing N N 53  
ASN OXT HXT  sing N N 54  
ASP N   CA   sing N N 55  
ASP N   H    sing N N 56  
ASP N   H2   sing N N 57  
ASP CA  C    sing N N 58  
ASP CA  CB   sing N N 59  
ASP CA  HA   sing N N 60  
ASP C   O    doub N N 61  
ASP C   OXT  sing N N 62  
ASP CB  CG   sing N N 63  
ASP CB  HB2  sing N N 64  
ASP CB  HB3  sing N N 65  
ASP CG  OD1  doub N N 66  
ASP CG  OD2  sing N N 67  
ASP OD2 HD2  sing N N 68  
ASP OXT HXT  sing N N 69  
CYS N   CA   sing N N 70  
CYS N   H    sing N N 71  
CYS N   H2   sing N N 72  
CYS CA  C    sing N N 73  
CYS CA  CB   sing N N 74  
CYS CA  HA   sing N N 75  
CYS C   O    doub N N 76  
CYS C   OXT  sing N N 77  
CYS CB  SG   sing N N 78  
CYS CB  HB2  sing N N 79  
CYS CB  HB3  sing N N 80  
CYS SG  HG   sing N N 81  
CYS OXT HXT  sing N N 82  
GLU N   CA   sing N N 83  
GLU N   H    sing N N 84  
GLU N   H2   sing N N 85  
GLU CA  C    sing N N 86  
GLU CA  CB   sing N N 87  
GLU CA  HA   sing N N 88  
GLU C   O    doub N N 89  
GLU C   OXT  sing N N 90  
GLU CB  CG   sing N N 91  
GLU CB  HB2  sing N N 92  
GLU CB  HB3  sing N N 93  
GLU CG  CD   sing N N 94  
GLU CG  HG2  sing N N 95  
GLU CG  HG3  sing N N 96  
GLU CD  OE1  doub N N 97  
GLU CD  OE2  sing N N 98  
GLU OE2 HE2  sing N N 99  
GLU OXT HXT  sing N N 100 
GLY N   CA   sing N N 101 
GLY N   H    sing N N 102 
GLY N   H2   sing N N 103 
GLY CA  C    sing N N 104 
GLY CA  HA2  sing N N 105 
GLY CA  HA3  sing N N 106 
GLY C   O    doub N N 107 
GLY C   OXT  sing N N 108 
GLY OXT HXT  sing N N 109 
GOL C1  O1   sing N N 110 
GOL C1  C2   sing N N 111 
GOL C1  H11  sing N N 112 
GOL C1  H12  sing N N 113 
GOL O1  HO1  sing N N 114 
GOL C2  O2   sing N N 115 
GOL C2  C3   sing N N 116 
GOL C2  H2   sing N N 117 
GOL O2  HO2  sing N N 118 
GOL C3  O3   sing N N 119 
GOL C3  H31  sing N N 120 
GOL C3  H32  sing N N 121 
GOL O3  HO3  sing N N 122 
HIS N   CA   sing N N 123 
HIS N   H    sing N N 124 
HIS N   H2   sing N N 125 
HIS CA  C    sing N N 126 
HIS CA  CB   sing N N 127 
HIS CA  HA   sing N N 128 
HIS C   O    doub N N 129 
HIS C   OXT  sing N N 130 
HIS CB  CG   sing N N 131 
HIS CB  HB2  sing N N 132 
HIS CB  HB3  sing N N 133 
HIS CG  ND1  sing Y N 134 
HIS CG  CD2  doub Y N 135 
HIS ND1 CE1  doub Y N 136 
HIS ND1 HD1  sing N N 137 
HIS CD2 NE2  sing Y N 138 
HIS CD2 HD2  sing N N 139 
HIS CE1 NE2  sing Y N 140 
HIS CE1 HE1  sing N N 141 
HIS NE2 HE2  sing N N 142 
HIS OXT HXT  sing N N 143 
HOH O   H1   sing N N 144 
HOH O   H2   sing N N 145 
ILE N   CA   sing N N 146 
ILE N   H    sing N N 147 
ILE N   H2   sing N N 148 
ILE CA  C    sing N N 149 
ILE CA  CB   sing N N 150 
ILE CA  HA   sing N N 151 
ILE C   O    doub N N 152 
ILE C   OXT  sing N N 153 
ILE CB  CG1  sing N N 154 
ILE CB  CG2  sing N N 155 
ILE CB  HB   sing N N 156 
ILE CG1 CD1  sing N N 157 
ILE CG1 HG12 sing N N 158 
ILE CG1 HG13 sing N N 159 
ILE CG2 HG21 sing N N 160 
ILE CG2 HG22 sing N N 161 
ILE CG2 HG23 sing N N 162 
ILE CD1 HD11 sing N N 163 
ILE CD1 HD12 sing N N 164 
ILE CD1 HD13 sing N N 165 
ILE OXT HXT  sing N N 166 
LEU N   CA   sing N N 167 
LEU N   H    sing N N 168 
LEU N   H2   sing N N 169 
LEU CA  C    sing N N 170 
LEU CA  CB   sing N N 171 
LEU CA  HA   sing N N 172 
LEU C   O    doub N N 173 
LEU C   OXT  sing N N 174 
LEU CB  CG   sing N N 175 
LEU CB  HB2  sing N N 176 
LEU CB  HB3  sing N N 177 
LEU CG  CD1  sing N N 178 
LEU CG  CD2  sing N N 179 
LEU CG  HG   sing N N 180 
LEU CD1 HD11 sing N N 181 
LEU CD1 HD12 sing N N 182 
LEU CD1 HD13 sing N N 183 
LEU CD2 HD21 sing N N 184 
LEU CD2 HD22 sing N N 185 
LEU CD2 HD23 sing N N 186 
LEU OXT HXT  sing N N 187 
LYS N   CA   sing N N 188 
LYS N   H    sing N N 189 
LYS N   H2   sing N N 190 
LYS CA  C    sing N N 191 
LYS CA  CB   sing N N 192 
LYS CA  HA   sing N N 193 
LYS C   O    doub N N 194 
LYS C   OXT  sing N N 195 
LYS CB  CG   sing N N 196 
LYS CB  HB2  sing N N 197 
LYS CB  HB3  sing N N 198 
LYS CG  CD   sing N N 199 
LYS CG  HG2  sing N N 200 
LYS CG  HG3  sing N N 201 
LYS CD  CE   sing N N 202 
LYS CD  HD2  sing N N 203 
LYS CD  HD3  sing N N 204 
LYS CE  NZ   sing N N 205 
LYS CE  HE2  sing N N 206 
LYS CE  HE3  sing N N 207 
LYS NZ  HZ1  sing N N 208 
LYS NZ  HZ2  sing N N 209 
LYS NZ  HZ3  sing N N 210 
LYS OXT HXT  sing N N 211 
MET N   CA   sing N N 212 
MET N   H    sing N N 213 
MET N   H2   sing N N 214 
MET CA  C    sing N N 215 
MET CA  CB   sing N N 216 
MET CA  HA   sing N N 217 
MET C   O    doub N N 218 
MET C   OXT  sing N N 219 
MET CB  CG   sing N N 220 
MET CB  HB2  sing N N 221 
MET CB  HB3  sing N N 222 
MET CG  SD   sing N N 223 
MET CG  HG2  sing N N 224 
MET CG  HG3  sing N N 225 
MET SD  CE   sing N N 226 
MET CE  HE1  sing N N 227 
MET CE  HE2  sing N N 228 
MET CE  HE3  sing N N 229 
MET OXT HXT  sing N N 230 
PHE N   CA   sing N N 231 
PHE N   H    sing N N 232 
PHE N   H2   sing N N 233 
PHE CA  C    sing N N 234 
PHE CA  CB   sing N N 235 
PHE CA  HA   sing N N 236 
PHE C   O    doub N N 237 
PHE C   OXT  sing N N 238 
PHE CB  CG   sing N N 239 
PHE CB  HB2  sing N N 240 
PHE CB  HB3  sing N N 241 
PHE CG  CD1  doub Y N 242 
PHE CG  CD2  sing Y N 243 
PHE CD1 CE1  sing Y N 244 
PHE CD1 HD1  sing N N 245 
PHE CD2 CE2  doub Y N 246 
PHE CD2 HD2  sing N N 247 
PHE CE1 CZ   doub Y N 248 
PHE CE1 HE1  sing N N 249 
PHE CE2 CZ   sing Y N 250 
PHE CE2 HE2  sing N N 251 
PHE CZ  HZ   sing N N 252 
PHE OXT HXT  sing N N 253 
PRO N   CA   sing N N 254 
PRO N   CD   sing N N 255 
PRO N   H    sing N N 256 
PRO CA  C    sing N N 257 
PRO CA  CB   sing N N 258 
PRO CA  HA   sing N N 259 
PRO C   O    doub N N 260 
PRO C   OXT  sing N N 261 
PRO CB  CG   sing N N 262 
PRO CB  HB2  sing N N 263 
PRO CB  HB3  sing N N 264 
PRO CG  CD   sing N N 265 
PRO CG  HG2  sing N N 266 
PRO CG  HG3  sing N N 267 
PRO CD  HD2  sing N N 268 
PRO CD  HD3  sing N N 269 
PRO OXT HXT  sing N N 270 
SER N   CA   sing N N 271 
SER N   H    sing N N 272 
SER N   H2   sing N N 273 
SER CA  C    sing N N 274 
SER CA  CB   sing N N 275 
SER CA  HA   sing N N 276 
SER C   O    doub N N 277 
SER C   OXT  sing N N 278 
SER CB  OG   sing N N 279 
SER CB  HB2  sing N N 280 
SER CB  HB3  sing N N 281 
SER OG  HG   sing N N 282 
SER OXT HXT  sing N N 283 
THR N   CA   sing N N 284 
THR N   H    sing N N 285 
THR N   H2   sing N N 286 
THR CA  C    sing N N 287 
THR CA  CB   sing N N 288 
THR CA  HA   sing N N 289 
THR C   O    doub N N 290 
THR C   OXT  sing N N 291 
THR CB  OG1  sing N N 292 
THR CB  CG2  sing N N 293 
THR CB  HB   sing N N 294 
THR OG1 HG1  sing N N 295 
THR CG2 HG21 sing N N 296 
THR CG2 HG22 sing N N 297 
THR CG2 HG23 sing N N 298 
THR OXT HXT  sing N N 299 
TYR N   CA   sing N N 300 
TYR N   H    sing N N 301 
TYR N   H2   sing N N 302 
TYR CA  C    sing N N 303 
TYR CA  CB   sing N N 304 
TYR CA  HA   sing N N 305 
TYR C   O    doub N N 306 
TYR C   OXT  sing N N 307 
TYR CB  CG   sing N N 308 
TYR CB  HB2  sing N N 309 
TYR CB  HB3  sing N N 310 
TYR CG  CD1  doub Y N 311 
TYR CG  CD2  sing Y N 312 
TYR CD1 CE1  sing Y N 313 
TYR CD1 HD1  sing N N 314 
TYR CD2 CE2  doub Y N 315 
TYR CD2 HD2  sing N N 316 
TYR CE1 CZ   doub Y N 317 
TYR CE1 HE1  sing N N 318 
TYR CE2 CZ   sing Y N 319 
TYR CE2 HE2  sing N N 320 
TYR CZ  OH   sing N N 321 
TYR OH  HH   sing N N 322 
TYR OXT HXT  sing N N 323 
VAL N   CA   sing N N 324 
VAL N   H    sing N N 325 
VAL N   H2   sing N N 326 
VAL CA  C    sing N N 327 
VAL CA  CB   sing N N 328 
VAL CA  HA   sing N N 329 
VAL C   O    doub N N 330 
VAL C   OXT  sing N N 331 
VAL CB  CG1  sing N N 332 
VAL CB  CG2  sing N N 333 
VAL CB  HB   sing N N 334 
VAL CG1 HG11 sing N N 335 
VAL CG1 HG12 sing N N 336 
VAL CG1 HG13 sing N N 337 
VAL CG2 HG21 sing N N 338 
VAL CG2 HG22 sing N N 339 
VAL CG2 HG23 sing N N 340 
VAL OXT HXT  sing N N 341 
# 
_pdbx_audit_support.funding_organization   'National Science Foundation (NSF, United States)' 
_pdbx_audit_support.country                'United States' 
_pdbx_audit_support.grant_number           CHE-1904711 
_pdbx_audit_support.ordinal                1 
# 
loop_
_pdbx_entity_nonpoly.entity_id 
_pdbx_entity_nonpoly.name 
_pdbx_entity_nonpoly.comp_id 
2 GLYCEROL GOL 
3 water    HOH 
# 
_pdbx_initial_refinement_model.id               1 
_pdbx_initial_refinement_model.entity_id_list   ? 
_pdbx_initial_refinement_model.type             'experimental model' 
_pdbx_initial_refinement_model.source_name      PDB 
_pdbx_initial_refinement_model.accession_code   5V6B 
_pdbx_initial_refinement_model.details          'PDB entry 5V6B' 
# 
_pdbx_struct_assembly_auth_evidence.id                     1 
_pdbx_struct_assembly_auth_evidence.assembly_id            1 
_pdbx_struct_assembly_auth_evidence.experimental_support   'gel filtration' 
_pdbx_struct_assembly_auth_evidence.details                ? 
# 
